data_2LE2
#
_entry.id   2LE2
#
_entity_poly.entity_id   1
_entity_poly.type   'polypeptide(L)'
_entity_poly.pdbx_seq_one_letter_code
;MVQNDFVDSYDVTMLLQDDDGKQYYEYHKGLSLSDFEVLYGNTADEIIKLRLDKVL
;
_entity_poly.pdbx_strand_id   A,B
#
# COMPACT_ATOMS: atom_id res chain seq x y z
N MET A 1 -3.41 -9.55 23.29
CA MET A 1 -1.94 -9.67 23.21
C MET A 1 -1.47 -9.17 21.86
N VAL A 2 -0.32 -8.48 21.81
CA VAL A 2 0.26 -7.99 20.57
C VAL A 2 0.55 -9.12 19.58
N GLN A 3 0.61 -8.77 18.30
CA GLN A 3 0.92 -9.58 17.13
C GLN A 3 1.95 -10.72 17.39
N ASN A 4 1.43 -11.92 17.63
CA ASN A 4 2.24 -13.14 17.78
C ASN A 4 2.76 -13.63 16.41
N ASP A 5 1.83 -13.73 15.44
CA ASP A 5 2.12 -14.18 14.07
C ASP A 5 1.12 -13.53 13.11
N PHE A 6 1.36 -12.24 12.80
CA PHE A 6 0.47 -11.26 12.15
C PHE A 6 -0.79 -10.90 12.94
N VAL A 7 -1.32 -11.85 13.71
CA VAL A 7 -2.59 -11.79 14.44
C VAL A 7 -2.65 -10.68 15.51
N ASP A 8 -3.07 -9.49 15.07
CA ASP A 8 -3.61 -8.41 15.89
C ASP A 8 -4.53 -7.52 15.04
N SER A 9 -3.90 -6.71 14.17
CA SER A 9 -4.46 -5.61 13.39
C SER A 9 -3.68 -5.48 12.07
N TYR A 10 -3.98 -4.45 11.28
CA TYR A 10 -3.52 -4.28 9.89
C TYR A 10 -2.03 -4.57 9.71
N ASP A 11 -1.72 -5.46 8.76
CA ASP A 11 -0.38 -5.68 8.26
C ASP A 11 0.00 -4.58 7.27
N VAL A 12 1.13 -3.93 7.51
CA VAL A 12 1.70 -2.88 6.66
C VAL A 12 3.13 -3.26 6.31
N THR A 13 3.45 -3.21 5.02
CA THR A 13 4.74 -3.66 4.48
C THR A 13 5.23 -2.65 3.46
N MET A 14 6.20 -1.80 3.83
CA MET A 14 6.79 -0.83 2.89
C MET A 14 8.23 -1.20 2.49
N LEU A 15 8.70 -0.56 1.43
CA LEU A 15 9.98 -0.75 0.78
C LEU A 15 10.49 0.59 0.25
N LEU A 16 11.65 1.02 0.75
CA LEU A 16 12.30 2.26 0.35
C LEU A 16 13.74 1.97 -0.07
N GLN A 17 14.34 2.89 -0.83
CA GLN A 17 15.63 2.70 -1.46
C GLN A 17 16.74 3.42 -0.71
N ASP A 18 17.81 2.69 -0.38
CA ASP A 18 19.04 3.22 0.22
C ASP A 18 19.91 3.96 -0.82
N ASP A 19 20.86 4.77 -0.34
CA ASP A 19 21.90 5.42 -1.17
C ASP A 19 22.76 4.42 -1.95
N ASP A 20 22.87 3.17 -1.48
CA ASP A 20 23.49 2.06 -2.20
C ASP A 20 22.71 1.64 -3.47
N GLY A 21 21.49 2.16 -3.66
CA GLY A 21 20.65 1.91 -4.82
C GLY A 21 19.82 0.64 -4.70
N LYS A 22 19.72 0.07 -3.50
CA LYS A 22 18.94 -1.14 -3.19
C LYS A 22 17.90 -0.85 -2.13
N GLN A 23 16.87 -1.70 -2.10
CA GLN A 23 15.74 -1.52 -1.21
C GLN A 23 15.97 -2.13 0.17
N TYR A 24 15.33 -1.52 1.17
CA TYR A 24 15.18 -2.03 2.52
C TYR A 24 13.70 -1.99 2.92
N TYR A 25 13.29 -2.96 3.73
CA TYR A 25 11.90 -3.14 4.17
C TYR A 25 11.56 -2.31 5.40
N GLU A 26 10.25 -2.04 5.53
CA GLU A 26 9.57 -1.56 6.71
C GLU A 26 8.32 -2.43 6.92
N TYR A 27 8.52 -3.65 7.45
CA TYR A 27 7.45 -4.52 7.94
C TYR A 27 6.89 -4.00 9.27
N HIS A 28 5.57 -3.83 9.34
CA HIS A 28 4.82 -3.41 10.52
C HIS A 28 3.47 -4.12 10.57
N LYS A 29 3.38 -5.24 11.30
CA LYS A 29 2.10 -5.88 11.62
C LYS A 29 1.44 -5.16 12.80
N GLY A 30 0.13 -5.38 12.98
CA GLY A 30 -0.59 -4.88 14.15
C GLY A 30 -0.76 -3.37 14.16
N LEU A 31 -0.91 -2.74 12.99
CA LEU A 31 -1.17 -1.31 12.85
C LEU A 31 -2.66 -1.06 12.59
N SER A 32 -3.02 0.20 12.36
CA SER A 32 -4.30 0.60 11.81
C SER A 32 -4.10 1.62 10.68
N LEU A 33 -5.19 2.01 10.02
CA LEU A 33 -5.14 2.96 8.89
C LEU A 33 -4.56 4.32 9.32
N SER A 34 -4.83 4.78 10.55
CA SER A 34 -4.23 5.99 11.10
C SER A 34 -2.73 5.83 11.34
N ASP A 35 -2.27 4.64 11.75
CA ASP A 35 -0.85 4.34 11.96
C ASP A 35 -0.11 4.16 10.64
N PHE A 36 -0.79 3.66 9.59
CA PHE A 36 -0.30 3.64 8.22
C PHE A 36 0.01 5.07 7.73
N GLU A 37 -0.90 6.03 7.94
CA GLU A 37 -0.67 7.43 7.61
C GLU A 37 0.58 8.00 8.31
N VAL A 38 0.82 7.62 9.57
CA VAL A 38 2.06 7.96 10.29
C VAL A 38 3.27 7.35 9.59
N LEU A 39 3.28 6.03 9.33
CA LEU A 39 4.40 5.34 8.69
C LEU A 39 4.74 5.94 7.32
N TYR A 40 3.72 6.07 6.46
CA TYR A 40 3.83 6.67 5.12
C TYR A 40 4.29 8.13 5.17
N GLY A 41 3.86 8.90 6.19
CA GLY A 41 4.23 10.31 6.33
C GLY A 41 5.60 10.55 6.99
N ASN A 42 6.04 9.66 7.88
CA ASN A 42 7.22 9.87 8.73
C ASN A 42 8.48 9.18 8.19
N THR A 43 8.33 8.10 7.41
CA THR A 43 9.50 7.37 6.91
C THR A 43 10.23 8.16 5.83
N ALA A 44 9.49 8.94 5.03
CA ALA A 44 9.91 10.08 4.20
C ALA A 44 11.00 9.84 3.12
N ASP A 45 11.54 8.63 3.00
CA ASP A 45 12.59 8.28 2.05
C ASP A 45 12.06 7.96 0.64
N GLU A 46 12.97 7.60 -0.28
CA GLU A 46 12.63 7.18 -1.65
C GLU A 46 11.83 5.85 -1.64
N ILE A 47 10.50 5.98 -1.52
CA ILE A 47 9.54 4.86 -1.49
C ILE A 47 9.37 4.23 -2.88
N ILE A 48 9.44 2.89 -2.91
CA ILE A 48 9.48 2.04 -4.10
C ILE A 48 8.26 1.13 -4.08
N LYS A 49 7.96 0.47 -2.96
CA LYS A 49 6.67 -0.21 -2.80
C LYS A 49 6.08 0.05 -1.42
N LEU A 50 4.76 -0.08 -1.30
CA LEU A 50 4.10 -0.31 -0.03
C LEU A 50 2.89 -1.22 -0.18
N ARG A 51 2.49 -1.80 0.96
CA ARG A 51 1.28 -2.60 1.13
C ARG A 51 0.60 -2.28 2.45
N LEU A 52 -0.72 -2.46 2.44
CA LEU A 52 -1.56 -2.61 3.63
C LEU A 52 -2.56 -3.74 3.37
N ASP A 53 -2.82 -4.55 4.40
CA ASP A 53 -3.62 -5.76 4.35
C ASP A 53 -4.37 -5.91 5.68
N LYS A 54 -5.71 -5.90 5.67
CA LYS A 54 -6.46 -6.16 6.91
C LYS A 54 -6.16 -7.58 7.43
N VAL A 55 -6.14 -7.74 8.76
CA VAL A 55 -5.66 -8.97 9.38
C VAL A 55 -6.53 -10.18 9.05
N LEU A 56 -5.82 -11.30 9.01
CA LEU A 56 -6.28 -12.63 8.63
C LEU A 56 -7.28 -13.20 9.64
N MET B 1 2.38 -7.88 -16.78
CA MET B 1 2.45 -6.98 -17.94
C MET B 1 3.88 -6.54 -18.12
N VAL B 2 4.31 -6.39 -19.38
CA VAL B 2 5.69 -6.15 -19.72
C VAL B 2 6.19 -4.78 -19.20
N GLN B 3 7.44 -4.78 -18.71
CA GLN B 3 8.17 -3.64 -18.14
C GLN B 3 8.64 -2.63 -19.21
N ASN B 4 7.81 -2.45 -20.23
CA ASN B 4 7.99 -1.56 -21.37
C ASN B 4 6.66 -0.94 -21.84
N ASP B 5 5.59 -1.13 -21.07
CA ASP B 5 4.20 -0.79 -21.44
C ASP B 5 3.37 -0.44 -20.19
N PHE B 6 3.54 -1.25 -19.15
CA PHE B 6 3.09 -0.94 -17.79
C PHE B 6 3.88 0.20 -17.12
N VAL B 7 4.90 0.73 -17.82
CA VAL B 7 5.95 1.59 -17.28
C VAL B 7 5.79 3.03 -17.77
N ASP B 8 5.32 3.89 -16.88
CA ASP B 8 5.41 5.34 -16.99
C ASP B 8 5.70 5.91 -15.61
N SER B 9 4.70 5.78 -14.74
CA SER B 9 4.64 6.28 -13.36
C SER B 9 3.98 5.22 -12.49
N TYR B 10 3.95 5.44 -11.17
CA TYR B 10 3.60 4.46 -10.13
C TYR B 10 2.34 3.65 -10.48
N ASP B 11 2.29 2.41 -9.97
CA ASP B 11 1.15 1.52 -9.96
C ASP B 11 0.55 1.47 -8.55
N VAL B 12 -0.78 1.48 -8.47
CA VAL B 12 -1.60 1.37 -7.26
C VAL B 12 -2.64 0.27 -7.46
N THR B 13 -2.57 -0.78 -6.65
CA THR B 13 -3.52 -1.89 -6.68
C THR B 13 -4.33 -1.84 -5.39
N MET B 14 -5.66 -1.89 -5.47
CA MET B 14 -6.49 -1.80 -4.27
C MET B 14 -7.67 -2.79 -4.33
N LEU B 15 -8.07 -3.25 -3.14
CA LEU B 15 -9.06 -4.29 -2.96
C LEU B 15 -9.95 -3.94 -1.77
N LEU B 16 -11.24 -3.82 -2.06
CA LEU B 16 -12.27 -3.36 -1.14
C LEU B 16 -13.43 -4.36 -1.13
N GLN B 17 -14.31 -4.25 -0.12
CA GLN B 17 -15.42 -5.18 0.07
C GLN B 17 -16.77 -4.52 -0.14
N ASP B 18 -17.73 -5.33 -0.60
CA ASP B 18 -19.07 -4.94 -1.01
C ASP B 18 -20.15 -5.60 -0.13
N ASP B 19 -21.41 -5.26 -0.40
CA ASP B 19 -22.57 -5.74 0.35
C ASP B 19 -22.74 -7.27 0.34
N ASP B 20 -22.33 -7.96 -0.74
CA ASP B 20 -22.35 -9.43 -0.76
C ASP B 20 -21.12 -10.06 -0.07
N GLY B 21 -20.12 -9.26 0.31
CA GLY B 21 -18.87 -9.74 0.91
C GLY B 21 -17.96 -10.49 -0.08
N LYS B 22 -18.12 -10.27 -1.38
CA LYS B 22 -17.41 -11.00 -2.45
C LYS B 22 -16.19 -10.26 -3.00
N GLN B 23 -16.09 -8.97 -2.68
CA GLN B 23 -14.92 -8.10 -2.85
C GLN B 23 -14.70 -7.64 -4.30
N TYR B 24 -14.00 -6.52 -4.45
CA TYR B 24 -13.69 -5.93 -5.74
C TYR B 24 -12.25 -5.39 -5.75
N TYR B 25 -11.48 -5.98 -6.66
CA TYR B 25 -10.10 -5.66 -7.01
C TYR B 25 -10.07 -4.67 -8.16
N GLU B 26 -9.13 -3.72 -8.11
CA GLU B 26 -8.78 -2.90 -9.27
C GLU B 26 -7.31 -2.45 -9.18
N TYR B 27 -6.70 -2.19 -10.33
CA TYR B 27 -5.38 -1.55 -10.40
C TYR B 27 -5.43 -0.23 -11.18
N HIS B 28 -4.53 0.68 -10.81
CA HIS B 28 -4.53 2.08 -11.17
C HIS B 28 -3.06 2.51 -11.35
N LYS B 29 -2.57 2.47 -12.59
CA LYS B 29 -1.15 2.74 -12.90
C LYS B 29 -0.94 3.94 -13.82
N GLY B 30 0.31 4.38 -13.93
CA GLY B 30 0.65 5.58 -14.69
C GLY B 30 0.23 6.86 -13.97
N LEU B 31 0.35 6.85 -12.64
CA LEU B 31 -0.03 7.95 -11.74
C LEU B 31 1.05 8.11 -10.64
N SER B 32 0.77 8.88 -9.59
CA SER B 32 1.78 9.24 -8.59
C SER B 32 1.29 9.11 -7.14
N LEU B 33 2.19 9.41 -6.18
CA LEU B 33 1.90 9.37 -4.75
C LEU B 33 0.73 10.29 -4.35
N SER B 34 0.62 11.48 -4.98
CA SER B 34 -0.53 12.37 -4.79
C SER B 34 -1.84 11.78 -5.31
N ASP B 35 -1.78 10.94 -6.33
CA ASP B 35 -2.94 10.27 -6.93
C ASP B 35 -3.34 9.02 -6.15
N PHE B 36 -2.36 8.33 -5.55
CA PHE B 36 -2.59 7.32 -4.51
C PHE B 36 -3.37 7.90 -3.33
N GLU B 37 -2.95 9.07 -2.82
CA GLU B 37 -3.64 9.79 -1.75
C GLU B 37 -5.09 10.13 -2.10
N VAL B 38 -5.41 10.36 -3.38
CA VAL B 38 -6.79 10.47 -3.86
C VAL B 38 -7.56 9.17 -3.65
N LEU B 39 -7.07 8.03 -4.17
CA LEU B 39 -7.76 6.74 -4.05
C LEU B 39 -7.93 6.31 -2.57
N TYR B 40 -6.88 6.49 -1.77
CA TYR B 40 -6.92 6.27 -0.33
C TYR B 40 -7.98 7.15 0.36
N GLY B 41 -8.04 8.44 0.05
CA GLY B 41 -9.03 9.36 0.59
C GLY B 41 -10.46 9.17 0.05
N ASN B 42 -10.60 8.65 -1.18
CA ASN B 42 -11.87 8.37 -1.85
C ASN B 42 -12.55 7.10 -1.32
N THR B 43 -11.77 6.18 -0.75
CA THR B 43 -12.19 4.82 -0.36
C THR B 43 -13.49 4.83 0.47
N ALA B 44 -13.48 5.40 1.68
CA ALA B 44 -14.61 5.52 2.61
C ALA B 44 -15.46 4.22 2.79
N ASP B 45 -14.83 3.06 2.64
CA ASP B 45 -15.48 1.75 2.54
C ASP B 45 -14.62 0.68 3.24
N GLU B 46 -15.12 -0.57 3.27
CA GLU B 46 -14.42 -1.75 3.78
C GLU B 46 -13.14 -2.04 2.97
N ILE B 47 -12.02 -1.51 3.48
CA ILE B 47 -10.64 -1.77 3.07
C ILE B 47 -10.19 -3.17 3.47
N ILE B 48 -9.58 -3.87 2.49
CA ILE B 48 -9.11 -5.25 2.59
C ILE B 48 -7.64 -5.29 2.21
N LYS B 49 -7.28 -4.85 0.99
CA LYS B 49 -5.88 -4.76 0.56
C LYS B 49 -5.60 -3.47 -0.20
N LEU B 50 -4.33 -3.07 -0.15
CA LEU B 50 -3.77 -1.88 -0.74
C LEU B 50 -2.31 -2.17 -1.10
N ARG B 51 -1.88 -1.75 -2.29
CA ARG B 51 -0.50 -1.80 -2.75
C ARG B 51 -0.18 -0.57 -3.58
N LEU B 52 1.08 -0.14 -3.51
CA LEU B 52 1.69 0.83 -4.41
C LEU B 52 3.09 0.36 -4.79
N ASP B 53 3.53 0.72 -6.00
CA ASP B 53 4.73 0.22 -6.66
C ASP B 53 5.23 1.29 -7.63
N LYS B 54 6.30 2.02 -7.29
CA LYS B 54 6.99 2.91 -8.22
C LYS B 54 7.62 2.07 -9.32
N VAL B 55 6.94 2.06 -10.46
CA VAL B 55 7.25 1.20 -11.61
C VAL B 55 8.69 1.35 -12.10
N LEU B 56 9.23 0.20 -12.54
CA LEU B 56 10.58 -0.08 -13.03
C LEU B 56 11.73 0.41 -12.12
N MET A 1 -5.14 -13.94 19.42
CA MET A 1 -4.04 -13.16 19.98
C MET A 1 -3.17 -12.60 18.85
N VAL A 2 -3.05 -11.26 18.82
CA VAL A 2 -2.29 -10.54 17.80
C VAL A 2 -0.83 -10.99 17.78
N GLN A 3 -0.34 -11.22 16.57
CA GLN A 3 0.99 -11.72 16.29
C GLN A 3 1.37 -12.96 17.13
N ASN A 4 0.47 -13.94 17.15
CA ASN A 4 0.83 -15.31 17.46
C ASN A 4 1.75 -15.86 16.37
N ASP A 5 1.22 -15.96 15.15
CA ASP A 5 1.99 -16.32 13.96
C ASP A 5 1.36 -15.65 12.73
N PHE A 6 1.80 -14.43 12.44
CA PHE A 6 1.21 -13.53 11.43
C PHE A 6 -0.24 -13.08 11.71
N VAL A 7 -0.80 -13.48 12.85
CA VAL A 7 -2.21 -13.30 13.23
C VAL A 7 -2.57 -11.84 13.51
N ASP A 8 -3.77 -11.47 13.05
CA ASP A 8 -4.54 -10.24 13.29
C ASP A 8 -3.91 -8.91 12.82
N SER A 9 -4.69 -7.84 13.04
CA SER A 9 -4.50 -6.43 12.74
C SER A 9 -4.45 -6.07 11.25
N TYR A 10 -4.36 -4.78 10.94
CA TYR A 10 -3.74 -4.36 9.69
C TYR A 10 -2.23 -4.61 9.79
N ASP A 11 -1.66 -5.06 8.68
CA ASP A 11 -0.31 -5.60 8.56
C ASP A 11 0.29 -5.06 7.25
N VAL A 12 1.45 -4.42 7.36
CA VAL A 12 2.04 -3.59 6.34
C VAL A 12 3.48 -4.01 6.09
N THR A 13 3.84 -4.16 4.82
CA THR A 13 5.21 -4.24 4.33
C THR A 13 5.44 -3.04 3.42
N MET A 14 6.45 -2.23 3.74
CA MET A 14 6.86 -1.11 2.91
C MET A 14 8.38 -1.16 2.75
N LEU A 15 8.90 -0.60 1.65
CA LEU A 15 10.34 -0.41 1.50
C LEU A 15 10.65 0.77 0.58
N LEU A 16 11.80 1.38 0.86
CA LEU A 16 12.27 2.64 0.32
C LEU A 16 13.67 2.45 -0.27
N GLN A 17 14.18 3.52 -0.89
CA GLN A 17 15.56 3.61 -1.35
C GLN A 17 16.33 4.71 -0.58
N ASP A 18 17.57 4.39 -0.24
CA ASP A 18 18.54 5.27 0.40
C ASP A 18 19.21 6.20 -0.63
N ASP A 19 19.80 7.29 -0.14
CA ASP A 19 20.69 8.18 -0.90
C ASP A 19 21.90 7.44 -1.52
N ASP A 20 22.37 6.37 -0.86
CA ASP A 20 23.42 5.51 -1.41
C ASP A 20 22.93 4.58 -2.53
N GLY A 21 21.60 4.53 -2.77
CA GLY A 21 20.96 3.73 -3.81
C GLY A 21 20.56 2.31 -3.39
N LYS A 22 20.77 1.97 -2.10
CA LYS A 22 20.35 0.70 -1.52
C LYS A 22 18.88 0.76 -1.09
N GLN A 23 18.24 -0.39 -0.92
CA GLN A 23 16.90 -0.44 -0.33
C GLN A 23 16.99 -0.51 1.20
N TYR A 24 15.93 -0.02 1.86
CA TYR A 24 15.68 -0.29 3.27
C TYR A 24 14.20 -0.56 3.52
N TYR A 25 13.93 -1.41 4.50
CA TYR A 25 12.71 -2.19 4.62
C TYR A 25 11.97 -1.89 5.92
N GLU A 26 10.64 -1.79 5.84
CA GLU A 26 9.75 -1.28 6.85
C GLU A 26 8.50 -2.18 6.92
N TYR A 27 8.65 -3.36 7.51
CA TYR A 27 7.52 -4.19 7.90
C TYR A 27 6.95 -3.72 9.25
N HIS A 28 5.63 -3.61 9.34
CA HIS A 28 4.89 -3.07 10.47
C HIS A 28 3.56 -3.79 10.60
N LYS A 29 3.36 -4.42 11.75
CA LYS A 29 2.12 -5.12 12.11
C LYS A 29 1.55 -4.51 13.39
N GLY A 30 0.27 -4.77 13.65
CA GLY A 30 -0.32 -4.55 14.98
C GLY A 30 -0.94 -3.17 15.10
N LEU A 31 -1.48 -2.66 14.00
CA LEU A 31 -1.92 -1.29 13.84
C LEU A 31 -3.26 -1.21 13.11
N SER A 32 -3.69 0.02 12.82
CA SER A 32 -4.79 0.29 11.90
C SER A 32 -4.46 1.49 11.01
N LEU A 33 -5.40 1.92 10.18
CA LEU A 33 -5.14 2.83 9.07
C LEU A 33 -4.55 4.18 9.51
N SER A 34 -4.95 4.71 10.67
CA SER A 34 -4.39 5.96 11.19
C SER A 34 -2.92 5.84 11.58
N ASP A 35 -2.44 4.64 11.91
CA ASP A 35 -1.02 4.36 12.12
C ASP A 35 -0.29 4.09 10.81
N PHE A 36 -0.97 3.52 9.82
CA PHE A 36 -0.44 3.45 8.46
C PHE A 36 -0.22 4.85 7.86
N GLU A 37 -1.16 5.78 8.09
CA GLU A 37 -1.02 7.18 7.65
C GLU A 37 0.20 7.87 8.27
N VAL A 38 0.62 7.47 9.47
CA VAL A 38 1.89 7.89 10.07
C VAL A 38 3.07 7.21 9.38
N LEU A 39 3.04 5.88 9.19
CA LEU A 39 4.10 5.14 8.50
C LEU A 39 4.39 5.75 7.11
N TYR A 40 3.34 5.92 6.30
CA TYR A 40 3.41 6.63 5.02
C TYR A 40 3.88 8.08 5.23
N GLY A 41 3.17 8.87 6.04
CA GLY A 41 3.39 10.30 6.23
C GLY A 41 4.76 10.67 6.79
N ASN A 42 5.47 9.73 7.41
CA ASN A 42 6.78 10.00 7.99
C ASN A 42 7.94 9.29 7.30
N THR A 43 7.65 8.26 6.49
CA THR A 43 8.68 7.31 6.04
C THR A 43 8.64 7.03 4.53
N ALA A 44 7.59 7.46 3.81
CA ALA A 44 7.49 7.29 2.36
C ALA A 44 8.48 8.19 1.60
N ASP A 45 9.77 7.84 1.66
CA ASP A 45 10.89 8.65 1.18
C ASP A 45 11.70 7.87 0.15
N GLU A 46 11.47 8.17 -1.14
CA GLU A 46 11.82 7.33 -2.29
C GLU A 46 11.20 5.93 -2.16
N ILE A 47 9.86 5.90 -2.18
CA ILE A 47 9.06 4.69 -2.11
C ILE A 47 9.23 3.82 -3.37
N ILE A 48 9.39 2.52 -3.12
CA ILE A 48 9.64 1.47 -4.09
C ILE A 48 8.50 0.46 -4.04
N LYS A 49 8.18 -0.10 -2.85
CA LYS A 49 7.04 -0.98 -2.64
C LYS A 49 6.29 -0.63 -1.36
N LEU A 50 4.99 -0.90 -1.38
CA LEU A 50 4.04 -0.80 -0.28
C LEU A 50 2.98 -1.88 -0.45
N ARG A 51 2.71 -2.63 0.61
CA ARG A 51 1.81 -3.77 0.66
C ARG A 51 1.11 -3.74 2.02
N LEU A 52 -0.19 -3.45 2.03
CA LEU A 52 -1.00 -3.43 3.24
C LEU A 52 -2.20 -4.37 3.08
N ASP A 53 -2.52 -5.04 4.17
CA ASP A 53 -3.68 -5.90 4.31
C ASP A 53 -4.30 -5.62 5.68
N LYS A 54 -5.63 -5.60 5.74
CA LYS A 54 -6.34 -6.11 6.91
C LYS A 54 -6.14 -7.62 6.94
N VAL A 55 -5.28 -8.08 7.84
CA VAL A 55 -5.18 -9.50 8.18
C VAL A 55 -6.45 -9.88 8.96
N LEU A 56 -6.66 -11.19 8.94
CA LEU A 56 -7.91 -11.87 9.27
C LEU A 56 -8.38 -11.56 10.70
N MET B 1 6.11 1.99 -26.80
CA MET B 1 6.88 1.55 -25.62
C MET B 1 6.18 0.37 -25.00
N VAL B 2 6.89 -0.76 -24.90
CA VAL B 2 6.37 -1.96 -24.23
C VAL B 2 6.16 -1.73 -22.73
N GLN B 3 5.26 -2.53 -22.17
CA GLN B 3 5.03 -2.59 -20.73
C GLN B 3 6.16 -3.39 -20.06
N ASN B 4 7.30 -2.73 -19.86
CA ASN B 4 8.51 -3.30 -19.29
C ASN B 4 8.29 -3.80 -17.86
N ASP B 5 8.09 -2.89 -16.91
CA ASP B 5 7.73 -3.24 -15.53
C ASP B 5 6.60 -2.31 -15.09
N PHE B 6 5.39 -2.65 -15.54
CA PHE B 6 4.15 -1.85 -15.55
C PHE B 6 4.18 -0.51 -16.29
N VAL B 7 5.34 0.14 -16.37
CA VAL B 7 5.71 1.37 -17.09
C VAL B 7 4.84 2.61 -16.81
N ASP B 8 5.44 3.77 -17.09
CA ASP B 8 4.95 5.16 -17.01
C ASP B 8 5.17 5.78 -15.63
N SER B 9 4.28 5.46 -14.68
CA SER B 9 4.36 5.91 -13.29
C SER B 9 3.65 4.88 -12.40
N TYR B 10 3.72 5.09 -11.08
CA TYR B 10 3.45 4.10 -10.03
C TYR B 10 2.23 3.22 -10.29
N ASP B 11 2.39 1.94 -9.98
CA ASP B 11 1.37 0.89 -10.08
C ASP B 11 0.73 0.67 -8.72
N VAL B 12 -0.57 0.99 -8.60
CA VAL B 12 -1.41 0.69 -7.44
C VAL B 12 -2.38 -0.44 -7.77
N THR B 13 -2.61 -1.29 -6.79
CA THR B 13 -3.58 -2.38 -6.82
C THR B 13 -4.28 -2.42 -5.47
N MET B 14 -5.55 -2.04 -5.42
CA MET B 14 -6.30 -1.95 -4.17
C MET B 14 -7.65 -2.67 -4.29
N LEU B 15 -8.20 -3.08 -3.16
CA LEU B 15 -9.59 -3.50 -3.03
C LEU B 15 -10.13 -3.29 -1.60
N LEU B 16 -11.45 -3.27 -1.57
CA LEU B 16 -12.30 -3.31 -0.39
C LEU B 16 -13.62 -3.99 -0.79
N GLN B 17 -14.53 -4.16 0.15
CA GLN B 17 -15.78 -4.89 -0.11
C GLN B 17 -16.87 -3.97 -0.65
N ASP B 18 -17.48 -4.34 -1.78
CA ASP B 18 -18.63 -3.62 -2.31
C ASP B 18 -19.51 -4.47 -3.24
N ASP B 19 -20.56 -3.83 -3.76
CA ASP B 19 -21.45 -4.20 -4.86
C ASP B 19 -22.35 -5.43 -4.60
N ASP B 20 -21.74 -6.49 -4.12
CA ASP B 20 -22.35 -7.81 -3.95
C ASP B 20 -21.96 -8.47 -2.61
N GLY B 21 -21.40 -7.69 -1.70
CA GLY B 21 -20.82 -8.17 -0.44
C GLY B 21 -19.49 -8.92 -0.66
N LYS B 22 -18.78 -8.57 -1.74
CA LYS B 22 -17.56 -9.23 -2.19
C LYS B 22 -16.47 -8.21 -2.48
N GLN B 23 -15.24 -8.66 -2.64
CA GLN B 23 -14.12 -7.76 -2.90
C GLN B 23 -14.23 -7.10 -4.26
N TYR B 24 -13.82 -5.84 -4.28
CA TYR B 24 -14.13 -4.87 -5.31
C TYR B 24 -12.90 -4.01 -5.58
N TYR B 25 -12.35 -4.16 -6.77
CA TYR B 25 -10.96 -3.84 -7.06
C TYR B 25 -10.75 -2.51 -7.76
N GLU B 26 -9.55 -1.98 -7.57
CA GLU B 26 -9.08 -0.67 -7.93
C GLU B 26 -7.61 -0.80 -8.38
N TYR B 27 -7.42 -1.38 -9.56
CA TYR B 27 -6.14 -1.42 -10.26
C TYR B 27 -5.90 -0.08 -10.97
N HIS B 28 -4.81 0.60 -10.61
CA HIS B 28 -4.48 1.94 -11.11
C HIS B 28 -2.97 2.12 -11.22
N LYS B 29 -2.42 1.87 -12.41
CA LYS B 29 -1.04 2.26 -12.72
C LYS B 29 -0.98 3.57 -13.49
N GLY B 30 0.24 4.12 -13.62
CA GLY B 30 0.48 5.33 -14.41
C GLY B 30 0.12 6.60 -13.67
N LEU B 31 0.23 6.59 -12.33
CA LEU B 31 -0.06 7.72 -11.46
C LEU B 31 1.06 7.92 -10.45
N SER B 32 0.89 8.81 -9.47
CA SER B 32 1.94 9.12 -8.50
C SER B 32 1.40 9.10 -7.07
N LEU B 33 2.25 9.43 -6.09
CA LEU B 33 1.94 9.21 -4.67
C LEU B 33 0.83 10.13 -4.16
N SER B 34 0.76 11.36 -4.66
CA SER B 34 -0.35 12.26 -4.41
C SER B 34 -1.65 11.79 -5.07
N ASP B 35 -1.58 11.03 -6.18
CA ASP B 35 -2.73 10.42 -6.82
C ASP B 35 -3.18 9.15 -6.07
N PHE B 36 -2.24 8.41 -5.50
CA PHE B 36 -2.52 7.33 -4.56
C PHE B 36 -3.25 7.85 -3.30
N GLU B 37 -2.81 8.98 -2.74
CA GLU B 37 -3.52 9.64 -1.64
C GLU B 37 -4.96 10.01 -1.99
N VAL B 38 -5.22 10.42 -3.24
CA VAL B 38 -6.59 10.66 -3.72
C VAL B 38 -7.38 9.36 -3.78
N LEU B 39 -6.81 8.30 -4.37
CA LEU B 39 -7.43 6.98 -4.46
C LEU B 39 -7.79 6.42 -3.07
N TYR B 40 -6.83 6.42 -2.15
CA TYR B 40 -7.03 6.02 -0.75
C TYR B 40 -8.08 6.91 -0.06
N GLY B 41 -8.00 8.24 -0.22
CA GLY B 41 -8.92 9.18 0.43
C GLY B 41 -10.35 9.15 -0.12
N ASN B 42 -10.53 8.76 -1.38
CA ASN B 42 -11.85 8.68 -2.03
C ASN B 42 -12.67 7.46 -1.61
N THR B 43 -12.01 6.45 -1.03
CA THR B 43 -12.56 5.14 -0.72
C THR B 43 -13.80 5.22 0.19
N ALA B 44 -13.71 5.96 1.30
CA ALA B 44 -14.74 6.10 2.34
C ALA B 44 -15.32 4.78 2.88
N ASP B 45 -14.52 3.72 2.81
CA ASP B 45 -14.83 2.39 3.30
C ASP B 45 -13.66 1.83 4.10
N GLU B 46 -13.87 0.67 4.71
CA GLU B 46 -12.80 -0.12 5.31
C GLU B 46 -11.91 -0.72 4.22
N ILE B 47 -10.66 -0.27 4.17
CA ILE B 47 -9.61 -0.93 3.39
C ILE B 47 -9.47 -2.39 3.84
N ILE B 48 -9.32 -3.27 2.85
CA ILE B 48 -9.08 -4.69 3.06
C ILE B 48 -7.69 -5.03 2.55
N LYS B 49 -7.34 -4.59 1.33
CA LYS B 49 -5.99 -4.83 0.80
C LYS B 49 -5.59 -3.73 -0.17
N LEU B 50 -4.33 -3.29 -0.08
CA LEU B 50 -3.71 -2.48 -1.12
C LEU B 50 -2.23 -2.83 -1.33
N ARG B 51 -1.78 -2.52 -2.54
CA ARG B 51 -0.41 -2.66 -3.01
C ARG B 51 -0.05 -1.44 -3.84
N LEU B 52 1.22 -1.07 -3.79
CA LEU B 52 1.83 -0.05 -4.61
C LEU B 52 3.27 -0.45 -4.92
N ASP B 53 3.69 -0.21 -6.16
CA ASP B 53 5.04 -0.41 -6.69
C ASP B 53 5.44 0.79 -7.54
N LYS B 54 6.69 1.25 -7.42
CA LYS B 54 7.31 1.97 -8.53
C LYS B 54 7.43 1.10 -9.77
N VAL B 55 7.48 1.79 -10.90
CA VAL B 55 7.53 1.19 -12.23
C VAL B 55 8.82 1.59 -12.93
N LEU B 56 9.09 0.85 -13.99
CA LEU B 56 10.21 1.07 -14.91
C LEU B 56 9.79 0.86 -16.37
N MET A 1 -5.80 -4.31 19.42
CA MET A 1 -6.14 -2.96 19.92
C MET A 1 -5.13 -1.91 19.49
N VAL A 2 -3.87 -2.05 19.91
CA VAL A 2 -2.73 -1.22 19.54
C VAL A 2 -1.56 -2.15 19.17
N GLN A 3 -0.50 -1.61 18.57
CA GLN A 3 0.67 -2.33 18.08
C GLN A 3 1.64 -2.76 19.20
N ASN A 4 1.11 -3.36 20.28
CA ASN A 4 1.86 -3.76 21.48
C ASN A 4 2.89 -4.89 21.21
N ASP A 5 2.68 -5.66 20.15
CA ASP A 5 3.61 -6.64 19.57
C ASP A 5 3.42 -6.60 18.04
N PHE A 6 4.00 -7.54 17.30
CA PHE A 6 3.66 -7.90 15.92
C PHE A 6 2.28 -8.62 15.83
N VAL A 7 1.34 -8.10 16.62
CA VAL A 7 -0.02 -8.55 16.92
C VAL A 7 -0.89 -8.56 15.66
N ASP A 8 -2.11 -9.08 15.72
CA ASP A 8 -3.07 -8.95 14.61
C ASP A 8 -3.73 -7.56 14.57
N SER A 9 -4.37 -7.29 13.43
CA SER A 9 -4.66 -5.98 12.82
C SER A 9 -3.57 -5.67 11.77
N TYR A 10 -3.74 -4.56 11.05
CA TYR A 10 -3.19 -4.30 9.71
C TYR A 10 -1.71 -4.70 9.54
N ASP A 11 -1.47 -5.54 8.54
CA ASP A 11 -0.15 -6.02 8.07
C ASP A 11 0.28 -5.09 6.93
N VAL A 12 1.39 -4.37 7.13
CA VAL A 12 1.89 -3.25 6.35
C VAL A 12 3.39 -3.45 6.08
N THR A 13 3.70 -4.04 4.93
CA THR A 13 5.07 -4.11 4.42
C THR A 13 5.40 -2.84 3.65
N MET A 14 6.63 -2.33 3.78
CA MET A 14 7.10 -1.14 3.07
C MET A 14 8.56 -1.29 2.67
N LEU A 15 8.92 -0.61 1.58
CA LEU A 15 10.22 -0.64 0.93
C LEU A 15 10.57 0.75 0.39
N LEU A 16 11.70 1.27 0.85
CA LEU A 16 12.24 2.58 0.49
C LEU A 16 13.64 2.41 -0.10
N GLN A 17 14.15 3.46 -0.74
CA GLN A 17 15.43 3.40 -1.43
C GLN A 17 16.51 4.20 -0.70
N ASP A 18 17.66 3.55 -0.46
CA ASP A 18 18.86 4.17 0.07
C ASP A 18 19.53 5.11 -0.96
N ASP A 19 20.38 6.03 -0.49
CA ASP A 19 21.20 6.89 -1.34
C ASP A 19 22.17 6.12 -2.25
N ASP A 20 22.59 4.89 -1.88
CA ASP A 20 23.37 3.99 -2.73
C ASP A 20 22.52 3.34 -3.86
N GLY A 21 21.21 3.62 -3.91
CA GLY A 21 20.31 3.15 -4.97
C GLY A 21 19.71 1.77 -4.73
N LYS A 22 19.91 1.19 -3.54
CA LYS A 22 19.40 -0.13 -3.13
C LYS A 22 18.21 0.01 -2.19
N GLN A 23 17.41 -1.05 -2.08
CA GLN A 23 16.26 -1.05 -1.20
C GLN A 23 16.65 -1.21 0.27
N TYR A 24 15.82 -0.66 1.16
CA TYR A 24 15.73 -1.09 2.55
C TYR A 24 14.25 -1.30 2.94
N TYR A 25 14.05 -2.32 3.77
CA TYR A 25 12.78 -2.99 4.03
C TYR A 25 12.27 -2.64 5.44
N GLU A 26 10.96 -2.37 5.54
CA GLU A 26 10.33 -1.68 6.66
C GLU A 26 8.94 -2.29 6.91
N TYR A 27 8.92 -3.51 7.44
CA TYR A 27 7.71 -4.32 7.63
C TYR A 27 7.09 -4.13 9.03
N HIS A 28 5.77 -3.98 9.07
CA HIS A 28 4.97 -3.79 10.26
C HIS A 28 3.72 -4.66 10.22
N LYS A 29 3.27 -5.15 11.37
CA LYS A 29 2.00 -5.87 11.52
C LYS A 29 1.34 -5.43 12.83
N GLY A 30 0.01 -5.53 12.90
CA GLY A 30 -0.75 -5.13 14.09
C GLY A 30 -1.05 -3.64 14.14
N LEU A 31 -1.03 -2.96 12.97
CA LEU A 31 -1.28 -1.52 12.86
C LEU A 31 -2.79 -1.23 12.74
N SER A 32 -3.14 0.05 12.54
CA SER A 32 -4.36 0.46 11.87
C SER A 32 -4.07 1.54 10.83
N LEU A 33 -5.09 2.03 10.12
CA LEU A 33 -4.88 2.97 9.01
C LEU A 33 -4.26 4.30 9.49
N SER A 34 -4.56 4.74 10.72
CA SER A 34 -3.94 5.90 11.34
C SER A 34 -2.45 5.68 11.64
N ASP A 35 -2.04 4.44 11.96
CA ASP A 35 -0.65 4.07 12.19
C ASP A 35 0.10 3.89 10.86
N PHE A 36 -0.60 3.41 9.82
CA PHE A 36 -0.13 3.42 8.44
C PHE A 36 0.12 4.85 7.92
N GLU A 37 -0.79 5.80 8.17
CA GLU A 37 -0.58 7.22 7.89
C GLU A 37 0.69 7.76 8.56
N VAL A 38 0.93 7.41 9.84
CA VAL A 38 2.18 7.74 10.54
C VAL A 38 3.37 7.10 9.82
N LEU A 39 3.36 5.79 9.57
CA LEU A 39 4.47 5.07 8.92
C LEU A 39 4.84 5.67 7.55
N TYR A 40 3.87 5.83 6.66
CA TYR A 40 4.04 6.40 5.33
C TYR A 40 4.49 7.87 5.36
N GLY A 41 4.05 8.67 6.35
CA GLY A 41 4.45 10.07 6.50
C GLY A 41 5.77 10.28 7.26
N ASN A 42 6.20 9.32 8.09
CA ASN A 42 7.42 9.39 8.90
C ASN A 42 8.63 8.87 8.12
N THR A 43 8.43 7.82 7.29
CA THR A 43 9.47 7.25 6.44
C THR A 43 9.79 8.17 5.26
N ALA A 44 8.90 8.23 4.25
CA ALA A 44 8.89 9.13 3.08
C ALA A 44 10.17 9.18 2.20
N ASP A 45 11.22 8.46 2.57
CA ASP A 45 12.60 8.56 2.09
C ASP A 45 12.81 7.82 0.75
N GLU A 46 12.21 8.33 -0.33
CA GLU A 46 12.19 7.69 -1.67
C GLU A 46 11.47 6.33 -1.60
N ILE A 47 10.19 6.40 -1.21
CA ILE A 47 9.26 5.28 -1.14
C ILE A 47 9.02 4.68 -2.54
N ILE A 48 9.34 3.39 -2.67
CA ILE A 48 9.17 2.60 -3.86
C ILE A 48 7.85 1.86 -3.69
N LYS A 49 7.77 0.90 -2.77
CA LYS A 49 6.54 0.13 -2.61
C LYS A 49 6.10 -0.08 -1.17
N LEU A 50 4.80 -0.36 -1.04
CA LEU A 50 4.17 -0.85 0.18
C LEU A 50 3.10 -1.88 -0.16
N ARG A 51 2.82 -2.73 0.82
CA ARG A 51 1.87 -3.84 0.73
C ARG A 51 1.11 -3.94 2.05
N LEU A 52 -0.15 -3.47 2.03
CA LEU A 52 -1.05 -3.44 3.16
C LEU A 52 -2.18 -4.45 2.97
N ASP A 53 -2.50 -5.17 4.05
CA ASP A 53 -3.62 -6.08 4.20
C ASP A 53 -4.31 -5.81 5.53
N LYS A 54 -5.65 -5.82 5.54
CA LYS A 54 -6.36 -6.11 6.80
C LYS A 54 -6.07 -7.54 7.24
N VAL A 55 -6.09 -7.72 8.56
CA VAL A 55 -5.91 -9.01 9.21
C VAL A 55 -7.20 -9.36 9.92
N LEU A 56 -7.40 -10.67 10.05
CA LEU A 56 -8.51 -11.41 10.64
C LEU A 56 -9.87 -10.70 10.41
N MET B 1 7.46 7.41 -22.96
CA MET B 1 7.41 6.08 -22.29
C MET B 1 6.86 5.08 -23.28
N VAL B 2 7.71 4.14 -23.72
CA VAL B 2 7.31 3.06 -24.64
C VAL B 2 6.55 1.93 -23.92
N GLN B 3 6.68 1.86 -22.59
CA GLN B 3 6.03 0.89 -21.71
C GLN B 3 4.51 0.90 -21.89
N ASN B 4 3.95 -0.26 -22.23
CA ASN B 4 2.57 -0.44 -22.69
C ASN B 4 1.51 -0.01 -21.66
N ASP B 5 1.63 -0.49 -20.41
CA ASP B 5 0.62 -0.35 -19.37
C ASP B 5 1.21 0.03 -18.00
N PHE B 6 2.28 -0.65 -17.57
CA PHE B 6 3.16 -0.19 -16.48
C PHE B 6 4.02 1.00 -16.97
N VAL B 7 3.34 2.11 -17.24
CA VAL B 7 3.87 3.29 -17.93
C VAL B 7 4.75 4.14 -17.00
N ASP B 8 5.91 3.58 -16.62
CA ASP B 8 6.71 3.99 -15.47
C ASP B 8 5.77 4.27 -14.27
N SER B 9 5.91 5.41 -13.60
CA SER B 9 4.95 5.91 -12.61
C SER B 9 4.97 5.05 -11.33
N TYR B 10 3.95 5.23 -10.51
CA TYR B 10 3.50 4.24 -9.52
C TYR B 10 2.36 3.39 -10.12
N ASP B 11 2.31 2.12 -9.74
CA ASP B 11 1.14 1.25 -9.77
C ASP B 11 0.46 1.31 -8.40
N VAL B 12 -0.87 1.37 -8.40
CA VAL B 12 -1.74 1.27 -7.24
C VAL B 12 -2.74 0.15 -7.49
N THR B 13 -2.62 -0.94 -6.72
CA THR B 13 -3.42 -2.16 -6.85
C THR B 13 -4.13 -2.39 -5.53
N MET B 14 -5.38 -1.93 -5.43
CA MET B 14 -6.13 -1.79 -4.18
C MET B 14 -7.44 -2.60 -4.22
N LEU B 15 -7.97 -2.95 -3.04
CA LEU B 15 -9.09 -3.88 -2.92
C LEU B 15 -9.94 -3.56 -1.70
N LEU B 16 -11.25 -3.43 -1.95
CA LEU B 16 -12.28 -2.96 -1.02
C LEU B 16 -13.39 -4.01 -0.87
N GLN B 17 -14.34 -3.75 0.02
CA GLN B 17 -15.53 -4.57 0.21
C GLN B 17 -16.77 -3.70 0.27
N ASP B 18 -17.68 -3.90 -0.69
CA ASP B 18 -18.88 -3.09 -0.84
C ASP B 18 -19.92 -3.38 0.27
N ASP B 19 -20.94 -2.52 0.36
CA ASP B 19 -21.97 -2.51 1.43
C ASP B 19 -22.81 -3.80 1.49
N ASP B 20 -22.96 -4.52 0.37
CA ASP B 20 -23.57 -5.86 0.29
C ASP B 20 -22.61 -7.00 0.70
N GLY B 21 -21.36 -6.68 1.05
CA GLY B 21 -20.33 -7.62 1.48
C GLY B 21 -19.46 -8.14 0.34
N LYS B 22 -19.65 -7.69 -0.91
CA LYS B 22 -18.90 -8.21 -2.05
C LYS B 22 -17.59 -7.45 -2.23
N GLN B 23 -16.49 -8.21 -2.27
CA GLN B 23 -15.18 -7.67 -2.55
C GLN B 23 -15.04 -7.23 -4.00
N TYR B 24 -14.34 -6.12 -4.22
CA TYR B 24 -13.99 -5.63 -5.54
C TYR B 24 -12.65 -4.90 -5.49
N TYR B 25 -12.03 -4.72 -6.66
CA TYR B 25 -10.67 -4.22 -6.76
C TYR B 25 -10.53 -3.00 -7.70
N GLU B 26 -9.44 -2.28 -7.48
CA GLU B 26 -9.12 -0.95 -7.97
C GLU B 26 -7.65 -0.98 -8.43
N TYR B 27 -7.46 -1.33 -9.70
CA TYR B 27 -6.19 -1.66 -10.33
C TYR B 27 -5.76 -0.51 -11.25
N HIS B 28 -4.77 0.28 -10.80
CA HIS B 28 -4.45 1.61 -11.32
C HIS B 28 -2.94 1.80 -11.49
N LYS B 29 -2.44 1.36 -12.64
CA LYS B 29 -1.12 1.74 -13.15
C LYS B 29 -1.10 3.21 -13.56
N GLY B 30 0.09 3.79 -13.75
CA GLY B 30 0.27 5.13 -14.31
C GLY B 30 -0.07 6.27 -13.35
N LEU B 31 -0.11 5.99 -12.04
CA LEU B 31 -0.47 6.96 -11.00
C LEU B 31 0.77 7.52 -10.29
N SER B 32 0.54 8.42 -9.34
CA SER B 32 1.55 8.95 -8.44
C SER B 32 1.02 9.04 -7.00
N LEU B 33 1.87 9.46 -6.06
CA LEU B 33 1.56 9.49 -4.63
C LEU B 33 0.36 10.40 -4.29
N SER B 34 0.14 11.48 -5.04
CA SER B 34 -1.01 12.37 -4.93
C SER B 34 -2.27 11.78 -5.57
N ASP B 35 -2.13 10.97 -6.63
CA ASP B 35 -3.26 10.27 -7.27
C ASP B 35 -3.76 9.10 -6.40
N PHE B 36 -2.83 8.46 -5.66
CA PHE B 36 -3.17 7.49 -4.63
C PHE B 36 -4.05 8.11 -3.53
N GLU B 37 -3.73 9.33 -3.06
CA GLU B 37 -4.55 10.08 -2.10
C GLU B 37 -5.96 10.34 -2.64
N VAL B 38 -6.11 10.59 -3.95
CA VAL B 38 -7.43 10.71 -4.61
C VAL B 38 -8.18 9.37 -4.52
N LEU B 39 -7.56 8.26 -4.95
CA LEU B 39 -8.18 6.92 -4.93
C LEU B 39 -8.63 6.51 -3.51
N TYR B 40 -7.69 6.57 -2.55
CA TYR B 40 -7.94 6.21 -1.16
C TYR B 40 -8.93 7.17 -0.47
N GLY B 41 -8.92 8.46 -0.82
CA GLY B 41 -9.83 9.45 -0.26
C GLY B 41 -11.24 9.45 -0.88
N ASN B 42 -11.41 8.99 -2.13
CA ASN B 42 -12.71 8.92 -2.80
C ASN B 42 -13.42 7.58 -2.51
N THR B 43 -12.65 6.49 -2.33
CA THR B 43 -13.20 5.19 -1.93
C THR B 43 -13.64 5.20 -0.47
N ALA B 44 -14.85 4.70 -0.20
CA ALA B 44 -15.44 4.64 1.14
C ALA B 44 -15.72 3.20 1.62
N ASP B 45 -15.49 2.20 0.75
CA ASP B 45 -15.69 0.75 0.97
C ASP B 45 -14.57 0.13 1.83
N GLU B 46 -14.21 0.84 2.90
CA GLU B 46 -13.12 0.56 3.83
C GLU B 46 -11.81 0.25 3.10
N ILE B 47 -11.19 -0.90 3.40
CA ILE B 47 -9.91 -1.35 2.87
C ILE B 47 -9.68 -2.82 3.26
N ILE B 48 -9.22 -3.64 2.30
CA ILE B 48 -8.94 -5.06 2.48
C ILE B 48 -7.50 -5.33 2.08
N LYS B 49 -7.10 -4.95 0.85
CA LYS B 49 -5.73 -5.01 0.34
C LYS B 49 -5.34 -3.72 -0.36
N LEU B 50 -4.06 -3.41 -0.32
CA LEU B 50 -3.45 -2.27 -0.99
C LEU B 50 -1.99 -2.60 -1.33
N ARG B 51 -1.66 -2.50 -2.62
CA ARG B 51 -0.30 -2.33 -3.10
C ARG B 51 -0.16 -0.95 -3.70
N LEU B 52 0.93 -0.26 -3.36
CA LEU B 52 1.42 0.91 -4.10
C LEU B 52 2.89 0.64 -4.39
N ASP B 53 3.34 0.86 -5.64
CA ASP B 53 4.59 0.31 -6.14
C ASP B 53 5.18 1.22 -7.24
N LYS B 54 6.29 1.91 -6.96
CA LYS B 54 7.02 2.71 -7.96
C LYS B 54 7.67 1.78 -8.98
N VAL B 55 7.06 1.73 -10.16
CA VAL B 55 7.47 0.96 -11.32
C VAL B 55 8.81 1.49 -11.85
N LEU B 56 9.53 0.58 -12.48
CA LEU B 56 10.93 0.63 -12.90
C LEU B 56 11.08 0.20 -14.37
N MET A 1 -9.24 -15.93 14.31
CA MET A 1 -9.25 -17.04 15.28
C MET A 1 -7.86 -17.36 15.84
N VAL A 2 -6.96 -17.78 14.96
CA VAL A 2 -5.56 -18.13 15.26
C VAL A 2 -4.65 -17.42 14.26
N GLN A 3 -3.34 -17.55 14.45
CA GLN A 3 -2.27 -17.09 13.57
C GLN A 3 -2.20 -17.87 12.24
N ASN A 4 -3.33 -17.94 11.53
CA ASN A 4 -3.42 -18.40 10.16
C ASN A 4 -2.64 -17.49 9.21
N ASP A 5 -2.63 -16.19 9.52
CA ASP A 5 -1.82 -15.15 8.91
C ASP A 5 -1.12 -14.36 10.03
N PHE A 6 -0.67 -13.12 9.79
CA PHE A 6 0.10 -12.32 10.75
C PHE A 6 -0.63 -11.90 12.04
N VAL A 7 -1.90 -12.30 12.18
CA VAL A 7 -2.88 -12.10 13.25
C VAL A 7 -3.14 -10.64 13.68
N ASP A 8 -4.21 -10.46 14.45
CA ASP A 8 -4.61 -9.24 15.15
C ASP A 8 -5.21 -8.17 14.22
N SER A 9 -4.34 -7.44 13.52
CA SER A 9 -4.65 -6.19 12.81
C SER A 9 -3.71 -5.98 11.62
N TYR A 10 -3.94 -4.93 10.83
CA TYR A 10 -3.31 -4.66 9.52
C TYR A 10 -1.80 -4.92 9.49
N ASP A 11 -1.36 -5.63 8.44
CA ASP A 11 0.02 -5.65 7.98
C ASP A 11 0.26 -4.45 7.08
N VAL A 12 1.44 -3.83 7.22
CA VAL A 12 1.99 -2.82 6.31
C VAL A 12 3.45 -3.16 6.07
N THR A 13 3.68 -3.97 5.04
CA THR A 13 5.03 -4.29 4.57
C THR A 13 5.45 -3.20 3.58
N MET A 14 6.21 -2.20 4.05
CA MET A 14 6.70 -1.09 3.23
C MET A 14 8.15 -1.34 2.77
N LEU A 15 8.58 -0.57 1.77
CA LEU A 15 9.89 -0.66 1.15
C LEU A 15 10.31 0.72 0.64
N LEU A 16 11.49 1.15 1.09
CA LEU A 16 12.04 2.48 0.85
C LEU A 16 13.48 2.39 0.34
N GLN A 17 14.07 3.55 0.04
CA GLN A 17 15.42 3.65 -0.48
C GLN A 17 16.23 4.69 0.30
N ASP A 18 17.45 4.30 0.67
CA ASP A 18 18.44 5.15 1.31
C ASP A 18 19.10 6.12 0.31
N ASP A 19 19.75 7.16 0.83
CA ASP A 19 20.52 8.14 0.05
C ASP A 19 21.66 7.50 -0.77
N ASP A 20 22.25 6.40 -0.27
CA ASP A 20 23.24 5.61 -1.02
C ASP A 20 22.62 4.81 -2.19
N GLY A 21 21.28 4.75 -2.28
CA GLY A 21 20.53 3.98 -3.27
C GLY A 21 20.13 2.59 -2.78
N LYS A 22 20.49 2.24 -1.54
CA LYS A 22 20.18 0.96 -0.90
C LYS A 22 18.70 0.88 -0.58
N GLN A 23 18.00 -0.07 -1.22
CA GLN A 23 16.60 -0.37 -0.92
C GLN A 23 16.48 -1.24 0.32
N TYR A 24 15.51 -0.93 1.19
CA TYR A 24 15.31 -1.62 2.45
C TYR A 24 13.82 -1.76 2.78
N TYR A 25 13.50 -2.88 3.45
CA TYR A 25 12.16 -3.20 3.91
C TYR A 25 11.85 -2.55 5.25
N GLU A 26 10.57 -2.27 5.45
CA GLU A 26 9.95 -1.65 6.61
C GLU A 26 8.66 -2.43 6.92
N TYR A 27 8.80 -3.59 7.57
CA TYR A 27 7.69 -4.42 8.04
C TYR A 27 7.03 -3.79 9.26
N HIS A 28 5.73 -3.48 9.16
CA HIS A 28 4.95 -2.88 10.24
C HIS A 28 3.56 -3.50 10.31
N LYS A 29 3.41 -4.55 11.12
CA LYS A 29 2.17 -5.32 11.25
C LYS A 29 1.51 -5.17 12.62
N GLY A 30 0.30 -5.69 12.75
CA GLY A 30 -0.49 -5.64 13.99
C GLY A 30 -0.89 -4.22 14.36
N LEU A 31 -1.23 -3.39 13.36
CA LEU A 31 -1.59 -1.98 13.53
C LEU A 31 -2.79 -1.62 12.64
N SER A 32 -3.03 -0.33 12.35
CA SER A 32 -4.23 0.09 11.63
C SER A 32 -3.97 1.17 10.57
N LEU A 33 -5.02 1.59 9.85
CA LEU A 33 -4.89 2.56 8.76
C LEU A 33 -4.38 3.93 9.24
N SER A 34 -4.78 4.37 10.43
CA SER A 34 -4.24 5.58 11.05
C SER A 34 -2.74 5.46 11.36
N ASP A 35 -2.26 4.24 11.64
CA ASP A 35 -0.85 3.95 11.91
C ASP A 35 -0.05 3.80 10.60
N PHE A 36 -0.68 3.29 9.54
CA PHE A 36 -0.18 3.36 8.17
C PHE A 36 0.03 4.81 7.72
N GLU A 37 -0.94 5.69 7.96
CA GLU A 37 -0.83 7.12 7.66
C GLU A 37 0.35 7.79 8.37
N VAL A 38 0.69 7.35 9.59
CA VAL A 38 1.93 7.78 10.27
C VAL A 38 3.16 7.29 9.52
N LEU A 39 3.28 5.99 9.24
CA LEU A 39 4.43 5.43 8.51
C LEU A 39 4.64 6.12 7.16
N TYR A 40 3.57 6.23 6.36
CA TYR A 40 3.55 6.91 5.07
C TYR A 40 3.89 8.41 5.22
N GLY A 41 3.21 9.13 6.11
CA GLY A 41 3.38 10.58 6.28
C GLY A 41 4.72 11.01 6.88
N ASN A 42 5.42 10.11 7.57
CA ASN A 42 6.61 10.43 8.36
C ASN A 42 7.90 9.81 7.82
N THR A 43 7.80 8.73 7.02
CA THR A 43 8.96 7.88 6.70
C THR A 43 9.12 7.67 5.19
N ALA A 44 8.04 7.74 4.40
CA ALA A 44 8.05 7.37 2.98
C ALA A 44 8.69 8.42 2.06
N ASP A 45 9.95 8.79 2.33
CA ASP A 45 10.70 9.82 1.61
C ASP A 45 10.98 9.44 0.15
N GLU A 46 11.35 8.18 -0.08
CA GLU A 46 11.58 7.57 -1.38
C GLU A 46 10.82 6.24 -1.44
N ILE A 47 9.52 6.34 -1.70
CA ILE A 47 8.61 5.20 -1.74
C ILE A 47 8.84 4.34 -2.98
N ILE A 48 9.19 3.07 -2.71
CA ILE A 48 9.51 2.03 -3.67
C ILE A 48 8.35 1.04 -3.68
N LYS A 49 7.91 0.57 -2.51
CA LYS A 49 6.77 -0.34 -2.44
C LYS A 49 6.06 -0.22 -1.11
N LEU A 50 4.77 -0.56 -1.10
CA LEU A 50 4.09 -0.99 0.12
C LEU A 50 3.05 -2.07 -0.19
N ARG A 51 2.86 -2.97 0.79
CA ARG A 51 1.91 -4.07 0.77
C ARG A 51 1.16 -4.05 2.10
N LEU A 52 0.02 -3.37 2.08
CA LEU A 52 -0.94 -3.36 3.18
C LEU A 52 -1.99 -4.44 2.96
N ASP A 53 -2.34 -5.16 4.03
CA ASP A 53 -3.39 -6.17 4.06
C ASP A 53 -4.09 -6.15 5.42
N LYS A 54 -5.43 -6.18 5.44
CA LYS A 54 -6.20 -6.54 6.65
C LYS A 54 -5.72 -7.86 7.21
N VAL A 55 -5.72 -7.96 8.54
CA VAL A 55 -5.47 -9.21 9.25
C VAL A 55 -6.39 -9.26 10.46
N LEU A 56 -6.66 -10.49 10.88
CA LEU A 56 -7.37 -10.90 12.09
C LEU A 56 -6.69 -12.15 12.68
N MET B 1 -0.67 -5.70 -23.49
CA MET B 1 -0.33 -6.35 -22.21
C MET B 1 -1.13 -5.74 -21.05
N VAL B 2 -2.09 -6.50 -20.51
CA VAL B 2 -3.08 -6.14 -19.46
C VAL B 2 -3.90 -4.89 -19.79
N GLN B 3 -3.25 -3.75 -19.83
CA GLN B 3 -3.81 -2.45 -20.14
C GLN B 3 -2.87 -1.76 -21.12
N ASN B 4 -3.11 -2.00 -22.41
CA ASN B 4 -2.29 -1.58 -23.55
C ASN B 4 -0.80 -1.91 -23.37
N ASP B 5 0.01 -0.97 -22.88
CA ASP B 5 1.46 -1.01 -22.72
C ASP B 5 1.88 -1.16 -21.24
N PHE B 6 0.90 -1.30 -20.32
CA PHE B 6 1.06 -1.38 -18.87
C PHE B 6 1.91 -0.21 -18.34
N VAL B 7 1.44 0.99 -18.67
CA VAL B 7 2.09 2.31 -18.63
C VAL B 7 2.98 2.60 -17.40
N ASP B 8 4.04 3.39 -17.62
CA ASP B 8 4.97 3.80 -16.58
C ASP B 8 4.40 4.84 -15.59
N SER B 9 5.13 5.04 -14.49
CA SER B 9 4.74 5.66 -13.22
C SER B 9 3.87 4.74 -12.34
N TYR B 10 3.71 5.09 -11.07
CA TYR B 10 3.35 4.20 -9.96
C TYR B 10 2.13 3.30 -10.25
N ASP B 11 2.22 2.07 -9.76
CA ASP B 11 1.15 1.09 -9.72
C ASP B 11 0.54 1.08 -8.32
N VAL B 12 -0.76 1.38 -8.26
CA VAL B 12 -1.62 1.13 -7.10
C VAL B 12 -2.57 -0.01 -7.47
N THR B 13 -2.44 -1.13 -6.79
CA THR B 13 -3.34 -2.26 -6.88
C THR B 13 -4.01 -2.39 -5.51
N MET B 14 -5.19 -1.74 -5.37
CA MET B 14 -5.92 -1.64 -4.12
C MET B 14 -7.19 -2.51 -4.16
N LEU B 15 -7.74 -2.82 -2.98
CA LEU B 15 -8.85 -3.73 -2.82
C LEU B 15 -9.69 -3.33 -1.59
N LEU B 16 -10.98 -3.10 -1.81
CA LEU B 16 -11.94 -2.70 -0.80
C LEU B 16 -13.03 -3.76 -0.63
N GLN B 17 -13.79 -3.66 0.46
CA GLN B 17 -15.08 -4.32 0.63
C GLN B 17 -16.20 -3.27 0.69
N ASP B 18 -17.12 -3.40 -0.25
CA ASP B 18 -18.26 -2.50 -0.44
C ASP B 18 -19.28 -2.57 0.71
N ASP B 19 -20.14 -1.56 0.80
CA ASP B 19 -21.31 -1.52 1.69
C ASP B 19 -22.34 -2.63 1.39
N ASP B 20 -22.38 -3.19 0.18
CA ASP B 20 -23.13 -4.41 -0.14
C ASP B 20 -22.44 -5.70 0.36
N GLY B 21 -21.24 -5.59 0.96
CA GLY B 21 -20.52 -6.69 1.60
C GLY B 21 -19.60 -7.48 0.66
N LYS B 22 -19.41 -7.01 -0.58
CA LYS B 22 -18.59 -7.68 -1.58
C LYS B 22 -17.26 -6.98 -1.81
N GLN B 23 -16.25 -7.77 -2.14
CA GLN B 23 -14.89 -7.28 -2.33
C GLN B 23 -14.67 -6.90 -3.79
N TYR B 24 -14.02 -5.76 -4.02
CA TYR B 24 -13.73 -5.24 -5.35
C TYR B 24 -12.33 -4.63 -5.44
N TYR B 25 -11.70 -4.85 -6.59
CA TYR B 25 -10.40 -4.30 -6.94
C TYR B 25 -10.49 -2.87 -7.44
N GLU B 26 -9.42 -2.13 -7.15
CA GLU B 26 -9.11 -0.80 -7.63
C GLU B 26 -7.64 -0.81 -8.09
N TYR B 27 -7.41 -1.43 -9.25
CA TYR B 27 -6.16 -1.38 -9.99
C TYR B 27 -6.04 -0.03 -10.75
N HIS B 28 -4.93 0.68 -10.52
CA HIS B 28 -4.59 1.98 -11.06
C HIS B 28 -3.09 2.10 -11.26
N LYS B 29 -2.63 1.93 -12.50
CA LYS B 29 -1.23 2.11 -12.88
C LYS B 29 -1.04 3.38 -13.70
N GLY B 30 0.17 3.94 -13.64
CA GLY B 30 0.53 5.14 -14.37
C GLY B 30 -0.01 6.41 -13.72
N LEU B 31 0.19 6.52 -12.40
CA LEU B 31 -0.16 7.70 -11.61
C LEU B 31 1.02 8.11 -10.70
N SER B 32 0.78 8.97 -9.70
CA SER B 32 1.78 9.30 -8.69
C SER B 32 1.15 9.45 -7.29
N LEU B 33 1.94 9.79 -6.28
CA LEU B 33 1.53 9.62 -4.89
C LEU B 33 0.37 10.54 -4.46
N SER B 34 0.29 11.74 -5.04
CA SER B 34 -0.86 12.63 -4.88
C SER B 34 -2.15 12.05 -5.48
N ASP B 35 -2.06 11.23 -6.53
CA ASP B 35 -3.21 10.55 -7.15
C ASP B 35 -3.60 9.28 -6.36
N PHE B 36 -2.62 8.61 -5.73
CA PHE B 36 -2.89 7.59 -4.71
C PHE B 36 -3.65 8.19 -3.52
N GLU B 37 -3.24 9.37 -3.02
CA GLU B 37 -3.92 10.08 -1.95
C GLU B 37 -5.37 10.48 -2.32
N VAL B 38 -5.66 10.73 -3.61
CA VAL B 38 -7.04 10.80 -4.09
C VAL B 38 -7.73 9.45 -3.92
N LEU B 39 -7.20 8.37 -4.50
CA LEU B 39 -7.81 7.03 -4.49
C LEU B 39 -8.15 6.56 -3.06
N TYR B 40 -7.17 6.67 -2.15
CA TYR B 40 -7.28 6.28 -0.75
C TYR B 40 -8.38 7.05 0.01
N GLY B 41 -8.65 8.31 -0.35
CA GLY B 41 -9.71 9.12 0.27
C GLY B 41 -11.04 9.10 -0.47
N ASN B 42 -11.04 8.81 -1.78
CA ASN B 42 -12.21 8.91 -2.65
C ASN B 42 -12.98 7.60 -2.73
N THR B 43 -12.28 6.45 -2.63
CA THR B 43 -12.92 5.13 -2.65
C THR B 43 -13.84 4.93 -1.45
N ALA B 44 -13.39 5.34 -0.25
CA ALA B 44 -14.11 5.41 1.02
C ALA B 44 -14.74 4.11 1.56
N ASP B 45 -14.76 3.02 0.78
CA ASP B 45 -15.06 1.67 1.26
C ASP B 45 -13.92 1.09 2.10
N GLU B 46 -14.22 -0.01 2.80
CA GLU B 46 -13.35 -0.62 3.80
C GLU B 46 -12.12 -1.28 3.16
N ILE B 47 -10.93 -0.82 3.53
CA ILE B 47 -9.65 -1.35 3.05
C ILE B 47 -9.45 -2.81 3.46
N ILE B 48 -9.11 -3.62 2.46
CA ILE B 48 -8.80 -5.04 2.53
C ILE B 48 -7.33 -5.21 2.14
N LYS B 49 -6.93 -4.75 0.95
CA LYS B 49 -5.53 -4.72 0.51
C LYS B 49 -5.18 -3.41 -0.18
N LEU B 50 -3.89 -3.08 -0.15
CA LEU B 50 -3.30 -1.96 -0.87
C LEU B 50 -1.84 -2.31 -1.22
N ARG B 51 -1.59 -2.52 -2.51
CA ARG B 51 -0.25 -2.72 -3.06
C ARG B 51 0.15 -1.48 -3.85
N LEU B 52 1.13 -0.72 -3.37
CA LEU B 52 1.75 0.36 -4.13
C LEU B 52 3.16 -0.05 -4.52
N ASP B 53 3.57 0.28 -5.75
CA ASP B 53 4.86 -0.13 -6.31
C ASP B 53 5.34 0.94 -7.29
N LYS B 54 6.51 1.55 -7.04
CA LYS B 54 7.21 2.29 -8.09
C LYS B 54 7.69 1.30 -9.15
N VAL B 55 7.31 1.59 -10.38
CA VAL B 55 7.19 0.57 -11.41
C VAL B 55 8.52 0.32 -12.14
N LEU B 56 8.60 -0.88 -12.69
CA LEU B 56 9.63 -1.36 -13.60
C LEU B 56 9.42 -0.83 -15.04
N MET A 1 -0.85 -24.18 8.07
CA MET A 1 -1.36 -24.31 9.44
C MET A 1 -0.58 -23.43 10.42
N VAL A 2 0.71 -23.71 10.62
CA VAL A 2 1.52 -23.10 11.68
C VAL A 2 1.68 -21.60 11.48
N GLN A 3 1.85 -21.16 10.23
CA GLN A 3 1.86 -19.76 9.87
C GLN A 3 0.50 -19.11 10.11
N ASN A 4 0.48 -18.23 11.10
CA ASN A 4 -0.64 -17.35 11.33
C ASN A 4 -0.71 -16.27 10.24
N ASP A 5 -1.92 -15.80 9.99
CA ASP A 5 -2.29 -14.83 8.95
C ASP A 5 -1.96 -13.39 9.37
N PHE A 6 -0.88 -13.20 10.15
CA PHE A 6 -0.56 -11.99 10.92
C PHE A 6 -1.74 -11.51 11.78
N VAL A 7 -2.51 -12.46 12.31
CA VAL A 7 -3.85 -12.25 12.85
C VAL A 7 -3.88 -11.38 14.11
N ASP A 8 -4.05 -10.08 13.92
CA ASP A 8 -4.29 -9.08 14.97
C ASP A 8 -4.94 -7.84 14.34
N SER A 9 -4.11 -6.99 13.72
CA SER A 9 -4.50 -5.80 12.99
C SER A 9 -3.53 -5.59 11.82
N TYR A 10 -3.78 -4.56 11.01
CA TYR A 10 -3.25 -4.39 9.65
C TYR A 10 -1.73 -4.63 9.54
N ASP A 11 -1.35 -5.14 8.38
CA ASP A 11 -0.01 -5.54 7.98
C ASP A 11 0.48 -4.66 6.84
N VAL A 12 1.55 -3.90 7.07
CA VAL A 12 2.10 -2.92 6.14
C VAL A 12 3.57 -3.21 5.84
N THR A 13 3.80 -3.91 4.74
CA THR A 13 5.12 -4.30 4.24
C THR A 13 5.64 -3.23 3.30
N MET A 14 6.68 -2.53 3.76
CA MET A 14 7.14 -1.26 3.22
C MET A 14 8.59 -1.36 2.77
N LEU A 15 8.92 -0.61 1.73
CA LEU A 15 10.21 -0.59 1.10
C LEU A 15 10.57 0.81 0.61
N LEU A 16 11.67 1.33 1.17
CA LEU A 16 12.29 2.58 0.76
C LEU A 16 13.66 2.31 0.13
N GLN A 17 14.24 3.35 -0.46
CA GLN A 17 15.58 3.35 -1.00
C GLN A 17 16.43 4.46 -0.37
N ASP A 18 17.59 4.08 0.16
CA ASP A 18 18.55 4.97 0.79
C ASP A 18 19.35 5.76 -0.29
N ASP A 19 20.07 6.78 0.17
CA ASP A 19 20.83 7.73 -0.63
C ASP A 19 21.89 7.09 -1.53
N ASP A 20 22.55 6.01 -1.07
CA ASP A 20 23.50 5.25 -1.87
C ASP A 20 22.82 4.23 -2.80
N GLY A 21 21.49 4.13 -2.75
CA GLY A 21 20.68 3.24 -3.58
C GLY A 21 20.27 1.95 -2.89
N LYS A 22 20.61 1.77 -1.61
CA LYS A 22 20.26 0.57 -0.86
C LYS A 22 18.77 0.52 -0.58
N GLN A 23 18.09 -0.50 -1.11
CA GLN A 23 16.68 -0.72 -0.87
C GLN A 23 16.48 -1.54 0.41
N TYR A 24 15.68 -1.01 1.33
CA TYR A 24 15.50 -1.61 2.65
C TYR A 24 14.03 -1.85 2.99
N TYR A 25 13.68 -3.14 3.09
CA TYR A 25 12.38 -3.59 3.56
C TYR A 25 12.23 -3.43 5.06
N GLU A 26 11.00 -3.15 5.47
CA GLU A 26 10.52 -3.25 6.83
C GLU A 26 9.05 -3.67 6.86
N TYR A 27 8.67 -4.38 7.91
CA TYR A 27 7.38 -5.05 8.04
C TYR A 27 6.66 -4.45 9.24
N HIS A 28 5.61 -3.67 8.99
CA HIS A 28 4.93 -2.87 10.00
C HIS A 28 3.51 -3.41 10.20
N LYS A 29 3.39 -4.47 10.99
CA LYS A 29 2.12 -5.13 11.25
C LYS A 29 1.62 -4.92 12.67
N GLY A 30 0.36 -5.30 12.92
CA GLY A 30 -0.29 -5.15 14.21
C GLY A 30 -0.62 -3.69 14.54
N LEU A 31 -1.02 -2.92 13.53
CA LEU A 31 -1.36 -1.50 13.64
C LEU A 31 -2.65 -1.20 12.88
N SER A 32 -3.03 0.06 12.70
CA SER A 32 -4.26 0.41 11.98
C SER A 32 -4.04 1.52 10.96
N LEU A 33 -5.09 1.90 10.24
CA LEU A 33 -4.99 2.84 9.13
C LEU A 33 -4.45 4.22 9.55
N SER A 34 -4.73 4.66 10.77
CA SER A 34 -4.17 5.89 11.34
C SER A 34 -2.67 5.79 11.65
N ASP A 35 -2.16 4.58 11.92
CA ASP A 35 -0.74 4.31 12.12
C ASP A 35 -0.01 4.08 10.78
N PHE A 36 -0.72 3.54 9.79
CA PHE A 36 -0.28 3.54 8.41
C PHE A 36 -0.10 4.98 7.88
N GLU A 37 -1.03 5.90 8.18
CA GLU A 37 -0.91 7.32 7.84
C GLU A 37 0.32 7.99 8.48
N VAL A 38 0.82 7.46 9.60
CA VAL A 38 2.12 7.89 10.15
C VAL A 38 3.27 7.39 9.28
N LEU A 39 3.30 6.09 8.93
CA LEU A 39 4.32 5.54 8.05
C LEU A 39 4.38 6.28 6.71
N TYR A 40 3.22 6.44 6.05
CA TYR A 40 3.13 7.17 4.79
C TYR A 40 3.48 8.67 4.93
N GLY A 41 3.16 9.30 6.07
CA GLY A 41 3.38 10.72 6.31
C GLY A 41 4.79 11.08 6.79
N ASN A 42 5.52 10.13 7.39
CA ASN A 42 6.81 10.38 8.02
C ASN A 42 7.97 9.66 7.32
N THR A 43 7.70 8.48 6.73
CA THR A 43 8.69 7.44 6.50
C THR A 43 8.73 6.99 5.04
N ALA A 44 7.80 7.48 4.20
CA ALA A 44 7.72 7.25 2.76
C ALA A 44 8.89 7.85 1.92
N ASP A 45 10.07 8.03 2.55
CA ASP A 45 11.28 8.61 1.98
C ASP A 45 11.81 7.76 0.81
N GLU A 46 11.51 8.19 -0.43
CA GLU A 46 11.74 7.44 -1.67
C GLU A 46 11.15 6.02 -1.64
N ILE A 47 9.84 5.97 -1.45
CA ILE A 47 9.06 4.75 -1.47
C ILE A 47 9.08 4.07 -2.85
N ILE A 48 9.32 2.75 -2.79
CA ILE A 48 9.47 1.84 -3.91
C ILE A 48 8.34 0.80 -3.89
N LYS A 49 8.09 0.17 -2.73
CA LYS A 49 6.93 -0.72 -2.57
C LYS A 49 6.29 -0.50 -1.21
N LEU A 50 4.97 -0.66 -1.18
CA LEU A 50 4.14 -0.56 0.01
C LEU A 50 2.92 -1.46 -0.19
N ARG A 51 2.96 -2.62 0.46
CA ARG A 51 1.83 -3.54 0.56
C ARG A 51 1.12 -3.32 1.89
N LEU A 52 -0.18 -3.08 1.85
CA LEU A 52 -1.02 -3.07 3.04
C LEU A 52 -2.17 -4.05 2.87
N ASP A 53 -2.41 -4.85 3.91
CA ASP A 53 -3.50 -5.80 3.99
C ASP A 53 -4.20 -5.63 5.34
N LYS A 54 -5.55 -5.60 5.36
CA LYS A 54 -6.23 -6.01 6.58
C LYS A 54 -6.01 -7.50 6.79
N VAL A 55 -5.73 -7.87 8.04
CA VAL A 55 -5.28 -9.21 8.37
C VAL A 55 -6.46 -10.12 8.67
N LEU A 56 -6.34 -11.35 8.17
CA LEU A 56 -7.38 -12.37 8.05
C LEU A 56 -8.72 -11.82 7.52
N MET B 1 8.40 -0.37 -17.82
CA MET B 1 9.12 -1.04 -18.91
C MET B 1 8.25 -1.22 -20.16
N VAL B 2 7.06 -1.82 -20.04
CA VAL B 2 6.08 -1.85 -21.12
C VAL B 2 5.19 -0.60 -21.03
N GLN B 3 5.58 0.43 -21.78
CA GLN B 3 5.16 1.82 -21.60
C GLN B 3 3.75 2.16 -22.08
N ASN B 4 2.88 1.16 -22.04
CA ASN B 4 1.44 1.23 -22.31
C ASN B 4 0.60 0.45 -21.29
N ASP B 5 1.24 -0.26 -20.35
CA ASP B 5 0.55 -1.08 -19.35
C ASP B 5 1.21 -0.98 -17.97
N PHE B 6 2.54 -0.90 -17.95
CA PHE B 6 3.35 -0.55 -16.78
C PHE B 6 4.42 0.46 -17.20
N VAL B 7 3.96 1.68 -17.46
CA VAL B 7 4.80 2.86 -17.67
C VAL B 7 5.33 3.38 -16.32
N ASP B 8 6.53 3.98 -16.33
CA ASP B 8 7.09 4.62 -15.15
C ASP B 8 6.14 5.71 -14.61
N SER B 9 6.09 5.75 -13.29
CA SER B 9 4.95 6.10 -12.43
C SER B 9 4.96 5.20 -11.20
N TYR B 10 3.96 5.35 -10.33
CA TYR B 10 3.53 4.30 -9.42
C TYR B 10 2.39 3.47 -10.03
N ASP B 11 2.20 2.29 -9.45
CA ASP B 11 1.03 1.43 -9.56
C ASP B 11 0.30 1.48 -8.23
N VAL B 12 -1.02 1.48 -8.27
CA VAL B 12 -1.91 1.41 -7.11
C VAL B 12 -2.95 0.33 -7.36
N THR B 13 -2.64 -0.88 -6.92
CA THR B 13 -3.63 -1.95 -6.78
C THR B 13 -4.39 -1.74 -5.47
N MET B 14 -5.71 -1.98 -5.45
CA MET B 14 -6.53 -1.82 -4.25
C MET B 14 -7.69 -2.79 -4.22
N LEU B 15 -8.19 -3.09 -3.02
CA LEU B 15 -9.25 -4.05 -2.79
C LEU B 15 -10.12 -3.61 -1.63
N LEU B 16 -11.41 -3.40 -1.92
CA LEU B 16 -12.43 -2.90 -1.01
C LEU B 16 -13.53 -3.95 -0.81
N GLN B 17 -14.47 -3.63 0.08
CA GLN B 17 -15.60 -4.49 0.39
C GLN B 17 -16.91 -3.71 0.25
N ASP B 18 -17.88 -4.30 -0.45
CA ASP B 18 -19.21 -3.76 -0.65
C ASP B 18 -20.08 -3.91 0.61
N ASP B 19 -21.17 -3.14 0.68
CA ASP B 19 -22.15 -3.22 1.77
C ASP B 19 -22.84 -4.59 1.89
N ASP B 20 -22.88 -5.39 0.82
CA ASP B 20 -23.36 -6.77 0.87
C ASP B 20 -22.33 -7.73 1.50
N GLY B 21 -21.11 -7.26 1.78
CA GLY B 21 -20.04 -8.02 2.42
C GLY B 21 -19.10 -8.71 1.44
N LYS B 22 -19.26 -8.48 0.14
CA LYS B 22 -18.44 -9.08 -0.90
C LYS B 22 -17.31 -8.13 -1.30
N GLN B 23 -16.17 -8.72 -1.64
CA GLN B 23 -14.93 -7.99 -1.86
C GLN B 23 -14.69 -7.81 -3.35
N TYR B 24 -14.19 -6.63 -3.72
CA TYR B 24 -13.94 -6.27 -5.10
C TYR B 24 -12.62 -5.52 -5.25
N TYR B 25 -12.06 -5.63 -6.44
CA TYR B 25 -10.68 -5.30 -6.75
C TYR B 25 -10.59 -4.21 -7.81
N GLU B 26 -9.57 -3.37 -7.67
CA GLU B 26 -9.20 -2.33 -8.61
C GLU B 26 -7.70 -2.29 -8.81
N TYR B 27 -7.28 -1.76 -9.96
CA TYR B 27 -5.89 -1.53 -10.31
C TYR B 27 -5.75 -0.22 -11.07
N HIS B 28 -4.71 0.54 -10.73
CA HIS B 28 -4.50 1.91 -11.20
C HIS B 28 -3.00 2.14 -11.42
N LYS B 29 -2.53 1.74 -12.60
CA LYS B 29 -1.17 2.02 -13.05
C LYS B 29 -1.06 3.45 -13.60
N GLY B 30 0.18 3.94 -13.72
CA GLY B 30 0.47 5.12 -14.53
C GLY B 30 0.11 6.44 -13.84
N LEU B 31 0.17 6.48 -12.51
CA LEU B 31 -0.17 7.64 -11.70
C LEU B 31 0.86 7.84 -10.58
N SER B 32 0.58 8.72 -9.61
CA SER B 32 1.57 9.20 -8.67
C SER B 32 1.10 9.15 -7.21
N LEU B 33 1.97 9.55 -6.29
CA LEU B 33 1.66 9.60 -4.86
C LEU B 33 0.47 10.50 -4.54
N SER B 34 0.36 11.64 -5.23
CA SER B 34 -0.79 12.55 -5.09
C SER B 34 -2.10 11.97 -5.63
N ASP B 35 -2.03 10.95 -6.50
CA ASP B 35 -3.19 10.24 -7.05
C ASP B 35 -3.57 9.02 -6.19
N PHE B 36 -2.58 8.37 -5.56
CA PHE B 36 -2.80 7.44 -4.47
C PHE B 36 -3.56 8.09 -3.31
N GLU B 37 -3.17 9.31 -2.94
CA GLU B 37 -3.85 10.10 -1.91
C GLU B 37 -5.30 10.44 -2.27
N VAL B 38 -5.65 10.47 -3.56
CA VAL B 38 -7.05 10.55 -3.99
C VAL B 38 -7.75 9.23 -3.71
N LEU B 39 -7.26 8.10 -4.26
CA LEU B 39 -7.93 6.81 -4.10
C LEU B 39 -8.06 6.42 -2.63
N TYR B 40 -6.99 6.51 -1.85
CA TYR B 40 -7.02 6.25 -0.42
C TYR B 40 -7.91 7.25 0.34
N GLY B 41 -7.88 8.53 -0.03
CA GLY B 41 -8.63 9.58 0.65
C GLY B 41 -10.12 9.62 0.33
N ASN B 42 -10.55 9.02 -0.79
CA ASN B 42 -11.90 9.17 -1.33
C ASN B 42 -12.68 7.85 -1.46
N THR B 43 -11.95 6.76 -1.65
CA THR B 43 -12.48 5.56 -2.29
C THR B 43 -12.19 4.31 -1.46
N ALA B 44 -11.38 4.43 -0.40
CA ALA B 44 -11.00 3.34 0.48
C ALA B 44 -12.15 2.83 1.38
N ASP B 45 -13.21 2.31 0.74
CA ASP B 45 -14.50 1.99 1.30
C ASP B 45 -14.49 0.57 1.91
N GLU B 46 -14.08 0.49 3.17
CA GLU B 46 -13.67 -0.74 3.86
C GLU B 46 -12.56 -1.45 3.09
N ILE B 47 -11.37 -0.87 3.21
CA ILE B 47 -10.15 -1.33 2.56
C ILE B 47 -9.60 -2.61 3.21
N ILE B 48 -9.33 -3.58 2.33
CA ILE B 48 -8.96 -4.96 2.59
C ILE B 48 -7.53 -5.20 2.13
N LYS B 49 -7.17 -4.69 0.94
CA LYS B 49 -5.78 -4.62 0.47
C LYS B 49 -5.52 -3.32 -0.26
N LEU B 50 -4.26 -2.90 -0.27
CA LEU B 50 -3.69 -2.08 -1.32
C LEU B 50 -2.22 -2.43 -1.56
N ARG B 51 -1.75 -2.08 -2.74
CA ARG B 51 -0.36 -2.18 -3.14
C ARG B 51 0.02 -0.96 -3.96
N LEU B 52 0.82 -0.08 -3.34
CA LEU B 52 1.47 1.04 -4.00
C LEU B 52 2.91 0.60 -4.35
N ASP B 53 3.25 0.66 -5.63
CA ASP B 53 4.45 0.02 -6.16
C ASP B 53 5.05 0.89 -7.26
N LYS B 54 6.22 1.50 -7.02
CA LYS B 54 6.90 2.30 -8.03
C LYS B 54 7.31 1.45 -9.23
N VAL B 55 6.69 1.77 -10.37
CA VAL B 55 6.92 1.11 -11.65
C VAL B 55 8.26 1.53 -12.22
N LEU B 56 8.78 0.62 -13.04
CA LEU B 56 10.04 0.65 -13.74
C LEU B 56 9.93 0.03 -15.14
N MET A 1 3.69 -3.81 18.57
CA MET A 1 3.27 -5.20 18.77
C MET A 1 4.24 -6.16 18.16
N VAL A 2 4.56 -7.22 18.89
CA VAL A 2 5.45 -8.26 18.39
C VAL A 2 4.91 -8.92 17.12
N GLN A 3 5.80 -9.04 16.14
CA GLN A 3 5.49 -9.54 14.81
C GLN A 3 5.84 -11.02 14.72
N ASN A 4 5.00 -11.85 15.29
CA ASN A 4 5.28 -13.27 15.47
C ASN A 4 4.19 -14.15 14.84
N ASP A 5 2.92 -13.81 15.07
CA ASP A 5 1.79 -14.72 14.84
C ASP A 5 0.78 -14.16 13.82
N PHE A 6 1.10 -13.01 13.21
CA PHE A 6 0.12 -12.08 12.65
C PHE A 6 -0.97 -11.80 13.66
N VAL A 7 -0.65 -10.88 14.57
CA VAL A 7 -1.56 -10.33 15.55
C VAL A 7 -2.73 -9.59 14.87
N ASP A 8 -3.77 -9.28 15.63
CA ASP A 8 -4.92 -8.54 15.14
C ASP A 8 -4.59 -7.09 14.78
N SER A 9 -5.46 -6.49 13.95
CA SER A 9 -5.30 -5.24 13.22
C SER A 9 -4.27 -5.33 12.08
N TYR A 10 -4.35 -4.36 11.16
CA TYR A 10 -3.80 -4.43 9.81
C TYR A 10 -2.29 -4.75 9.76
N ASP A 11 -1.89 -5.36 8.65
CA ASP A 11 -0.50 -5.59 8.27
C ASP A 11 -0.12 -4.63 7.16
N VAL A 12 1.08 -4.05 7.29
CA VAL A 12 1.74 -3.20 6.30
C VAL A 12 3.13 -3.76 6.07
N THR A 13 3.58 -3.75 4.82
CA THR A 13 4.89 -4.22 4.41
C THR A 13 5.43 -3.21 3.39
N MET A 14 6.61 -2.64 3.63
CA MET A 14 7.05 -1.46 2.88
C MET A 14 8.52 -1.49 2.53
N LEU A 15 8.83 -0.94 1.36
CA LEU A 15 10.13 -0.74 0.80
C LEU A 15 10.35 0.74 0.48
N LEU A 16 11.40 1.27 1.09
CA LEU A 16 11.79 2.68 1.06
C LEU A 16 13.26 2.79 0.69
N GLN A 17 13.73 4.01 0.40
CA GLN A 17 15.09 4.27 -0.04
C GLN A 17 15.69 5.47 0.68
N ASP A 18 16.68 5.17 1.52
CA ASP A 18 17.38 6.11 2.39
C ASP A 18 17.99 7.28 1.60
N ASP A 19 18.36 8.35 2.30
CA ASP A 19 19.12 9.47 1.76
C ASP A 19 20.49 9.06 1.20
N ASP A 20 21.08 8.00 1.77
CA ASP A 20 22.30 7.38 1.25
C ASP A 20 22.05 6.53 -0.02
N GLY A 21 20.79 6.42 -0.45
CA GLY A 21 20.37 5.64 -1.62
C GLY A 21 20.16 4.16 -1.34
N LYS A 22 20.22 3.76 -0.07
CA LYS A 22 20.09 2.38 0.36
C LYS A 22 18.61 2.01 0.50
N GLN A 23 18.17 1.02 -0.27
CA GLN A 23 16.83 0.48 -0.12
C GLN A 23 16.71 -0.39 1.12
N TYR A 24 15.60 -0.25 1.85
CA TYR A 24 15.33 -1.02 3.04
C TYR A 24 13.85 -1.41 3.12
N TYR A 25 13.65 -2.66 3.56
CA TYR A 25 12.39 -3.38 3.55
C TYR A 25 12.04 -3.81 4.97
N GLU A 26 10.81 -3.51 5.38
CA GLU A 26 10.29 -3.84 6.71
C GLU A 26 8.81 -4.20 6.69
N TYR A 27 8.46 -5.08 7.64
CA TYR A 27 7.11 -5.40 8.04
C TYR A 27 6.70 -4.54 9.22
N HIS A 28 5.44 -4.11 9.21
CA HIS A 28 4.82 -3.26 10.23
C HIS A 28 3.35 -3.67 10.38
N LYS A 29 3.06 -4.58 11.30
CA LYS A 29 1.72 -5.13 11.50
C LYS A 29 1.20 -4.89 12.90
N GLY A 30 -0.08 -5.22 13.10
CA GLY A 30 -0.79 -5.00 14.35
C GLY A 30 -1.16 -3.54 14.58
N LEU A 31 -1.49 -2.82 13.51
CA LEU A 31 -1.71 -1.38 13.49
C LEU A 31 -2.89 -1.02 12.59
N SER A 32 -3.08 0.25 12.25
CA SER A 32 -4.28 0.69 11.54
C SER A 32 -3.98 1.63 10.37
N LEU A 33 -5.04 2.07 9.69
CA LEU A 33 -4.93 2.89 8.48
C LEU A 33 -4.36 4.28 8.77
N SER A 34 -4.52 4.78 9.99
CA SER A 34 -3.89 6.01 10.46
C SER A 34 -2.41 5.83 10.80
N ASP A 35 -2.02 4.61 11.20
CA ASP A 35 -0.63 4.26 11.44
C ASP A 35 0.12 3.99 10.14
N PHE A 36 -0.59 3.52 9.10
CA PHE A 36 -0.08 3.54 7.74
C PHE A 36 0.24 4.96 7.28
N GLU A 37 -0.64 5.94 7.53
CA GLU A 37 -0.38 7.33 7.17
C GLU A 37 0.85 7.92 7.87
N VAL A 38 1.19 7.42 9.06
CA VAL A 38 2.47 7.74 9.71
C VAL A 38 3.62 7.13 8.93
N LEU A 39 3.61 5.82 8.68
CA LEU A 39 4.70 5.16 7.96
C LEU A 39 4.91 5.73 6.56
N TYR A 40 3.82 5.99 5.83
CA TYR A 40 3.81 6.61 4.52
C TYR A 40 4.27 8.07 4.56
N GLY A 41 3.73 8.87 5.49
CA GLY A 41 3.88 10.33 5.47
C GLY A 41 5.10 10.85 6.24
N ASN A 42 5.50 10.19 7.32
CA ASN A 42 6.59 10.65 8.17
C ASN A 42 7.97 10.28 7.61
N THR A 43 8.05 9.11 6.96
CA THR A 43 9.32 8.42 6.73
C THR A 43 10.13 9.04 5.59
N ALA A 44 9.45 9.67 4.63
CA ALA A 44 9.97 10.50 3.53
C ALA A 44 10.99 9.86 2.56
N ASP A 45 11.31 8.58 2.73
CA ASP A 45 12.30 7.85 1.95
C ASP A 45 11.71 7.28 0.66
N GLU A 46 11.19 8.19 -0.17
CA GLU A 46 10.88 8.12 -1.60
C GLU A 46 9.69 7.25 -2.02
N ILE A 47 9.36 6.20 -1.27
CA ILE A 47 8.34 5.19 -1.59
C ILE A 47 8.64 4.46 -2.91
N ILE A 48 9.00 3.19 -2.75
CA ILE A 48 9.47 2.32 -3.82
C ILE A 48 8.45 1.21 -4.03
N LYS A 49 8.09 0.49 -2.96
CA LYS A 49 6.97 -0.44 -2.93
C LYS A 49 6.29 -0.40 -1.57
N LEU A 50 5.02 -0.78 -1.54
CA LEU A 50 4.34 -1.16 -0.31
C LEU A 50 3.22 -2.16 -0.57
N ARG A 51 2.80 -2.80 0.52
CA ARG A 51 1.65 -3.67 0.64
C ARG A 51 0.92 -3.37 1.95
N LEU A 52 -0.38 -3.61 1.96
CA LEU A 52 -1.24 -3.55 3.13
C LEU A 52 -2.32 -4.61 2.99
N ASP A 53 -2.71 -5.20 4.13
CA ASP A 53 -3.77 -6.18 4.26
C ASP A 53 -4.53 -5.91 5.55
N LYS A 54 -5.87 -5.92 5.48
CA LYS A 54 -6.63 -6.31 6.67
C LYS A 54 -6.36 -7.77 6.98
N VAL A 55 -6.24 -8.04 8.29
CA VAL A 55 -5.86 -9.35 8.77
C VAL A 55 -7.10 -10.14 9.16
N LEU A 56 -7.00 -11.44 8.87
CA LEU A 56 -8.08 -12.43 8.88
C LEU A 56 -9.40 -11.88 8.29
N MET B 1 1.40 -4.01 -28.95
CA MET B 1 2.28 -3.72 -27.82
C MET B 1 2.44 -2.25 -27.73
N VAL B 2 2.30 -1.77 -26.50
CA VAL B 2 2.53 -0.38 -26.25
C VAL B 2 3.34 -0.12 -24.98
N GLN B 3 3.23 -1.00 -24.00
CA GLN B 3 3.99 -0.93 -22.78
C GLN B 3 4.55 -2.29 -22.48
N ASN B 4 5.76 -2.29 -21.93
CA ASN B 4 6.42 -3.51 -21.51
C ASN B 4 5.69 -4.14 -20.35
N ASP B 5 5.67 -3.42 -19.22
CA ASP B 5 5.02 -3.91 -18.02
C ASP B 5 4.47 -2.74 -17.22
N PHE B 6 3.90 -1.79 -17.99
CA PHE B 6 3.54 -0.45 -17.58
C PHE B 6 4.57 0.24 -16.68
N VAL B 7 5.84 0.10 -17.07
CA VAL B 7 7.00 0.65 -16.39
C VAL B 7 7.16 2.13 -16.72
N ASP B 8 6.41 2.96 -16.00
CA ASP B 8 6.41 4.41 -16.22
C ASP B 8 6.21 5.18 -14.90
N SER B 9 4.94 5.26 -14.47
CA SER B 9 4.50 5.94 -13.26
C SER B 9 3.63 5.00 -12.42
N TYR B 10 3.48 5.31 -11.14
CA TYR B 10 3.16 4.36 -10.08
C TYR B 10 1.95 3.47 -10.39
N ASP B 11 2.04 2.23 -9.93
CA ASP B 11 0.95 1.26 -9.84
C ASP B 11 0.35 1.35 -8.44
N VAL B 12 -0.98 1.33 -8.37
CA VAL B 12 -1.77 1.25 -7.16
C VAL B 12 -2.87 0.21 -7.37
N THR B 13 -2.57 -1.03 -6.99
CA THR B 13 -3.48 -2.16 -7.02
C THR B 13 -4.19 -2.23 -5.67
N MET B 14 -5.52 -2.07 -5.64
CA MET B 14 -6.28 -1.95 -4.40
C MET B 14 -7.53 -2.81 -4.41
N LEU B 15 -7.91 -3.28 -3.22
CA LEU B 15 -9.10 -4.05 -2.96
C LEU B 15 -9.90 -3.42 -1.81
N LEU B 16 -11.05 -2.88 -2.19
CA LEU B 16 -12.06 -2.35 -1.29
C LEU B 16 -13.27 -3.28 -1.21
N GLN B 17 -14.17 -2.98 -0.28
CA GLN B 17 -15.40 -3.72 -0.09
C GLN B 17 -16.59 -2.77 -0.08
N ASP B 18 -17.51 -2.96 -1.02
CA ASP B 18 -18.80 -2.29 -0.99
C ASP B 18 -19.61 -2.79 0.22
N ASP B 19 -20.42 -1.90 0.79
CA ASP B 19 -21.19 -2.17 2.01
C ASP B 19 -22.31 -3.20 1.82
N ASP B 20 -22.59 -3.60 0.57
CA ASP B 20 -23.40 -4.77 0.25
C ASP B 20 -22.62 -6.10 0.40
N GLY B 21 -21.34 -6.02 0.78
CA GLY B 21 -20.44 -7.16 1.00
C GLY B 21 -19.58 -7.51 -0.20
N LYS B 22 -19.59 -6.69 -1.25
CA LYS B 22 -18.97 -7.01 -2.54
C LYS B 22 -17.56 -6.44 -2.59
N GLN B 23 -16.58 -7.33 -2.50
CA GLN B 23 -15.18 -6.98 -2.65
C GLN B 23 -14.83 -6.76 -4.11
N TYR B 24 -14.21 -5.61 -4.41
CA TYR B 24 -13.86 -5.24 -5.77
C TYR B 24 -12.40 -4.79 -5.86
N TYR B 25 -11.65 -5.48 -6.73
CA TYR B 25 -10.30 -5.09 -7.11
C TYR B 25 -10.34 -3.93 -8.10
N GLU B 26 -9.31 -3.09 -8.02
CA GLU B 26 -8.96 -2.11 -9.02
C GLU B 26 -7.44 -2.03 -9.18
N TYR B 27 -7.01 -1.68 -10.39
CA TYR B 27 -5.63 -1.68 -10.84
C TYR B 27 -5.31 -0.31 -11.41
N HIS B 28 -4.85 0.61 -10.56
CA HIS B 28 -4.67 2.01 -10.92
C HIS B 28 -3.20 2.28 -11.21
N LYS B 29 -2.79 1.99 -12.44
CA LYS B 29 -1.42 2.21 -12.90
C LYS B 29 -1.28 3.47 -13.76
N GLY B 30 -0.08 4.04 -13.74
CA GLY B 30 0.23 5.31 -14.40
C GLY B 30 -0.02 6.54 -13.52
N LEU B 31 0.02 6.36 -12.19
CA LEU B 31 -0.31 7.37 -11.19
C LEU B 31 0.95 7.98 -10.56
N SER B 32 0.74 8.84 -9.57
CA SER B 32 1.80 9.29 -8.68
C SER B 32 1.32 9.21 -7.23
N LEU B 33 2.21 9.53 -6.28
CA LEU B 33 1.87 9.47 -4.87
C LEU B 33 0.72 10.41 -4.47
N SER B 34 0.59 11.57 -5.12
CA SER B 34 -0.54 12.48 -4.89
C SER B 34 -1.86 11.93 -5.43
N ASP B 35 -1.84 11.08 -6.47
CA ASP B 35 -3.02 10.42 -7.02
C ASP B 35 -3.40 9.17 -6.20
N PHE B 36 -2.40 8.50 -5.61
CA PHE B 36 -2.62 7.50 -4.58
C PHE B 36 -3.36 8.09 -3.37
N GLU B 37 -2.96 9.26 -2.88
CA GLU B 37 -3.64 9.91 -1.75
C GLU B 37 -5.12 10.23 -2.01
N VAL B 38 -5.51 10.39 -3.27
CA VAL B 38 -6.92 10.51 -3.66
C VAL B 38 -7.66 9.18 -3.52
N LEU B 39 -7.08 8.07 -3.99
CA LEU B 39 -7.66 6.76 -3.78
C LEU B 39 -7.67 6.38 -2.29
N TYR B 40 -6.62 6.75 -1.55
CA TYR B 40 -6.54 6.58 -0.11
C TYR B 40 -7.53 7.46 0.66
N GLY B 41 -8.09 8.50 0.02
CA GLY B 41 -9.26 9.22 0.54
C GLY B 41 -10.51 8.34 0.61
N ASN B 42 -10.69 7.43 -0.35
CA ASN B 42 -11.82 6.50 -0.36
C ASN B 42 -11.64 5.29 0.56
N THR B 43 -10.40 5.04 1.02
CA THR B 43 -10.02 3.91 1.88
C THR B 43 -10.79 3.83 3.19
N ALA B 44 -11.38 4.95 3.63
CA ALA B 44 -12.28 4.99 4.76
C ALA B 44 -13.49 4.05 4.66
N ASP B 45 -13.73 3.42 3.50
CA ASP B 45 -14.88 2.56 3.26
C ASP B 45 -14.55 1.06 3.35
N GLU B 46 -13.72 0.69 4.33
CA GLU B 46 -13.38 -0.68 4.73
C GLU B 46 -12.47 -1.38 3.72
N ILE B 47 -11.22 -0.91 3.66
CA ILE B 47 -10.18 -1.52 2.83
C ILE B 47 -9.79 -2.90 3.30
N ILE B 48 -9.35 -3.70 2.33
CA ILE B 48 -9.04 -5.12 2.44
C ILE B 48 -7.59 -5.37 2.04
N LYS B 49 -7.18 -4.91 0.84
CA LYS B 49 -5.78 -4.94 0.40
C LYS B 49 -5.39 -3.68 -0.34
N LEU B 50 -4.08 -3.45 -0.39
CA LEU B 50 -3.43 -2.45 -1.22
C LEU B 50 -2.01 -2.91 -1.53
N ARG B 51 -1.59 -2.65 -2.76
CA ARG B 51 -0.22 -2.77 -3.25
C ARG B 51 0.11 -1.53 -4.09
N LEU B 52 1.21 -0.86 -3.77
CA LEU B 52 1.71 0.26 -4.55
C LEU B 52 3.18 0.04 -4.89
N ASP B 53 3.57 0.51 -6.07
CA ASP B 53 4.89 0.30 -6.65
C ASP B 53 5.27 1.53 -7.48
N LYS B 54 6.47 2.09 -7.30
CA LYS B 54 6.95 3.14 -8.22
C LYS B 54 7.31 2.71 -9.64
N VAL B 55 6.84 1.54 -10.01
CA VAL B 55 7.06 0.74 -11.20
C VAL B 55 8.46 0.87 -11.78
N LEU B 56 9.27 -0.04 -11.27
CA LEU B 56 10.69 -0.14 -11.48
C LEU B 56 11.17 -1.59 -11.30
N MET A 1 -3.65 -0.56 18.36
CA MET A 1 -3.61 -1.93 17.81
C MET A 1 -2.17 -2.40 17.81
N VAL A 2 -1.93 -3.64 18.25
CA VAL A 2 -0.67 -4.36 18.07
C VAL A 2 -0.99 -5.81 17.76
N GLN A 3 -0.04 -6.53 17.18
CA GLN A 3 -0.15 -7.96 16.92
C GLN A 3 -0.37 -8.76 18.21
N ASN A 4 -1.09 -9.87 18.11
CA ASN A 4 -1.11 -10.89 19.15
C ASN A 4 0.11 -11.81 19.01
N ASP A 5 0.24 -12.43 17.84
CA ASP A 5 1.39 -13.26 17.46
C ASP A 5 1.52 -13.23 15.94
N PHE A 6 2.28 -12.23 15.43
CA PHE A 6 2.34 -11.79 14.04
C PHE A 6 1.01 -11.23 13.49
N VAL A 7 -0.12 -11.83 13.89
CA VAL A 7 -1.49 -11.56 13.44
C VAL A 7 -2.22 -10.73 14.48
N ASP A 8 -2.90 -9.66 14.02
CA ASP A 8 -4.12 -9.14 14.66
C ASP A 8 -4.92 -8.28 13.65
N SER A 9 -4.43 -7.07 13.41
CA SER A 9 -5.00 -5.99 12.62
C SER A 9 -4.07 -5.67 11.44
N TYR A 10 -4.32 -4.55 10.76
CA TYR A 10 -3.69 -4.16 9.49
C TYR A 10 -2.16 -4.43 9.49
N ASP A 11 -1.70 -5.35 8.65
CA ASP A 11 -0.29 -5.43 8.26
C ASP A 11 0.04 -4.23 7.35
N VAL A 12 1.29 -3.76 7.47
CA VAL A 12 1.91 -2.66 6.74
C VAL A 12 3.33 -3.08 6.37
N THR A 13 3.51 -3.58 5.15
CA THR A 13 4.77 -3.97 4.53
C THR A 13 5.25 -2.80 3.67
N MET A 14 6.28 -2.04 4.07
CA MET A 14 6.75 -0.88 3.30
C MET A 14 8.20 -1.05 2.84
N LEU A 15 8.58 -0.38 1.74
CA LEU A 15 9.89 -0.51 1.12
C LEU A 15 10.27 0.83 0.49
N LEU A 16 11.29 1.46 1.09
CA LEU A 16 11.82 2.76 0.66
C LEU A 16 13.25 2.60 0.13
N GLN A 17 13.77 3.66 -0.45
CA GLN A 17 15.16 3.78 -0.89
C GLN A 17 15.80 5.02 -0.29
N ASP A 18 16.90 4.79 0.43
CA ASP A 18 17.74 5.82 1.03
C ASP A 18 18.54 6.62 -0.02
N ASP A 19 19.04 7.80 0.35
CA ASP A 19 19.84 8.70 -0.49
C ASP A 19 21.18 8.10 -0.95
N ASP A 20 21.72 7.09 -0.26
CA ASP A 20 22.87 6.31 -0.73
C ASP A 20 22.48 5.24 -1.79
N GLY A 21 21.19 5.13 -2.15
CA GLY A 21 20.65 4.16 -3.11
C GLY A 21 20.22 2.83 -2.46
N LYS A 22 20.30 2.76 -1.13
CA LYS A 22 20.03 1.55 -0.36
C LYS A 22 18.52 1.35 -0.16
N GLN A 23 17.97 0.31 -0.79
CA GLN A 23 16.60 -0.12 -0.53
C GLN A 23 16.51 -0.80 0.83
N TYR A 24 15.51 -0.40 1.62
CA TYR A 24 15.27 -0.98 2.94
C TYR A 24 13.77 -1.21 3.19
N TYR A 25 13.51 -2.14 4.11
CA TYR A 25 12.24 -2.83 4.25
C TYR A 25 11.69 -2.61 5.67
N GLU A 26 10.40 -2.27 5.73
CA GLU A 26 9.68 -1.78 6.91
C GLU A 26 8.36 -2.52 7.02
N TYR A 27 8.41 -3.79 7.45
CA TYR A 27 7.24 -4.62 7.66
C TYR A 27 6.79 -4.59 9.13
N HIS A 28 5.65 -3.94 9.35
CA HIS A 28 4.97 -3.77 10.62
C HIS A 28 3.63 -4.50 10.56
N LYS A 29 3.21 -5.10 11.68
CA LYS A 29 2.06 -6.01 11.71
C LYS A 29 1.10 -5.64 12.82
N GLY A 30 -0.17 -5.98 12.62
CA GLY A 30 -1.18 -5.88 13.67
C GLY A 30 -1.58 -4.44 14.01
N LEU A 31 -1.57 -3.51 13.04
CA LEU A 31 -1.72 -2.08 13.26
C LEU A 31 -3.05 -1.58 12.68
N SER A 32 -3.12 -0.31 12.27
CA SER A 32 -4.31 0.28 11.70
C SER A 32 -3.99 1.33 10.63
N LEU A 33 -5.02 1.86 9.96
CA LEU A 33 -4.85 2.87 8.92
C LEU A 33 -4.20 4.15 9.42
N SER A 34 -4.45 4.57 10.67
CA SER A 34 -3.74 5.70 11.27
C SER A 34 -2.24 5.40 11.43
N ASP A 35 -1.86 4.15 11.72
CA ASP A 35 -0.46 3.75 11.90
C ASP A 35 0.28 3.65 10.56
N PHE A 36 -0.44 3.19 9.52
CA PHE A 36 -0.02 3.27 8.12
C PHE A 36 0.21 4.72 7.69
N GLU A 37 -0.77 5.61 7.94
CA GLU A 37 -0.71 7.04 7.66
C GLU A 37 0.51 7.71 8.30
N VAL A 38 0.85 7.33 9.55
CA VAL A 38 2.11 7.73 10.20
C VAL A 38 3.32 7.20 9.43
N LEU A 39 3.43 5.89 9.18
CA LEU A 39 4.64 5.31 8.56
C LEU A 39 4.91 5.87 7.14
N TYR A 40 3.87 5.96 6.31
CA TYR A 40 3.93 6.54 4.97
C TYR A 40 4.34 8.02 4.99
N GLY A 41 3.99 8.78 6.03
CA GLY A 41 4.36 10.20 6.17
C GLY A 41 5.72 10.43 6.85
N ASN A 42 6.10 9.58 7.81
CA ASN A 42 7.25 9.77 8.68
C ASN A 42 8.54 9.20 8.10
N THR A 43 8.43 8.13 7.28
CA THR A 43 9.59 7.53 6.61
C THR A 43 10.27 8.51 5.66
N ALA A 44 9.48 9.24 4.87
CA ALA A 44 9.87 10.30 3.91
C ALA A 44 10.91 9.93 2.83
N ASP A 45 11.61 8.80 2.95
CA ASP A 45 12.44 8.24 1.89
C ASP A 45 11.59 7.78 0.71
N GLU A 46 12.23 7.66 -0.46
CA GLU A 46 11.57 7.37 -1.72
C GLU A 46 10.95 5.97 -1.72
N ILE A 47 9.61 5.92 -1.66
CA ILE A 47 8.82 4.69 -1.71
C ILE A 47 8.98 4.00 -3.06
N ILE A 48 9.37 2.72 -2.99
CA ILE A 48 9.59 1.79 -4.09
C ILE A 48 8.45 0.78 -4.09
N LYS A 49 8.07 0.29 -2.90
CA LYS A 49 6.96 -0.62 -2.70
C LYS A 49 6.24 -0.32 -1.39
N LEU A 50 4.95 -0.59 -1.32
CA LEU A 50 4.31 -0.96 -0.08
C LEU A 50 3.18 -1.96 -0.34
N ARG A 51 2.77 -2.64 0.73
CA ARG A 51 1.65 -3.55 0.82
C ARG A 51 0.99 -3.38 2.20
N LEU A 52 -0.31 -3.08 2.22
CA LEU A 52 -1.13 -3.04 3.42
C LEU A 52 -2.23 -4.11 3.27
N ASP A 53 -2.60 -4.73 4.40
CA ASP A 53 -3.52 -5.86 4.42
C ASP A 53 -4.28 -5.86 5.73
N LYS A 54 -5.61 -5.62 5.70
CA LYS A 54 -6.49 -5.79 6.85
C LYS A 54 -6.61 -7.26 7.25
N VAL A 55 -5.67 -7.68 8.10
CA VAL A 55 -5.63 -9.01 8.69
C VAL A 55 -6.79 -9.21 9.67
N LEU A 56 -7.17 -10.49 9.76
CA LEU A 56 -8.21 -11.15 10.57
C LEU A 56 -9.51 -10.33 10.73
N MET B 1 2.79 4.72 -24.27
CA MET B 1 4.11 4.04 -24.29
C MET B 1 3.91 2.55 -24.44
N VAL B 2 4.71 1.90 -25.28
CA VAL B 2 4.70 0.45 -25.42
C VAL B 2 5.07 -0.25 -24.12
N GLN B 3 4.38 -1.35 -23.92
CA GLN B 3 4.38 -2.11 -22.69
C GLN B 3 5.56 -3.10 -22.68
N ASN B 4 6.77 -2.57 -22.48
CA ASN B 4 7.99 -3.38 -22.34
C ASN B 4 7.95 -4.31 -21.11
N ASP B 5 7.37 -3.82 -20.01
CA ASP B 5 7.05 -4.56 -18.82
C ASP B 5 5.68 -4.10 -18.27
N PHE B 6 5.68 -3.13 -17.35
CA PHE B 6 4.47 -2.59 -16.74
C PHE B 6 4.24 -1.11 -17.10
N VAL B 7 5.35 -0.39 -17.23
CA VAL B 7 5.56 0.98 -17.74
C VAL B 7 4.71 2.09 -17.08
N ASP B 8 5.12 3.33 -17.36
CA ASP B 8 4.56 4.63 -17.00
C ASP B 8 5.07 5.16 -15.65
N SER B 9 4.39 4.82 -14.55
CA SER B 9 4.60 5.37 -13.21
C SER B 9 3.83 4.51 -12.20
N TYR B 10 3.85 4.93 -10.93
CA TYR B 10 3.38 4.20 -9.74
C TYR B 10 2.12 3.36 -10.02
N ASP B 11 2.19 2.10 -9.60
CA ASP B 11 1.17 1.06 -9.76
C ASP B 11 0.47 0.82 -8.42
N VAL B 12 -0.76 1.34 -8.28
CA VAL B 12 -1.66 1.00 -7.18
C VAL B 12 -2.44 -0.25 -7.55
N THR B 13 -2.51 -1.19 -6.62
CA THR B 13 -3.46 -2.31 -6.66
C THR B 13 -4.16 -2.37 -5.31
N MET B 14 -5.32 -1.71 -5.21
CA MET B 14 -6.08 -1.58 -3.95
C MET B 14 -7.31 -2.49 -3.97
N LEU B 15 -7.85 -2.78 -2.78
CA LEU B 15 -8.87 -3.79 -2.59
C LEU B 15 -9.81 -3.42 -1.44
N LEU B 16 -11.08 -3.30 -1.78
CA LEU B 16 -12.17 -2.84 -0.92
C LEU B 16 -13.20 -3.95 -0.74
N GLN B 17 -14.20 -3.69 0.11
CA GLN B 17 -15.36 -4.55 0.30
C GLN B 17 -16.65 -3.73 0.27
N ASP B 18 -17.55 -4.12 -0.62
CA ASP B 18 -18.85 -3.49 -0.81
C ASP B 18 -19.81 -3.77 0.36
N ASP B 19 -20.91 -3.00 0.43
CA ASP B 19 -22.04 -3.20 1.34
C ASP B 19 -22.66 -4.61 1.25
N ASP B 20 -22.68 -5.22 0.04
CA ASP B 20 -23.11 -6.61 -0.15
C ASP B 20 -22.05 -7.64 0.33
N GLY B 21 -20.90 -7.19 0.86
CA GLY B 21 -19.80 -8.03 1.31
C GLY B 21 -18.88 -8.52 0.18
N LYS B 22 -19.11 -8.06 -1.05
CA LYS B 22 -18.30 -8.41 -2.22
C LYS B 22 -17.00 -7.61 -2.22
N GLN B 23 -15.88 -8.33 -2.23
CA GLN B 23 -14.56 -7.73 -2.34
C GLN B 23 -14.25 -7.36 -3.78
N TYR B 24 -13.81 -6.12 -3.99
CA TYR B 24 -13.55 -5.59 -5.32
C TYR B 24 -12.18 -4.89 -5.39
N TYR B 25 -11.51 -5.10 -6.53
CA TYR B 25 -10.20 -4.56 -6.84
C TYR B 25 -10.30 -3.18 -7.48
N GLU B 26 -9.24 -2.40 -7.25
CA GLU B 26 -8.97 -1.09 -7.81
C GLU B 26 -7.51 -1.06 -8.29
N TYR B 27 -7.26 -1.64 -9.47
CA TYR B 27 -6.02 -1.55 -10.23
C TYR B 27 -5.89 -0.16 -10.87
N HIS B 28 -4.88 0.62 -10.48
CA HIS B 28 -4.62 1.96 -11.02
C HIS B 28 -3.13 2.21 -11.12
N LYS B 29 -2.56 2.08 -12.34
CA LYS B 29 -1.15 2.35 -12.60
C LYS B 29 -0.93 3.55 -13.51
N GLY B 30 0.32 4.01 -13.59
CA GLY B 30 0.70 5.13 -14.45
C GLY B 30 0.28 6.48 -13.86
N LEU B 31 0.39 6.62 -12.54
CA LEU B 31 0.06 7.83 -11.79
C LEU B 31 1.16 8.14 -10.79
N SER B 32 0.93 9.03 -9.81
CA SER B 32 1.90 9.28 -8.74
C SER B 32 1.27 9.39 -7.36
N LEU B 33 2.09 9.68 -6.34
CA LEU B 33 1.68 9.58 -4.93
C LEU B 33 0.45 10.44 -4.57
N SER B 34 0.38 11.68 -5.08
CA SER B 34 -0.78 12.56 -4.89
C SER B 34 -2.06 12.00 -5.54
N ASP B 35 -1.95 11.26 -6.64
CA ASP B 35 -3.06 10.61 -7.34
C ASP B 35 -3.49 9.30 -6.65
N PHE B 36 -2.52 8.58 -6.08
CA PHE B 36 -2.77 7.48 -5.16
C PHE B 36 -3.53 7.98 -3.91
N GLU B 37 -3.10 9.11 -3.32
CA GLU B 37 -3.77 9.72 -2.15
C GLU B 37 -5.22 10.13 -2.45
N VAL B 38 -5.55 10.49 -3.70
CA VAL B 38 -6.94 10.71 -4.14
C VAL B 38 -7.73 9.40 -4.05
N LEU B 39 -7.23 8.32 -4.64
CA LEU B 39 -7.86 6.99 -4.64
C LEU B 39 -8.10 6.48 -3.20
N TYR B 40 -7.04 6.51 -2.38
CA TYR B 40 -7.01 6.15 -0.96
C TYR B 40 -7.95 7.02 -0.12
N GLY B 41 -8.04 8.33 -0.40
CA GLY B 41 -8.89 9.26 0.36
C GLY B 41 -10.38 9.21 -0.03
N ASN B 42 -10.73 8.75 -1.24
CA ASN B 42 -12.10 8.75 -1.75
C ASN B 42 -12.81 7.40 -1.61
N THR B 43 -12.11 6.29 -1.83
CA THR B 43 -12.78 5.01 -2.12
C THR B 43 -13.34 4.36 -0.85
N ALA B 44 -12.54 4.32 0.23
CA ALA B 44 -12.91 4.12 1.65
C ALA B 44 -13.73 2.86 2.03
N ASP B 45 -14.12 2.01 1.08
CA ASP B 45 -14.98 0.83 1.29
C ASP B 45 -14.28 -0.30 2.07
N GLU B 46 -14.26 -0.16 3.40
CA GLU B 46 -13.71 -1.09 4.41
C GLU B 46 -12.21 -1.41 4.33
N ILE B 47 -11.58 -1.12 3.17
CA ILE B 47 -10.16 -1.16 2.80
C ILE B 47 -9.41 -2.36 3.41
N ILE B 48 -9.24 -3.38 2.56
CA ILE B 48 -8.96 -4.78 2.85
C ILE B 48 -7.52 -5.08 2.45
N LYS B 49 -7.09 -4.66 1.24
CA LYS B 49 -5.68 -4.69 0.85
C LYS B 49 -5.32 -3.47 0.02
N LEU B 50 -4.02 -3.19 -0.06
CA LEU B 50 -3.44 -2.10 -0.82
C LEU B 50 -2.01 -2.48 -1.17
N ARG B 51 -1.67 -2.50 -2.46
CA ARG B 51 -0.30 -2.53 -2.92
C ARG B 51 0.00 -1.24 -3.67
N LEU B 52 1.22 -0.75 -3.52
CA LEU B 52 1.78 0.32 -4.34
C LEU B 52 3.20 -0.08 -4.74
N ASP B 53 3.58 0.28 -5.96
CA ASP B 53 4.81 -0.15 -6.60
C ASP B 53 5.27 0.97 -7.53
N LYS B 54 6.39 1.63 -7.21
CA LYS B 54 6.95 2.63 -8.12
C LYS B 54 7.51 1.97 -9.38
N VAL B 55 6.70 1.97 -10.44
CA VAL B 55 7.15 1.68 -11.80
C VAL B 55 8.03 2.82 -12.30
N LEU B 56 8.94 2.48 -13.20
CA LEU B 56 10.02 3.30 -13.73
C LEU B 56 10.23 2.97 -15.20
N MET A 1 2.05 -17.83 20.46
CA MET A 1 0.97 -17.91 19.44
C MET A 1 1.23 -16.95 18.30
N VAL A 2 0.84 -17.34 17.08
CA VAL A 2 0.91 -16.47 15.90
C VAL A 2 -0.23 -15.45 15.90
N GLN A 3 -1.43 -15.91 16.29
CA GLN A 3 -2.58 -15.07 16.61
C GLN A 3 -2.27 -14.12 17.76
N ASN A 4 -2.80 -12.90 17.66
CA ASN A 4 -2.56 -11.79 18.57
C ASN A 4 -1.06 -11.41 18.68
N ASP A 5 -0.25 -11.79 17.68
CA ASP A 5 1.18 -11.48 17.65
C ASP A 5 1.63 -11.00 16.27
N PHE A 6 1.67 -11.90 15.29
CA PHE A 6 1.87 -11.57 13.88
C PHE A 6 0.52 -11.42 13.14
N VAL A 7 -0.52 -12.09 13.63
CA VAL A 7 -1.86 -12.13 13.05
C VAL A 7 -2.86 -11.55 14.05
N ASP A 8 -3.16 -10.25 13.88
CA ASP A 8 -4.04 -9.50 14.77
C ASP A 8 -4.87 -8.46 14.00
N SER A 9 -4.18 -7.44 13.50
CA SER A 9 -4.72 -6.24 12.86
C SER A 9 -3.85 -5.86 11.67
N TYR A 10 -4.16 -4.75 10.99
CA TYR A 10 -3.61 -4.36 9.68
C TYR A 10 -2.10 -4.62 9.55
N ASP A 11 -1.75 -5.29 8.44
CA ASP A 11 -0.47 -5.89 8.13
C ASP A 11 0.20 -5.08 7.00
N VAL A 12 1.08 -4.16 7.40
CA VAL A 12 1.81 -3.25 6.50
C VAL A 12 3.19 -3.83 6.17
N THR A 13 3.63 -3.62 4.94
CA THR A 13 4.97 -3.95 4.46
C THR A 13 5.42 -2.89 3.47
N MET A 14 6.48 -2.14 3.75
CA MET A 14 7.00 -1.15 2.79
C MET A 14 8.48 -1.36 2.45
N LEU A 15 8.87 -0.75 1.34
CA LEU A 15 10.22 -0.66 0.87
C LEU A 15 10.46 0.73 0.26
N LEU A 16 11.34 1.49 0.90
CA LEU A 16 11.65 2.86 0.55
C LEU A 16 13.16 3.02 0.33
N GLN A 17 13.57 4.14 -0.25
CA GLN A 17 14.95 4.43 -0.59
C GLN A 17 15.37 5.76 0.02
N ASP A 18 16.37 5.70 0.91
CA ASP A 18 17.00 6.85 1.55
C ASP A 18 17.73 7.74 0.52
N ASP A 19 17.97 9.00 0.88
CA ASP A 19 18.67 9.98 0.04
C ASP A 19 20.13 9.61 -0.30
N ASP A 20 20.76 8.71 0.47
CA ASP A 20 22.05 8.09 0.11
C ASP A 20 21.93 6.99 -0.97
N GLY A 21 20.70 6.67 -1.40
CA GLY A 21 20.39 5.61 -2.38
C GLY A 21 20.13 4.25 -1.74
N LYS A 22 20.08 4.20 -0.41
CA LYS A 22 20.00 2.98 0.36
C LYS A 22 18.54 2.54 0.52
N GLN A 23 18.19 1.41 -0.09
CA GLN A 23 16.87 0.80 0.05
C GLN A 23 16.73 0.11 1.41
N TYR A 24 15.60 0.36 2.08
CA TYR A 24 15.29 -0.21 3.37
C TYR A 24 13.84 -0.69 3.44
N TYR A 25 13.61 -1.66 4.32
CA TYR A 25 12.40 -2.49 4.38
C TYR A 25 11.71 -2.37 5.74
N GLU A 26 10.39 -2.23 5.72
CA GLU A 26 9.58 -1.79 6.85
C GLU A 26 8.31 -2.66 6.97
N TYR A 27 8.44 -3.80 7.65
CA TYR A 27 7.31 -4.65 8.00
C TYR A 27 6.67 -4.20 9.32
N HIS A 28 5.36 -3.91 9.34
CA HIS A 28 4.63 -3.43 10.50
C HIS A 28 3.21 -4.00 10.54
N LYS A 29 3.00 -5.05 11.33
CA LYS A 29 1.67 -5.68 11.52
C LYS A 29 1.03 -5.29 12.86
N GLY A 30 -0.23 -5.71 13.05
CA GLY A 30 -0.94 -5.57 14.32
C GLY A 30 -1.31 -4.12 14.65
N LEU A 31 -1.57 -3.31 13.62
CA LEU A 31 -1.84 -1.88 13.74
C LEU A 31 -3.10 -1.49 12.97
N SER A 32 -3.31 -0.20 12.69
CA SER A 32 -4.46 0.26 11.90
C SER A 32 -4.11 1.44 10.97
N LEU A 33 -5.09 1.97 10.25
CA LEU A 33 -4.85 2.86 9.11
C LEU A 33 -4.15 4.17 9.47
N SER A 34 -4.40 4.71 10.66
CA SER A 34 -3.70 5.87 11.23
C SER A 34 -2.21 5.60 11.47
N ASP A 35 -1.84 4.36 11.79
CA ASP A 35 -0.45 3.93 11.98
C ASP A 35 0.25 3.64 10.64
N PHE A 36 -0.50 3.17 9.64
CA PHE A 36 -0.04 3.14 8.25
C PHE A 36 0.28 4.56 7.74
N GLU A 37 -0.61 5.51 8.02
CA GLU A 37 -0.46 6.95 7.75
C GLU A 37 0.82 7.52 8.36
N VAL A 38 1.14 7.12 9.60
CA VAL A 38 2.40 7.49 10.24
C VAL A 38 3.58 6.93 9.46
N LEU A 39 3.59 5.64 9.10
CA LEU A 39 4.70 5.04 8.35
C LEU A 39 4.94 5.80 7.03
N TYR A 40 3.89 5.90 6.22
CA TYR A 40 3.91 6.58 4.93
C TYR A 40 4.31 8.07 5.05
N GLY A 41 3.80 8.78 6.06
CA GLY A 41 4.02 10.22 6.22
C GLY A 41 5.33 10.60 6.94
N ASN A 42 5.83 9.77 7.85
CA ASN A 42 7.02 10.06 8.66
C ASN A 42 8.30 9.74 7.88
N THR A 43 8.28 8.66 7.10
CA THR A 43 9.43 8.24 6.30
C THR A 43 9.77 9.26 5.21
N ALA A 44 8.75 9.63 4.42
CA ALA A 44 8.78 10.60 3.32
C ALA A 44 9.88 10.34 2.27
N ASP A 45 10.43 9.13 2.25
CA ASP A 45 11.48 8.67 1.33
C ASP A 45 10.89 8.24 -0.02
N GLU A 46 11.78 8.00 -0.98
CA GLU A 46 11.44 7.49 -2.31
C GLU A 46 10.88 6.06 -2.20
N ILE A 47 9.55 5.96 -2.26
CA ILE A 47 8.80 4.71 -2.16
C ILE A 47 8.95 3.87 -3.43
N ILE A 48 9.33 2.61 -3.23
CA ILE A 48 9.63 1.59 -4.23
C ILE A 48 8.51 0.55 -4.20
N LYS A 49 8.12 0.12 -2.99
CA LYS A 49 6.97 -0.75 -2.73
C LYS A 49 6.26 -0.30 -1.46
N LEU A 50 4.94 -0.50 -1.41
CA LEU A 50 4.23 -0.75 -0.17
C LEU A 50 3.09 -1.75 -0.37
N ARG A 51 2.69 -2.35 0.75
CA ARG A 51 1.58 -3.25 0.92
C ARG A 51 0.89 -2.95 2.24
N LEU A 52 -0.43 -3.15 2.25
CA LEU A 52 -1.27 -3.24 3.43
C LEU A 52 -2.37 -4.27 3.16
N ASP A 53 -2.62 -5.13 4.14
CA ASP A 53 -3.76 -6.05 4.16
C ASP A 53 -4.49 -5.93 5.50
N LYS A 54 -5.83 -5.99 5.51
CA LYS A 54 -6.57 -6.23 6.76
C LYS A 54 -6.25 -7.62 7.30
N VAL A 55 -6.39 -7.72 8.62
CA VAL A 55 -6.36 -8.98 9.35
C VAL A 55 -7.53 -8.98 10.33
N LEU A 56 -7.97 -10.19 10.62
CA LEU A 56 -9.06 -10.55 11.51
C LEU A 56 -8.76 -11.87 12.26
N MET B 1 11.35 -5.15 -21.72
CA MET B 1 10.49 -6.37 -21.68
C MET B 1 9.00 -6.05 -21.67
N VAL B 2 8.48 -5.40 -20.61
CA VAL B 2 7.03 -5.11 -20.41
C VAL B 2 6.68 -3.61 -20.45
N GLN B 3 7.67 -2.71 -20.46
CA GLN B 3 7.45 -1.26 -20.56
C GLN B 3 6.96 -0.74 -21.91
N ASN B 4 6.61 -1.69 -22.77
CA ASN B 4 5.84 -1.49 -24.00
C ASN B 4 4.33 -1.43 -23.76
N ASP B 5 3.86 -1.87 -22.59
CA ASP B 5 2.44 -1.85 -22.20
C ASP B 5 2.28 -1.45 -20.72
N PHE B 6 3.02 -2.12 -19.84
CA PHE B 6 3.17 -1.76 -18.44
C PHE B 6 4.30 -0.74 -18.28
N VAL B 7 4.09 0.41 -18.95
CA VAL B 7 4.99 1.58 -19.00
C VAL B 7 5.23 2.18 -17.61
N ASP B 8 6.09 3.19 -17.50
CA ASP B 8 6.44 3.81 -16.22
C ASP B 8 5.27 4.38 -15.41
N SER B 9 5.63 4.87 -14.22
CA SER B 9 4.80 5.59 -13.26
C SER B 9 3.86 4.64 -12.50
N TYR B 10 3.64 4.99 -11.23
CA TYR B 10 3.26 4.11 -10.13
C TYR B 10 2.04 3.23 -10.41
N ASP B 11 2.04 2.07 -9.77
CA ASP B 11 1.06 1.00 -9.89
C ASP B 11 0.37 0.77 -8.55
N VAL B 12 -0.79 1.43 -8.34
CA VAL B 12 -1.68 1.08 -7.24
C VAL B 12 -2.54 -0.11 -7.66
N THR B 13 -2.59 -1.12 -6.79
CA THR B 13 -3.45 -2.29 -6.90
C THR B 13 -4.12 -2.48 -5.54
N MET B 14 -5.26 -1.83 -5.33
CA MET B 14 -6.08 -1.97 -4.12
C MET B 14 -7.18 -3.02 -4.34
N LEU B 15 -7.83 -3.41 -3.25
CA LEU B 15 -9.16 -4.00 -3.31
C LEU B 15 -9.98 -3.66 -2.06
N LEU B 16 -11.28 -3.57 -2.28
CA LEU B 16 -12.29 -3.12 -1.33
C LEU B 16 -13.48 -4.07 -1.36
N GLN B 17 -14.41 -3.86 -0.43
CA GLN B 17 -15.56 -4.75 -0.24
C GLN B 17 -16.86 -3.96 -0.43
N ASP B 18 -17.84 -4.62 -1.06
CA ASP B 18 -19.16 -4.06 -1.34
C ASP B 18 -20.14 -4.49 -0.25
N ASP B 19 -21.35 -3.92 -0.28
CA ASP B 19 -22.41 -4.16 0.71
C ASP B 19 -22.86 -5.63 0.77
N ASP B 20 -22.87 -6.32 -0.39
CA ASP B 20 -23.15 -7.76 -0.49
C ASP B 20 -21.91 -8.63 -0.21
N GLY B 21 -20.75 -8.00 0.02
CA GLY B 21 -19.51 -8.68 0.39
C GLY B 21 -18.68 -9.18 -0.81
N LYS B 22 -19.04 -8.86 -2.07
CA LYS B 22 -18.47 -9.53 -3.25
C LYS B 22 -16.96 -9.38 -3.43
N GLN B 23 -16.38 -8.31 -2.86
CA GLN B 23 -15.03 -7.78 -3.07
C GLN B 23 -14.73 -7.39 -4.51
N TYR B 24 -14.10 -6.23 -4.68
CA TYR B 24 -13.72 -5.70 -5.98
C TYR B 24 -12.33 -5.06 -5.92
N TYR B 25 -11.57 -5.26 -7.00
CA TYR B 25 -10.25 -4.67 -7.18
C TYR B 25 -10.35 -3.23 -7.67
N GLU B 26 -9.32 -2.47 -7.31
CA GLU B 26 -9.09 -1.07 -7.66
C GLU B 26 -7.64 -0.96 -8.14
N TYR B 27 -7.43 -1.44 -9.36
CA TYR B 27 -6.20 -1.31 -10.14
C TYR B 27 -6.14 0.08 -10.78
N HIS B 28 -5.12 0.87 -10.42
CA HIS B 28 -4.88 2.24 -10.85
C HIS B 28 -3.38 2.46 -11.06
N LYS B 29 -2.94 2.27 -12.30
CA LYS B 29 -1.53 2.27 -12.69
C LYS B 29 -1.25 3.35 -13.73
N GLY B 30 -0.05 3.93 -13.69
CA GLY B 30 0.36 5.03 -14.56
C GLY B 30 0.11 6.40 -13.93
N LEU B 31 0.30 6.51 -12.61
CA LEU B 31 0.03 7.71 -11.81
C LEU B 31 1.15 7.96 -10.80
N SER B 32 0.90 8.77 -9.77
CA SER B 32 1.90 9.10 -8.76
C SER B 32 1.34 9.11 -7.34
N LEU B 33 2.18 9.43 -6.35
CA LEU B 33 1.84 9.29 -4.94
C LEU B 33 0.69 10.22 -4.49
N SER B 34 0.64 11.44 -5.02
CA SER B 34 -0.47 12.36 -4.78
C SER B 34 -1.78 11.86 -5.42
N ASP B 35 -1.70 11.05 -6.48
CA ASP B 35 -2.87 10.42 -7.12
C ASP B 35 -3.32 9.15 -6.36
N PHE B 36 -2.37 8.41 -5.77
CA PHE B 36 -2.69 7.37 -4.79
C PHE B 36 -3.44 7.97 -3.58
N GLU B 37 -2.98 9.11 -3.04
CA GLU B 37 -3.66 9.80 -1.94
C GLU B 37 -5.10 10.22 -2.26
N VAL B 38 -5.44 10.44 -3.54
CA VAL B 38 -6.83 10.65 -3.98
C VAL B 38 -7.65 9.37 -3.81
N LEU B 39 -7.17 8.23 -4.34
CA LEU B 39 -7.85 6.94 -4.22
C LEU B 39 -8.01 6.53 -2.76
N TYR B 40 -6.94 6.67 -1.97
CA TYR B 40 -6.94 6.43 -0.53
C TYR B 40 -7.93 7.35 0.20
N GLY B 41 -7.83 8.67 0.03
CA GLY B 41 -8.64 9.65 0.75
C GLY B 41 -10.12 9.69 0.34
N ASN B 42 -10.47 9.17 -0.85
CA ASN B 42 -11.84 9.15 -1.35
C ASN B 42 -12.55 7.82 -1.07
N THR B 43 -11.84 6.69 -1.22
CA THR B 43 -12.49 5.40 -1.51
C THR B 43 -12.15 4.30 -0.50
N ALA B 44 -11.02 4.39 0.21
CA ALA B 44 -10.45 3.31 1.03
C ALA B 44 -11.19 3.04 2.37
N ASP B 45 -12.47 3.40 2.45
CA ASP B 45 -13.34 3.11 3.58
C ASP B 45 -13.37 1.60 3.85
N GLU B 46 -12.90 1.23 5.05
CA GLU B 46 -12.74 -0.14 5.52
C GLU B 46 -11.99 -1.05 4.56
N ILE B 47 -10.75 -0.67 4.22
CA ILE B 47 -9.93 -1.37 3.25
C ILE B 47 -9.56 -2.81 3.63
N ILE B 48 -9.36 -3.63 2.59
CA ILE B 48 -9.06 -5.06 2.62
C ILE B 48 -7.62 -5.23 2.16
N LYS B 49 -7.28 -4.72 0.97
CA LYS B 49 -5.91 -4.79 0.43
C LYS B 49 -5.50 -3.49 -0.27
N LEU B 50 -4.22 -3.19 -0.14
CA LEU B 50 -3.49 -2.14 -0.82
C LEU B 50 -2.12 -2.68 -1.21
N ARG B 51 -1.79 -2.53 -2.49
CA ARG B 51 -0.47 -2.74 -3.08
C ARG B 51 -0.11 -1.47 -3.85
N LEU B 52 1.12 -1.01 -3.72
CA LEU B 52 1.66 0.08 -4.53
C LEU B 52 3.12 -0.21 -4.85
N ASP B 53 3.48 -0.15 -6.13
CA ASP B 53 4.87 -0.28 -6.58
C ASP B 53 5.21 0.95 -7.44
N LYS B 54 6.48 1.40 -7.38
CA LYS B 54 7.04 2.17 -8.49
C LYS B 54 7.07 1.34 -9.76
N VAL B 55 7.00 2.01 -10.92
CA VAL B 55 7.15 1.38 -12.23
C VAL B 55 8.12 2.19 -13.07
N LEU B 56 9.03 1.45 -13.69
CA LEU B 56 10.26 1.88 -14.36
C LEU B 56 10.76 0.74 -15.26
N MET A 1 -9.14 -14.83 10.88
CA MET A 1 -9.56 -16.24 11.10
C MET A 1 -8.37 -17.04 11.65
N VAL A 2 -8.26 -18.34 11.35
CA VAL A 2 -7.02 -19.09 11.59
C VAL A 2 -5.79 -18.42 10.96
N GLN A 3 -4.60 -18.85 11.40
CA GLN A 3 -3.32 -18.27 11.04
C GLN A 3 -2.93 -18.53 9.59
N ASN A 4 -3.59 -17.81 8.69
CA ASN A 4 -3.36 -17.78 7.26
C ASN A 4 -2.51 -16.58 6.84
N ASP A 5 -2.47 -15.56 7.69
CA ASP A 5 -1.68 -14.35 7.56
C ASP A 5 -1.13 -13.99 8.96
N PHE A 6 -0.56 -12.79 9.09
CA PHE A 6 -0.20 -12.21 10.39
C PHE A 6 -1.46 -11.74 11.15
N VAL A 7 -2.38 -12.66 11.42
CA VAL A 7 -3.74 -12.35 11.87
C VAL A 7 -3.76 -11.70 13.25
N ASP A 8 -3.90 -10.39 13.27
CA ASP A 8 -4.18 -9.59 14.45
C ASP A 8 -4.82 -8.26 14.02
N SER A 9 -3.99 -7.33 13.56
CA SER A 9 -4.38 -6.10 12.89
C SER A 9 -3.34 -5.79 11.80
N TYR A 10 -3.64 -4.78 10.97
CA TYR A 10 -3.10 -4.60 9.63
C TYR A 10 -1.59 -4.81 9.54
N ASP A 11 -1.19 -5.47 8.46
CA ASP A 11 0.20 -5.57 8.01
C ASP A 11 0.44 -4.56 6.90
N VAL A 12 1.56 -3.84 6.99
CA VAL A 12 2.04 -2.87 6.02
C VAL A 12 3.49 -3.21 5.64
N THR A 13 3.63 -4.00 4.58
CA THR A 13 4.93 -4.31 3.98
C THR A 13 5.37 -3.11 3.13
N MET A 14 6.25 -2.27 3.67
CA MET A 14 6.68 -1.03 3.02
C MET A 14 8.18 -0.99 2.86
N LEU A 15 8.61 -0.46 1.71
CA LEU A 15 9.99 -0.36 1.25
C LEU A 15 10.21 1.02 0.62
N LEU A 16 11.27 1.68 1.09
CA LEU A 16 11.67 3.01 0.67
C LEU A 16 13.16 3.03 0.32
N GLN A 17 13.64 4.18 -0.16
CA GLN A 17 15.03 4.38 -0.52
C GLN A 17 15.54 5.74 -0.03
N ASP A 18 16.56 5.69 0.82
CA ASP A 18 17.22 6.87 1.36
C ASP A 18 17.95 7.66 0.27
N ASP A 19 18.28 8.93 0.57
CA ASP A 19 19.02 9.80 -0.35
C ASP A 19 20.45 9.32 -0.64
N ASP A 20 21.05 8.50 0.22
CA ASP A 20 22.32 7.82 -0.06
C ASP A 20 22.16 6.63 -1.02
N GLY A 21 20.92 6.25 -1.33
CA GLY A 21 20.57 5.14 -2.22
C GLY A 21 20.30 3.83 -1.49
N LYS A 22 20.28 3.85 -0.16
CA LYS A 22 20.04 2.67 0.67
C LYS A 22 18.55 2.37 0.76
N GLN A 23 18.16 1.20 0.23
CA GLN A 23 16.81 0.71 0.38
C GLN A 23 16.59 0.09 1.76
N TYR A 24 15.46 0.40 2.37
CA TYR A 24 15.08 -0.14 3.67
C TYR A 24 13.59 -0.45 3.74
N TYR A 25 13.26 -1.53 4.45
CA TYR A 25 11.90 -2.05 4.54
C TYR A 25 11.60 -2.65 5.89
N GLU A 26 10.31 -2.87 6.14
CA GLU A 26 9.84 -3.83 7.13
C GLU A 26 8.40 -4.24 6.84
N TYR A 27 8.01 -5.38 7.44
CA TYR A 27 6.62 -5.78 7.65
C TYR A 27 6.08 -5.05 8.88
N HIS A 28 5.55 -3.84 8.67
CA HIS A 28 5.05 -3.01 9.75
C HIS A 28 3.63 -3.45 10.10
N LYS A 29 3.52 -4.38 11.06
CA LYS A 29 2.30 -5.15 11.29
C LYS A 29 1.78 -5.07 12.71
N GLY A 30 0.55 -5.54 12.90
CA GLY A 30 -0.17 -5.45 14.16
C GLY A 30 -0.61 -4.01 14.47
N LEU A 31 -0.97 -3.24 13.45
CA LEU A 31 -1.29 -1.81 13.56
C LEU A 31 -2.55 -1.48 12.76
N SER A 32 -2.80 -0.21 12.45
CA SER A 32 -4.02 0.18 11.76
C SER A 32 -3.79 1.25 10.68
N LEU A 33 -4.87 1.67 10.02
CA LEU A 33 -4.80 2.63 8.92
C LEU A 33 -4.25 3.99 9.35
N SER A 34 -4.54 4.45 10.57
CA SER A 34 -3.95 5.67 11.13
C SER A 34 -2.45 5.52 11.44
N ASP A 35 -1.99 4.30 11.73
CA ASP A 35 -0.57 4.00 11.94
C ASP A 35 0.19 3.83 10.62
N PHE A 36 -0.49 3.34 9.59
CA PHE A 36 -0.01 3.40 8.21
C PHE A 36 0.23 4.84 7.77
N GLU A 37 -0.73 5.74 8.03
CA GLU A 37 -0.58 7.17 7.76
C GLU A 37 0.56 7.82 8.52
N VAL A 38 0.88 7.33 9.73
CA VAL A 38 2.11 7.72 10.41
C VAL A 38 3.35 7.18 9.70
N LEU A 39 3.41 5.88 9.38
CA LEU A 39 4.54 5.28 8.70
C LEU A 39 4.88 6.00 7.39
N TYR A 40 3.87 6.20 6.54
CA TYR A 40 3.98 6.88 5.27
C TYR A 40 4.45 8.35 5.42
N GLY A 41 3.97 9.05 6.46
CA GLY A 41 4.32 10.45 6.71
C GLY A 41 5.64 10.68 7.44
N ASN A 42 6.09 9.71 8.24
CA ASN A 42 7.31 9.80 9.03
C ASN A 42 8.53 9.39 8.21
N THR A 43 8.39 8.32 7.40
CA THR A 43 9.50 7.79 6.62
C THR A 43 9.90 8.73 5.48
N ALA A 44 8.92 9.20 4.72
CA ALA A 44 9.01 10.21 3.67
C ALA A 44 9.98 9.96 2.50
N ASP A 45 10.69 8.83 2.48
CA ASP A 45 11.66 8.46 1.47
C ASP A 45 11.00 7.86 0.21
N GLU A 46 9.94 8.53 -0.27
CA GLU A 46 9.38 8.52 -1.62
C GLU A 46 8.79 7.20 -2.14
N ILE A 47 8.92 6.12 -1.37
CA ILE A 47 8.41 4.78 -1.63
C ILE A 47 9.03 4.13 -2.89
N ILE A 48 9.25 2.83 -2.76
CA ILE A 48 9.60 1.92 -3.85
C ILE A 48 8.51 0.85 -3.96
N LYS A 49 8.17 0.22 -2.82
CA LYS A 49 7.03 -0.68 -2.71
C LYS A 49 6.23 -0.43 -1.44
N LEU A 50 4.94 -0.75 -1.52
CA LEU A 50 3.97 -0.69 -0.44
C LEU A 50 2.95 -1.79 -0.68
N ARG A 51 2.66 -2.56 0.36
CA ARG A 51 1.52 -3.47 0.43
C ARG A 51 0.88 -3.31 1.80
N LEU A 52 -0.44 -3.39 1.86
CA LEU A 52 -1.20 -3.32 3.09
C LEU A 52 -2.37 -4.30 3.02
N ASP A 53 -2.73 -4.86 4.17
CA ASP A 53 -3.71 -5.95 4.26
C ASP A 53 -4.39 -5.90 5.63
N LYS A 54 -5.72 -5.92 5.71
CA LYS A 54 -6.39 -6.02 7.03
C LYS A 54 -6.32 -7.36 7.78
N VAL A 55 -5.36 -8.18 7.37
CA VAL A 55 -4.97 -9.50 7.88
C VAL A 55 -6.12 -10.41 8.33
N LEU A 56 -6.52 -11.27 7.39
CA LEU A 56 -7.77 -12.03 7.35
C LEU A 56 -8.12 -12.85 8.60
N MET B 1 9.85 1.91 -18.64
CA MET B 1 10.53 1.70 -19.91
C MET B 1 10.25 0.34 -20.47
N VAL B 2 10.11 0.28 -21.82
CA VAL B 2 9.82 -0.89 -22.62
C VAL B 2 8.43 -1.47 -22.38
N GLN B 3 8.12 -1.85 -21.15
CA GLN B 3 6.83 -2.38 -20.73
C GLN B 3 5.75 -1.30 -20.83
N ASN B 4 4.85 -1.48 -21.79
CA ASN B 4 3.82 -0.52 -22.11
C ASN B 4 2.61 -0.53 -21.16
N ASP B 5 2.40 -1.63 -20.43
CA ASP B 5 1.24 -1.80 -19.55
C ASP B 5 1.55 -1.26 -18.15
N PHE B 6 2.43 -1.94 -17.42
CA PHE B 6 3.09 -1.40 -16.23
C PHE B 6 4.19 -0.42 -16.67
N VAL B 7 3.74 0.74 -17.18
CA VAL B 7 4.58 1.84 -17.64
C VAL B 7 5.23 2.58 -16.47
N ASP B 8 6.38 3.21 -16.71
CA ASP B 8 7.04 4.04 -15.70
C ASP B 8 6.21 5.25 -15.28
N SER B 9 6.25 5.46 -13.97
CA SER B 9 5.17 5.96 -13.09
C SER B 9 5.25 5.20 -11.78
N TYR B 10 4.28 5.39 -10.90
CA TYR B 10 3.86 4.36 -9.96
C TYR B 10 2.74 3.50 -10.61
N ASP B 11 2.39 2.44 -9.91
CA ASP B 11 1.29 1.50 -10.13
C ASP B 11 0.60 1.28 -8.77
N VAL B 12 -0.72 1.10 -8.80
CA VAL B 12 -1.60 0.92 -7.64
C VAL B 12 -2.53 -0.26 -7.88
N THR B 13 -2.80 -1.01 -6.81
CA THR B 13 -3.84 -2.03 -6.75
C THR B 13 -4.51 -1.93 -5.39
N MET B 14 -5.83 -2.08 -5.34
CA MET B 14 -6.63 -1.80 -4.16
C MET B 14 -7.79 -2.79 -4.08
N LEU B 15 -8.20 -3.11 -2.87
CA LEU B 15 -9.35 -3.95 -2.59
C LEU B 15 -10.10 -3.41 -1.37
N LEU B 16 -11.37 -3.11 -1.61
CA LEU B 16 -12.28 -2.46 -0.69
C LEU B 16 -13.48 -3.38 -0.37
N GLN B 17 -14.29 -2.97 0.60
CA GLN B 17 -15.55 -3.62 0.93
C GLN B 17 -16.64 -2.58 1.16
N ASP B 18 -17.68 -2.65 0.34
CA ASP B 18 -18.86 -1.79 0.44
C ASP B 18 -19.64 -2.05 1.74
N ASP B 19 -20.46 -1.09 2.14
CA ASP B 19 -21.34 -1.19 3.31
C ASP B 19 -22.35 -2.34 3.23
N ASP B 20 -22.71 -2.77 2.01
CA ASP B 20 -23.55 -3.96 1.79
C ASP B 20 -22.76 -5.28 1.95
N GLY B 21 -21.46 -5.20 2.26
CA GLY B 21 -20.56 -6.33 2.50
C GLY B 21 -19.87 -6.86 1.25
N LYS B 22 -20.04 -6.18 0.11
CA LYS B 22 -19.53 -6.60 -1.19
C LYS B 22 -18.12 -6.09 -1.41
N GLN B 23 -17.17 -7.02 -1.50
CA GLN B 23 -15.78 -6.71 -1.81
C GLN B 23 -15.60 -6.38 -3.29
N TYR B 24 -14.76 -5.38 -3.57
CA TYR B 24 -14.45 -4.97 -4.93
C TYR B 24 -12.99 -4.56 -5.07
N TYR B 25 -12.47 -4.80 -6.27
CA TYR B 25 -11.07 -4.68 -6.65
C TYR B 25 -10.89 -3.55 -7.64
N GLU B 26 -9.77 -2.83 -7.51
CA GLU B 26 -9.56 -1.57 -8.19
C GLU B 26 -8.07 -1.32 -8.39
N TYR B 27 -7.60 -1.39 -9.64
CA TYR B 27 -6.19 -1.23 -9.97
C TYR B 27 -5.99 -0.08 -10.95
N HIS B 28 -4.82 0.55 -10.86
CA HIS B 28 -4.50 1.79 -11.54
C HIS B 28 -2.99 1.87 -11.78
N LYS B 29 -2.58 1.63 -13.02
CA LYS B 29 -1.20 1.82 -13.47
C LYS B 29 -1.04 3.24 -14.01
N GLY B 30 0.22 3.65 -14.24
CA GLY B 30 0.53 4.89 -14.95
C GLY B 30 0.13 6.17 -14.21
N LEU B 31 0.31 6.19 -12.89
CA LEU B 31 -0.07 7.31 -12.02
C LEU B 31 1.04 7.63 -11.01
N SER B 32 0.72 8.38 -9.95
CA SER B 32 1.69 8.83 -8.96
C SER B 32 1.22 8.60 -7.52
N LEU B 33 2.09 8.92 -6.55
CA LEU B 33 1.73 8.83 -5.14
C LEU B 33 0.57 9.74 -4.74
N SER B 34 0.49 10.94 -5.32
CA SER B 34 -0.63 11.84 -5.09
C SER B 34 -1.94 11.28 -5.64
N ASP B 35 -1.88 10.48 -6.71
CA ASP B 35 -3.05 9.79 -7.27
C ASP B 35 -3.44 8.56 -6.45
N PHE B 36 -2.47 7.89 -5.83
CA PHE B 36 -2.72 6.88 -4.81
C PHE B 36 -3.46 7.47 -3.60
N GLU B 37 -3.04 8.63 -3.11
CA GLU B 37 -3.71 9.33 -2.01
C GLU B 37 -5.15 9.72 -2.34
N VAL B 38 -5.44 10.00 -3.61
CA VAL B 38 -6.82 10.16 -4.08
C VAL B 38 -7.58 8.84 -3.99
N LEU B 39 -7.04 7.73 -4.53
CA LEU B 39 -7.73 6.44 -4.50
C LEU B 39 -8.04 6.01 -3.05
N TYR B 40 -7.00 6.01 -2.21
CA TYR B 40 -7.10 5.68 -0.79
C TYR B 40 -8.09 6.57 -0.04
N GLY B 41 -8.00 7.89 -0.22
CA GLY B 41 -8.77 8.86 0.57
C GLY B 41 -10.19 9.12 0.06
N ASN B 42 -10.44 8.98 -1.24
CA ASN B 42 -11.74 9.23 -1.83
C ASN B 42 -12.61 7.95 -1.83
N THR B 43 -12.00 6.80 -2.13
CA THR B 43 -12.75 5.54 -2.24
C THR B 43 -13.00 4.95 -0.86
N ALA B 44 -11.94 4.82 -0.05
CA ALA B 44 -11.92 4.59 1.39
C ALA B 44 -12.72 3.41 1.99
N ASP B 45 -13.43 2.62 1.18
CA ASP B 45 -14.35 1.58 1.62
C ASP B 45 -13.65 0.44 2.36
N GLU B 46 -13.59 0.57 3.70
CA GLU B 46 -13.10 -0.37 4.70
C GLU B 46 -11.58 -0.66 4.67
N ILE B 47 -10.98 -0.70 3.48
CA ILE B 47 -9.62 -1.14 3.18
C ILE B 47 -9.37 -2.57 3.64
N ILE B 48 -9.29 -3.44 2.63
CA ILE B 48 -9.10 -4.88 2.79
C ILE B 48 -7.69 -5.25 2.38
N LYS B 49 -7.30 -4.81 1.17
CA LYS B 49 -5.93 -4.88 0.67
C LYS B 49 -5.60 -3.62 -0.10
N LEU B 50 -4.31 -3.31 -0.20
CA LEU B 50 -3.78 -2.50 -1.29
C LEU B 50 -2.32 -2.84 -1.56
N ARG B 51 -1.86 -2.38 -2.72
CA ARG B 51 -0.49 -2.41 -3.20
C ARG B 51 -0.18 -1.13 -3.96
N LEU B 52 1.07 -0.67 -3.85
CA LEU B 52 1.66 0.32 -4.71
C LEU B 52 3.13 -0.03 -4.96
N ASP B 53 3.58 0.27 -6.17
CA ASP B 53 4.95 0.08 -6.63
C ASP B 53 5.33 1.32 -7.43
N LYS B 54 6.53 1.85 -7.19
CA LYS B 54 7.23 2.64 -8.20
C LYS B 54 7.66 1.73 -9.34
N VAL B 55 7.52 2.25 -10.56
CA VAL B 55 7.76 1.55 -11.81
C VAL B 55 8.78 2.33 -12.64
N LEU B 56 9.56 1.54 -13.36
CA LEU B 56 10.78 1.91 -14.09
C LEU B 56 10.75 1.48 -15.56
N MET A 1 2.08 -10.48 21.83
CA MET A 1 1.91 -11.78 21.17
C MET A 1 2.74 -11.80 19.91
N VAL A 2 3.55 -12.84 19.79
CA VAL A 2 4.42 -13.06 18.64
C VAL A 2 3.62 -13.27 17.36
N GLN A 3 4.26 -12.92 16.25
CA GLN A 3 3.77 -13.21 14.92
C GLN A 3 3.98 -14.67 14.56
N ASN A 4 3.14 -15.53 15.13
CA ASN A 4 3.04 -16.92 14.71
C ASN A 4 2.43 -17.03 13.31
N ASP A 5 1.43 -16.19 13.05
CA ASP A 5 1.12 -15.67 11.73
C ASP A 5 0.76 -14.18 11.88
N PHE A 6 0.38 -13.52 10.79
CA PHE A 6 0.02 -12.11 10.81
C PHE A 6 -1.03 -11.81 11.88
N VAL A 7 -0.66 -10.92 12.79
CA VAL A 7 -1.20 -10.83 14.13
C VAL A 7 -1.93 -9.51 14.36
N ASP A 8 -3.02 -9.61 15.11
CA ASP A 8 -3.81 -8.53 15.72
C ASP A 8 -4.59 -7.65 14.75
N SER A 9 -3.88 -6.93 13.89
CA SER A 9 -4.41 -5.87 13.03
C SER A 9 -3.50 -5.67 11.82
N TYR A 10 -3.84 -4.69 10.97
CA TYR A 10 -3.27 -4.51 9.63
C TYR A 10 -1.76 -4.69 9.58
N ASP A 11 -1.31 -5.49 8.60
CA ASP A 11 0.06 -5.39 8.11
C ASP A 11 0.22 -4.19 7.18
N VAL A 12 1.42 -3.61 7.20
CA VAL A 12 1.98 -2.75 6.16
C VAL A 12 3.42 -3.17 5.91
N THR A 13 3.61 -4.06 4.93
CA THR A 13 4.93 -4.32 4.37
C THR A 13 5.36 -3.08 3.60
N MET A 14 6.51 -2.52 3.93
CA MET A 14 6.96 -1.30 3.28
C MET A 14 8.45 -1.34 2.98
N LEU A 15 8.81 -0.67 1.88
CA LEU A 15 10.16 -0.66 1.39
C LEU A 15 10.48 0.67 0.70
N LEU A 16 11.59 1.26 1.14
CA LEU A 16 12.16 2.46 0.56
C LEU A 16 13.56 2.16 0.02
N GLN A 17 14.08 3.10 -0.74
CA GLN A 17 15.53 3.27 -0.88
C GLN A 17 16.04 4.16 0.25
N ASP A 18 17.33 4.03 0.56
CA ASP A 18 17.96 4.90 1.54
C ASP A 18 19.41 5.23 1.17
N ASP A 19 20.02 6.06 2.00
CA ASP A 19 21.23 6.82 1.71
C ASP A 19 22.49 6.00 1.42
N ASP A 20 22.50 4.73 1.83
CA ASP A 20 23.55 3.77 1.49
C ASP A 20 23.50 3.34 0.01
N GLY A 21 22.48 3.80 -0.72
CA GLY A 21 22.28 3.51 -2.13
C GLY A 21 21.51 2.23 -2.37
N LYS A 22 20.89 1.69 -1.33
CA LYS A 22 20.24 0.38 -1.32
C LYS A 22 18.83 0.50 -0.79
N GLN A 23 18.00 -0.47 -1.18
CA GLN A 23 16.66 -0.61 -0.65
C GLN A 23 16.66 -1.29 0.70
N TYR A 24 15.67 -0.94 1.52
CA TYR A 24 15.47 -1.54 2.82
C TYR A 24 13.99 -1.75 3.11
N TYR A 25 13.72 -2.88 3.74
CA TYR A 25 12.42 -3.53 3.76
C TYR A 25 12.04 -3.92 5.20
N GLU A 26 10.80 -3.62 5.59
CA GLU A 26 10.22 -4.21 6.81
C GLU A 26 8.71 -4.37 6.71
N TYR A 27 8.23 -5.27 7.57
CA TYR A 27 6.83 -5.34 7.96
C TYR A 27 6.52 -4.37 9.09
N HIS A 28 5.35 -3.75 9.00
CA HIS A 28 4.80 -2.90 10.06
C HIS A 28 3.39 -3.38 10.37
N LYS A 29 3.32 -4.43 11.18
CA LYS A 29 2.08 -5.17 11.44
C LYS A 29 1.46 -4.85 12.80
N GLY A 30 0.22 -5.30 12.97
CA GLY A 30 -0.53 -5.13 14.20
C GLY A 30 -0.89 -3.68 14.48
N LEU A 31 -1.19 -2.91 13.43
CA LEU A 31 -1.52 -1.49 13.52
C LEU A 31 -2.77 -1.21 12.67
N SER A 32 -3.09 0.05 12.41
CA SER A 32 -4.34 0.39 11.72
C SER A 32 -4.18 1.49 10.68
N LEU A 33 -5.27 1.85 10.01
CA LEU A 33 -5.21 2.77 8.86
C LEU A 33 -4.75 4.18 9.21
N SER A 34 -4.97 4.63 10.46
CA SER A 34 -4.42 5.88 10.97
C SER A 34 -2.94 5.78 11.36
N ASP A 35 -2.44 4.58 11.70
CA ASP A 35 -1.02 4.30 11.93
C ASP A 35 -0.26 4.13 10.60
N PHE A 36 -0.94 3.61 9.58
CA PHE A 36 -0.47 3.63 8.20
C PHE A 36 -0.25 5.05 7.70
N GLU A 37 -1.16 5.97 8.00
CA GLU A 37 -0.99 7.40 7.66
C GLU A 37 0.23 8.02 8.34
N VAL A 38 0.63 7.52 9.52
CA VAL A 38 1.90 7.92 10.14
C VAL A 38 3.08 7.38 9.33
N LEU A 39 3.09 6.09 8.99
CA LEU A 39 4.17 5.49 8.22
C LEU A 39 4.33 6.19 6.85
N TYR A 40 3.22 6.37 6.15
CA TYR A 40 3.20 7.06 4.86
C TYR A 40 3.51 8.55 4.97
N GLY A 41 3.31 9.15 6.16
CA GLY A 41 3.60 10.56 6.41
C GLY A 41 5.01 10.83 6.90
N ASN A 42 5.65 9.85 7.54
CA ASN A 42 6.88 10.07 8.28
C ASN A 42 8.06 9.27 7.74
N THR A 43 7.78 8.19 7.01
CA THR A 43 8.78 7.14 6.70
C THR A 43 8.85 6.82 5.22
N ALA A 44 7.95 7.38 4.41
CA ALA A 44 7.85 7.15 2.97
C ALA A 44 8.97 7.77 2.11
N ASP A 45 10.12 8.10 2.73
CA ASP A 45 11.24 8.75 2.06
C ASP A 45 11.94 7.84 1.05
N GLU A 46 11.82 8.22 -0.23
CA GLU A 46 12.27 7.47 -1.41
C GLU A 46 11.60 6.09 -1.52
N ILE A 47 10.26 6.10 -1.48
CA ILE A 47 9.44 4.90 -1.56
C ILE A 47 9.55 4.16 -2.89
N ILE A 48 9.33 2.84 -2.79
CA ILE A 48 9.45 1.89 -3.89
C ILE A 48 8.25 0.95 -3.86
N LYS A 49 8.01 0.24 -2.75
CA LYS A 49 6.84 -0.62 -2.60
C LYS A 49 6.22 -0.50 -1.22
N LEU A 50 4.94 -0.87 -1.18
CA LEU A 50 4.06 -0.80 -0.03
C LEU A 50 2.96 -1.84 -0.22
N ARG A 51 2.81 -2.76 0.73
CA ARG A 51 1.77 -3.78 0.74
C ARG A 51 1.10 -3.77 2.11
N LEU A 52 0.04 -2.98 2.20
CA LEU A 52 -0.92 -3.05 3.29
C LEU A 52 -1.90 -4.19 3.02
N ASP A 53 -2.22 -4.95 4.07
CA ASP A 53 -3.14 -6.07 4.01
C ASP A 53 -3.83 -6.21 5.36
N LYS A 54 -5.17 -6.29 5.37
CA LYS A 54 -5.85 -6.63 6.62
C LYS A 54 -5.34 -7.96 7.19
N VAL A 55 -5.48 -8.05 8.50
CA VAL A 55 -5.04 -9.21 9.25
C VAL A 55 -5.85 -10.45 8.86
N LEU A 56 -5.21 -11.55 9.19
CA LEU A 56 -5.69 -12.91 9.03
C LEU A 56 -6.72 -13.29 10.09
N MET B 1 6.25 -5.51 -11.69
CA MET B 1 7.22 -6.32 -10.93
C MET B 1 8.37 -5.49 -10.38
N VAL B 2 9.02 -4.73 -11.24
CA VAL B 2 10.11 -3.82 -10.91
C VAL B 2 9.78 -2.46 -11.52
N GLN B 3 10.51 -1.42 -11.09
CA GLN B 3 10.25 -0.02 -11.46
C GLN B 3 10.55 0.36 -12.92
N ASN B 4 10.46 -0.62 -13.81
CA ASN B 4 10.70 -0.49 -15.24
C ASN B 4 9.82 -1.37 -16.13
N ASP B 5 9.19 -2.44 -15.61
CA ASP B 5 8.55 -3.44 -16.46
C ASP B 5 7.05 -3.22 -16.65
N PHE B 6 6.38 -2.67 -15.63
CA PHE B 6 5.07 -2.04 -15.79
C PHE B 6 5.11 -0.77 -16.65
N VAL B 7 6.32 -0.26 -16.89
CA VAL B 7 6.72 0.81 -17.81
C VAL B 7 5.75 2.01 -17.86
N ASP B 8 5.57 2.63 -16.69
CA ASP B 8 4.67 3.75 -16.49
C ASP B 8 5.16 4.60 -15.30
N SER B 9 4.22 5.19 -14.58
CA SER B 9 4.35 5.72 -13.23
C SER B 9 3.81 4.71 -12.21
N TYR B 10 3.79 5.08 -10.93
CA TYR B 10 3.40 4.22 -9.80
C TYR B 10 2.14 3.41 -10.11
N ASP B 11 2.19 2.13 -9.79
CA ASP B 11 1.04 1.23 -9.78
C ASP B 11 0.45 1.15 -8.37
N VAL B 12 -0.87 1.32 -8.29
CA VAL B 12 -1.67 1.04 -7.12
C VAL B 12 -2.63 -0.09 -7.45
N THR B 13 -2.59 -1.15 -6.66
CA THR B 13 -3.52 -2.27 -6.72
C THR B 13 -4.15 -2.40 -5.34
N MET B 14 -5.32 -1.79 -5.18
CA MET B 14 -6.03 -1.71 -3.91
C MET B 14 -7.32 -2.52 -4.02
N LEU B 15 -7.74 -3.11 -2.91
CA LEU B 15 -8.89 -4.00 -2.81
C LEU B 15 -9.77 -3.58 -1.64
N LEU B 16 -11.07 -3.54 -1.90
CA LEU B 16 -12.10 -3.20 -0.94
C LEU B 16 -13.14 -4.31 -0.87
N GLN B 17 -14.01 -4.22 0.14
CA GLN B 17 -15.14 -5.11 0.30
C GLN B 17 -16.46 -4.38 -0.01
N ASP B 18 -17.32 -5.08 -0.75
CA ASP B 18 -18.67 -4.67 -1.09
C ASP B 18 -19.62 -4.90 0.07
N ASP B 19 -20.78 -4.22 0.05
CA ASP B 19 -21.80 -4.39 1.07
C ASP B 19 -22.44 -5.79 1.12
N ASP B 20 -22.36 -6.56 0.03
CA ASP B 20 -22.73 -7.97 0.00
C ASP B 20 -21.66 -8.87 0.63
N GLY B 21 -20.46 -8.34 0.84
CA GLY B 21 -19.31 -9.04 1.39
C GLY B 21 -18.34 -9.58 0.33
N LYS B 22 -18.57 -9.26 -0.94
CA LYS B 22 -17.66 -9.60 -2.03
C LYS B 22 -16.47 -8.66 -2.02
N GLN B 23 -15.42 -9.01 -2.74
CA GLN B 23 -14.32 -8.09 -2.99
C GLN B 23 -14.59 -7.25 -4.24
N TYR B 24 -14.04 -6.05 -4.29
CA TYR B 24 -13.85 -5.32 -5.53
C TYR B 24 -12.49 -4.63 -5.58
N TYR B 25 -12.05 -4.35 -6.80
CA TYR B 25 -10.71 -3.87 -7.09
C TYR B 25 -10.71 -2.38 -7.38
N GLU B 26 -9.57 -1.77 -7.05
CA GLU B 26 -9.12 -0.45 -7.44
C GLU B 26 -7.67 -0.58 -7.92
N TYR B 27 -7.55 -1.16 -9.12
CA TYR B 27 -6.32 -1.27 -9.86
C TYR B 27 -6.09 -0.02 -10.71
N HIS B 28 -4.97 0.66 -10.47
CA HIS B 28 -4.55 1.91 -11.06
C HIS B 28 -3.04 1.93 -11.30
N LYS B 29 -2.64 1.36 -12.45
CA LYS B 29 -1.31 1.56 -13.00
C LYS B 29 -1.15 3.01 -13.48
N GLY B 30 0.04 3.58 -13.31
CA GLY B 30 0.42 4.78 -14.03
C GLY B 30 -0.12 6.06 -13.42
N LEU B 31 0.09 6.24 -12.13
CA LEU B 31 -0.21 7.49 -11.42
C LEU B 31 0.92 7.85 -10.48
N SER B 32 0.70 8.73 -9.51
CA SER B 32 1.75 9.17 -8.59
C SER B 32 1.26 9.26 -7.15
N LEU B 33 2.15 9.60 -6.22
CA LEU B 33 1.83 9.59 -4.80
C LEU B 33 0.72 10.58 -4.42
N SER B 34 0.65 11.71 -5.14
CA SER B 34 -0.44 12.67 -4.99
C SER B 34 -1.77 12.17 -5.56
N ASP B 35 -1.73 11.36 -6.62
CA ASP B 35 -2.92 10.73 -7.20
C ASP B 35 -3.41 9.55 -6.33
N PHE B 36 -2.48 8.84 -5.68
CA PHE B 36 -2.81 7.83 -4.68
C PHE B 36 -3.53 8.44 -3.46
N GLU B 37 -3.11 9.63 -3.01
CA GLU B 37 -3.83 10.36 -1.97
C GLU B 37 -5.27 10.70 -2.37
N VAL B 38 -5.51 11.01 -3.64
CA VAL B 38 -6.86 11.19 -4.17
C VAL B 38 -7.64 9.88 -4.15
N LEU B 39 -7.04 8.79 -4.65
CA LEU B 39 -7.67 7.47 -4.71
C LEU B 39 -8.07 6.96 -3.32
N TYR B 40 -7.13 6.92 -2.37
CA TYR B 40 -7.41 6.50 -1.00
C TYR B 40 -8.44 7.42 -0.33
N GLY B 41 -8.32 8.73 -0.54
CA GLY B 41 -9.21 9.73 0.04
C GLY B 41 -10.64 9.69 -0.48
N ASN B 42 -10.84 9.28 -1.74
CA ASN B 42 -12.18 9.15 -2.33
C ASN B 42 -12.81 7.79 -2.07
N THR B 43 -11.98 6.77 -1.82
CA THR B 43 -12.45 5.41 -1.57
C THR B 43 -13.22 5.33 -0.25
N ALA B 44 -12.51 5.59 0.87
CA ALA B 44 -13.05 5.58 2.24
C ALA B 44 -13.91 4.36 2.62
N ASP B 45 -13.58 3.21 2.06
CA ASP B 45 -14.32 1.97 2.21
C ASP B 45 -13.49 0.93 2.97
N GLU B 46 -14.06 -0.27 3.16
CA GLU B 46 -13.48 -1.38 3.90
C GLU B 46 -12.23 -1.93 3.22
N ILE B 47 -11.07 -1.39 3.61
CA ILE B 47 -9.77 -1.79 3.10
C ILE B 47 -9.45 -3.22 3.47
N ILE B 48 -9.02 -3.95 2.45
CA ILE B 48 -8.64 -5.36 2.49
C ILE B 48 -7.17 -5.47 2.14
N LYS B 49 -6.78 -4.90 1.00
CA LYS B 49 -5.39 -4.83 0.56
C LYS B 49 -5.14 -3.50 -0.11
N LEU B 50 -3.90 -3.04 -0.05
CA LEU B 50 -3.40 -1.89 -0.79
C LEU B 50 -1.93 -2.11 -1.11
N ARG B 51 -1.67 -2.30 -2.42
CA ARG B 51 -0.36 -2.54 -2.98
C ARG B 51 0.03 -1.34 -3.83
N LEU B 52 0.96 -0.53 -3.36
CA LEU B 52 1.59 0.51 -4.16
C LEU B 52 3.02 0.09 -4.54
N ASP B 53 3.39 0.38 -5.78
CA ASP B 53 4.58 -0.16 -6.42
C ASP B 53 5.07 0.85 -7.45
N LYS B 54 6.15 1.56 -7.13
CA LYS B 54 6.71 2.57 -8.01
C LYS B 54 7.11 1.99 -9.36
N VAL B 55 6.83 2.77 -10.39
CA VAL B 55 7.43 2.67 -11.70
C VAL B 55 7.93 4.06 -12.08
N LEU B 56 9.05 4.07 -12.80
CA LEU B 56 9.91 5.23 -12.95
C LEU B 56 10.02 5.67 -14.40
N MET A 1 3.48 -9.01 22.94
CA MET A 1 2.98 -9.13 21.56
C MET A 1 3.85 -10.12 20.83
N VAL A 2 3.41 -11.37 20.73
CA VAL A 2 4.18 -12.42 20.08
C VAL A 2 3.79 -12.60 18.61
N GLN A 3 2.61 -12.06 18.22
CA GLN A 3 2.02 -11.99 16.90
C GLN A 3 2.22 -13.20 15.99
N ASN A 4 2.26 -14.37 16.63
CA ASN A 4 2.53 -15.67 16.02
C ASN A 4 1.33 -16.17 15.18
N ASP A 5 0.13 -15.66 15.48
CA ASP A 5 -1.11 -15.85 14.74
C ASP A 5 -1.24 -14.86 13.58
N PHE A 6 -0.21 -14.04 13.32
CA PHE A 6 -0.19 -12.92 12.36
C PHE A 6 -1.11 -11.75 12.76
N VAL A 7 -1.70 -11.83 13.96
CA VAL A 7 -2.43 -10.81 14.73
C VAL A 7 -3.62 -10.16 14.00
N ASP A 8 -4.22 -9.18 14.67
CA ASP A 8 -5.35 -8.38 14.21
C ASP A 8 -4.97 -6.91 13.98
N SER A 9 -5.90 -6.14 13.42
CA SER A 9 -5.70 -4.81 12.81
C SER A 9 -5.29 -4.99 11.35
N TYR A 10 -4.39 -4.13 10.88
CA TYR A 10 -3.70 -4.27 9.60
C TYR A 10 -2.22 -4.71 9.77
N ASP A 11 -1.64 -5.02 8.61
CA ASP A 11 -0.26 -5.44 8.34
C ASP A 11 0.28 -4.57 7.20
N VAL A 12 1.46 -3.98 7.41
CA VAL A 12 2.11 -3.04 6.51
C VAL A 12 3.50 -3.56 6.17
N THR A 13 3.75 -3.76 4.89
CA THR A 13 4.98 -4.34 4.35
C THR A 13 5.55 -3.34 3.35
N MET A 14 6.58 -2.58 3.74
CA MET A 14 7.00 -1.38 3.01
C MET A 14 8.48 -1.41 2.67
N LEU A 15 8.79 -0.76 1.55
CA LEU A 15 10.10 -0.73 0.91
C LEU A 15 10.40 0.69 0.45
N LEU A 16 11.31 1.35 1.17
CA LEU A 16 11.80 2.69 0.81
C LEU A 16 13.24 2.61 0.31
N GLN A 17 13.68 3.68 -0.34
CA GLN A 17 15.07 3.92 -0.73
C GLN A 17 15.72 4.96 0.18
N ASP A 18 16.81 4.54 0.82
CA ASP A 18 17.68 5.31 1.69
C ASP A 18 18.67 6.20 0.93
N ASP A 19 19.40 7.04 1.65
CA ASP A 19 20.34 8.02 1.09
C ASP A 19 21.54 7.41 0.35
N ASP A 20 21.91 6.17 0.68
CA ASP A 20 22.94 5.41 -0.06
C ASP A 20 22.37 4.69 -1.29
N GLY A 21 21.04 4.69 -1.50
CA GLY A 21 20.38 4.07 -2.64
C GLY A 21 20.32 2.55 -2.57
N LYS A 22 20.48 1.95 -1.38
CA LYS A 22 20.58 0.49 -1.19
C LYS A 22 19.22 -0.17 -1.07
N GLN A 23 18.23 0.58 -0.62
CA GLN A 23 16.83 0.22 -0.35
C GLN A 23 16.68 -0.69 0.86
N TYR A 24 15.57 -0.53 1.58
CA TYR A 24 15.30 -1.32 2.78
C TYR A 24 13.81 -1.68 2.87
N TYR A 25 13.59 -2.95 3.20
CA TYR A 25 12.32 -3.64 3.27
C TYR A 25 12.02 -4.03 4.71
N GLU A 26 10.79 -3.75 5.18
CA GLU A 26 10.43 -4.05 6.56
C GLU A 26 8.93 -4.35 6.72
N TYR A 27 8.64 -5.31 7.60
CA TYR A 27 7.29 -5.69 8.03
C TYR A 27 6.88 -4.91 9.28
N HIS A 28 5.62 -4.46 9.32
CA HIS A 28 5.03 -3.70 10.42
C HIS A 28 3.56 -4.08 10.57
N LYS A 29 3.21 -4.98 11.50
CA LYS A 29 1.82 -5.42 11.69
C LYS A 29 1.29 -5.20 13.09
N GLY A 30 -0.02 -5.40 13.25
CA GLY A 30 -0.72 -5.14 14.49
C GLY A 30 -0.93 -3.66 14.76
N LEU A 31 -1.09 -2.89 13.68
CA LEU A 31 -1.29 -1.45 13.69
C LEU A 31 -2.35 -1.08 12.64
N SER A 32 -2.78 0.17 12.62
CA SER A 32 -4.02 0.57 11.94
C SER A 32 -3.77 1.49 10.74
N LEU A 33 -4.85 1.91 10.07
CA LEU A 33 -4.79 2.86 8.95
C LEU A 33 -4.11 4.19 9.35
N SER A 34 -4.39 4.70 10.56
CA SER A 34 -3.75 5.90 11.11
C SER A 34 -2.25 5.71 11.36
N ASP A 35 -1.81 4.49 11.69
CA ASP A 35 -0.42 4.14 11.93
C ASP A 35 0.33 3.88 10.62
N PHE A 36 -0.37 3.30 9.62
CA PHE A 36 0.06 3.23 8.24
C PHE A 36 0.32 4.64 7.68
N GLU A 37 -0.59 5.60 7.91
CA GLU A 37 -0.42 7.00 7.52
C GLU A 37 0.81 7.66 8.16
N VAL A 38 1.21 7.23 9.36
CA VAL A 38 2.49 7.64 9.95
C VAL A 38 3.64 7.04 9.15
N LEU A 39 3.69 5.73 8.96
CA LEU A 39 4.82 5.09 8.25
C LEU A 39 4.98 5.58 6.81
N TYR A 40 3.86 5.73 6.08
CA TYR A 40 3.84 6.29 4.73
C TYR A 40 4.14 7.79 4.70
N GLY A 41 3.66 8.58 5.67
CA GLY A 41 3.70 10.04 5.62
C GLY A 41 4.87 10.69 6.36
N ASN A 42 5.50 10.00 7.31
CA ASN A 42 6.51 10.57 8.21
C ASN A 42 7.95 10.14 7.84
N THR A 43 8.10 8.99 7.17
CA THR A 43 9.40 8.35 6.93
C THR A 43 10.28 9.15 5.98
N ALA A 44 9.67 9.83 5.00
CA ALA A 44 10.27 10.72 4.00
C ALA A 44 11.38 10.14 3.10
N ASP A 45 11.75 8.86 3.27
CA ASP A 45 12.49 8.09 2.26
C ASP A 45 11.58 7.75 1.07
N GLU A 46 12.16 7.69 -0.13
CA GLU A 46 11.41 7.46 -1.37
C GLU A 46 10.80 6.05 -1.40
N ILE A 47 9.47 5.98 -1.41
CA ILE A 47 8.73 4.73 -1.52
C ILE A 47 8.88 4.11 -2.91
N ILE A 48 9.27 2.83 -2.90
CA ILE A 48 9.54 1.97 -4.04
C ILE A 48 8.49 0.88 -4.10
N LYS A 49 8.22 0.19 -2.98
CA LYS A 49 7.08 -0.73 -2.84
C LYS A 49 6.41 -0.58 -1.48
N LEU A 50 5.14 -0.95 -1.43
CA LEU A 50 4.27 -0.83 -0.28
C LEU A 50 3.12 -1.81 -0.45
N ARG A 51 2.86 -2.57 0.60
CA ARG A 51 1.65 -3.35 0.83
C ARG A 51 1.05 -2.95 2.18
N LEU A 52 -0.27 -2.91 2.21
CA LEU A 52 -1.10 -2.78 3.39
C LEU A 52 -2.20 -3.82 3.24
N ASP A 53 -2.40 -4.66 4.26
CA ASP A 53 -3.40 -5.73 4.29
C ASP A 53 -4.13 -5.63 5.63
N LYS A 54 -5.46 -5.56 5.63
CA LYS A 54 -6.23 -5.87 6.84
C LYS A 54 -5.99 -7.34 7.21
N VAL A 55 -5.49 -7.59 8.41
CA VAL A 55 -5.26 -8.95 8.90
C VAL A 55 -6.51 -9.47 9.59
N LEU A 56 -7.23 -10.31 8.84
CA LEU A 56 -8.60 -10.77 8.99
C LEU A 56 -9.61 -9.69 9.43
N MET B 1 -3.14 6.54 -15.02
CA MET B 1 -4.23 6.67 -14.01
C MET B 1 -5.04 5.38 -13.86
N VAL B 2 -5.61 4.86 -14.95
CA VAL B 2 -6.39 3.61 -14.95
C VAL B 2 -5.51 2.41 -15.29
N GLN B 3 -6.12 1.22 -15.23
CA GLN B 3 -5.58 -0.02 -15.78
C GLN B 3 -5.59 0.04 -17.31
N ASN B 4 -4.41 0.24 -17.91
CA ASN B 4 -4.17 0.03 -19.34
C ASN B 4 -3.23 -1.18 -19.45
N ASP B 5 -1.95 -0.92 -19.19
CA ASP B 5 -0.91 -1.89 -18.88
C ASP B 5 -0.14 -1.35 -17.66
N PHE B 6 0.99 -1.94 -17.31
CA PHE B 6 2.02 -1.32 -16.48
C PHE B 6 2.64 -0.10 -17.17
N VAL B 7 1.82 0.97 -17.26
CA VAL B 7 2.22 2.32 -17.62
C VAL B 7 3.15 2.85 -16.53
N ASP B 8 4.19 3.59 -16.94
CA ASP B 8 5.24 4.06 -16.03
C ASP B 8 4.75 5.10 -15.02
N SER B 9 5.52 5.25 -13.94
CA SER B 9 5.13 5.86 -12.67
C SER B 9 4.19 4.94 -11.87
N TYR B 10 3.94 5.31 -10.61
CA TYR B 10 3.41 4.43 -9.56
C TYR B 10 2.16 3.63 -9.98
N ASP B 11 2.09 2.39 -9.49
CA ASP B 11 1.01 1.41 -9.65
C ASP B 11 0.34 1.18 -8.30
N VAL B 12 -0.94 1.54 -8.21
CA VAL B 12 -1.81 1.24 -7.09
C VAL B 12 -2.72 0.08 -7.46
N THR B 13 -2.69 -0.98 -6.67
CA THR B 13 -3.64 -2.09 -6.75
C THR B 13 -4.35 -2.20 -5.41
N MET B 14 -5.53 -1.60 -5.27
CA MET B 14 -6.31 -1.61 -4.03
C MET B 14 -7.47 -2.60 -4.12
N LEU B 15 -7.97 -3.02 -2.96
CA LEU B 15 -8.95 -4.08 -2.81
C LEU B 15 -9.87 -3.80 -1.61
N LEU B 16 -11.16 -3.68 -1.91
CA LEU B 16 -12.21 -3.30 -0.97
C LEU B 16 -13.23 -4.43 -0.80
N GLN B 17 -14.15 -4.24 0.16
CA GLN B 17 -15.27 -5.14 0.38
C GLN B 17 -16.61 -4.39 0.27
N ASP B 18 -17.57 -5.01 -0.41
CA ASP B 18 -18.93 -4.52 -0.61
C ASP B 18 -19.83 -4.84 0.59
N ASP B 19 -20.99 -4.19 0.65
CA ASP B 19 -22.04 -4.41 1.66
C ASP B 19 -22.59 -5.85 1.65
N ASP B 20 -22.62 -6.50 0.48
CA ASP B 20 -22.98 -7.91 0.35
C ASP B 20 -21.88 -8.87 0.85
N GLY B 21 -20.68 -8.34 1.14
CA GLY B 21 -19.53 -9.09 1.66
C GLY B 21 -18.56 -9.57 0.58
N LYS B 22 -18.84 -9.28 -0.70
CA LYS B 22 -17.94 -9.61 -1.81
C LYS B 22 -16.81 -8.59 -1.93
N GLN B 23 -15.66 -9.07 -2.39
CA GLN B 23 -14.43 -8.27 -2.47
C GLN B 23 -14.13 -7.90 -3.91
N TYR B 24 -13.70 -6.66 -4.13
CA TYR B 24 -13.49 -6.12 -5.46
C TYR B 24 -12.24 -5.24 -5.55
N TYR B 25 -11.64 -5.23 -6.74
CA TYR B 25 -10.37 -4.58 -7.02
C TYR B 25 -10.53 -3.16 -7.56
N GLU B 26 -9.48 -2.38 -7.36
CA GLU B 26 -9.23 -1.04 -7.86
C GLU B 26 -7.77 -0.96 -8.35
N TYR B 27 -7.55 -1.44 -9.58
CA TYR B 27 -6.29 -1.32 -10.31
C TYR B 27 -6.14 0.09 -10.92
N HIS B 28 -5.09 0.81 -10.54
CA HIS B 28 -4.81 2.18 -10.98
C HIS B 28 -3.31 2.37 -11.22
N LYS B 29 -2.89 2.21 -12.48
CA LYS B 29 -1.48 2.22 -12.89
C LYS B 29 -1.07 3.57 -13.49
N GLY B 30 0.23 3.78 -13.62
CA GLY B 30 0.84 4.97 -14.22
C GLY B 30 0.30 6.26 -13.62
N LEU B 31 0.51 6.46 -12.32
CA LEU B 31 0.09 7.64 -11.58
C LEU B 31 1.17 8.07 -10.57
N SER B 32 0.83 8.85 -9.55
CA SER B 32 1.79 9.34 -8.56
C SER B 32 1.22 9.37 -7.14
N LEU B 33 2.04 9.80 -6.17
CA LEU B 33 1.69 9.74 -4.76
C LEU B 33 0.48 10.60 -4.38
N SER B 34 0.35 11.78 -5.00
CA SER B 34 -0.83 12.63 -4.86
C SER B 34 -2.09 12.03 -5.51
N ASP B 35 -1.94 11.14 -6.49
CA ASP B 35 -3.05 10.40 -7.11
C ASP B 35 -3.45 9.19 -6.26
N PHE B 36 -2.48 8.51 -5.64
CA PHE B 36 -2.75 7.52 -4.60
C PHE B 36 -3.54 8.13 -3.43
N GLU B 37 -3.19 9.35 -3.00
CA GLU B 37 -3.93 10.10 -1.98
C GLU B 37 -5.40 10.38 -2.35
N VAL B 38 -5.71 10.53 -3.64
CA VAL B 38 -7.11 10.60 -4.10
C VAL B 38 -7.79 9.25 -3.89
N LEU B 39 -7.20 8.15 -4.38
CA LEU B 39 -7.79 6.82 -4.26
C LEU B 39 -7.99 6.42 -2.78
N TYR B 40 -6.95 6.54 -1.97
CA TYR B 40 -6.99 6.26 -0.54
C TYR B 40 -7.94 7.21 0.23
N GLY B 41 -8.16 8.44 -0.26
CA GLY B 41 -9.05 9.42 0.38
C GLY B 41 -10.52 9.31 -0.03
N ASN B 42 -10.83 8.71 -1.18
CA ASN B 42 -12.19 8.68 -1.75
C ASN B 42 -12.76 7.27 -1.91
N THR B 43 -11.89 6.26 -2.08
CA THR B 43 -12.23 4.95 -2.64
C THR B 43 -11.84 3.80 -1.69
N ALA B 44 -11.20 4.10 -0.56
CA ALA B 44 -10.81 3.15 0.49
C ALA B 44 -12.00 2.56 1.30
N ASP B 45 -13.13 2.29 0.62
CA ASP B 45 -14.42 1.94 1.20
C ASP B 45 -14.42 0.50 1.75
N GLU B 46 -14.00 0.35 3.01
CA GLU B 46 -13.68 -0.93 3.67
C GLU B 46 -12.53 -1.62 2.95
N ILE B 47 -11.34 -1.02 3.07
CA ILE B 47 -10.07 -1.49 2.52
C ILE B 47 -9.57 -2.75 3.23
N ILE B 48 -9.31 -3.78 2.42
CA ILE B 48 -8.92 -5.15 2.78
C ILE B 48 -7.46 -5.36 2.44
N LYS B 49 -7.00 -4.88 1.28
CA LYS B 49 -5.59 -4.63 1.05
C LYS B 49 -5.38 -3.57 -0.01
N LEU B 50 -4.15 -3.06 -0.07
CA LEU B 50 -3.63 -2.36 -1.25
C LEU B 50 -2.15 -2.60 -1.42
N ARG B 51 -1.72 -2.40 -2.66
CA ARG B 51 -0.34 -2.29 -3.10
C ARG B 51 -0.12 -0.90 -3.69
N LEU B 52 1.07 -0.34 -3.47
CA LEU B 52 1.62 0.82 -4.14
C LEU B 52 3.07 0.50 -4.53
N ASP B 53 3.39 0.61 -5.82
CA ASP B 53 4.66 0.14 -6.39
C ASP B 53 5.15 1.18 -7.40
N LYS B 54 6.32 1.78 -7.17
CA LYS B 54 6.92 2.70 -8.14
C LYS B 54 7.40 1.94 -9.38
N VAL B 55 6.55 1.93 -10.41
CA VAL B 55 7.01 1.62 -11.78
C VAL B 55 7.92 2.76 -12.25
N LEU B 56 8.94 2.36 -13.00
CA LEU B 56 10.11 3.15 -13.41
C LEU B 56 10.73 4.00 -12.28
N MET A 1 -3.76 -14.75 12.03
CA MET A 1 -3.54 -16.19 12.24
C MET A 1 -2.20 -16.40 12.93
N VAL A 2 -2.19 -17.20 14.00
CA VAL A 2 -1.12 -17.21 15.03
C VAL A 2 -1.10 -15.85 15.74
N GLN A 3 -1.95 -15.74 16.76
CA GLN A 3 -2.34 -14.49 17.42
C GLN A 3 -1.29 -13.93 18.40
N ASN A 4 -0.03 -14.18 18.07
CA ASN A 4 1.18 -13.73 18.73
C ASN A 4 2.23 -13.20 17.72
N ASP A 5 1.98 -13.35 16.41
CA ASP A 5 2.87 -12.92 15.34
C ASP A 5 2.09 -12.18 14.24
N PHE A 6 0.91 -12.71 13.89
CA PHE A 6 -0.08 -12.06 13.03
C PHE A 6 -1.45 -12.12 13.70
N VAL A 7 -1.59 -11.39 14.81
CA VAL A 7 -2.90 -11.09 15.39
C VAL A 7 -3.71 -10.19 14.44
N ASP A 8 -5.04 -10.23 14.54
CA ASP A 8 -5.89 -9.35 13.73
C ASP A 8 -5.63 -7.87 14.03
N SER A 9 -5.81 -7.11 12.96
CA SER A 9 -5.15 -5.85 12.61
C SER A 9 -4.94 -5.78 11.09
N TYR A 10 -4.26 -4.73 10.62
CA TYR A 10 -3.59 -4.70 9.33
C TYR A 10 -2.10 -5.08 9.51
N ASP A 11 -1.49 -5.52 8.41
CA ASP A 11 -0.07 -5.67 8.09
C ASP A 11 0.24 -4.57 7.08
N VAL A 12 1.39 -3.92 7.25
CA VAL A 12 1.94 -2.84 6.45
C VAL A 12 3.39 -3.21 6.13
N THR A 13 3.56 -3.91 5.02
CA THR A 13 4.86 -4.34 4.51
C THR A 13 5.31 -3.33 3.46
N MET A 14 6.21 -2.43 3.85
CA MET A 14 6.69 -1.35 2.99
C MET A 14 8.20 -1.50 2.77
N LEU A 15 8.74 -0.85 1.73
CA LEU A 15 10.17 -0.62 1.61
C LEU A 15 10.50 0.64 0.80
N LEU A 16 11.71 1.11 1.05
CA LEU A 16 12.27 2.39 0.62
C LEU A 16 13.67 2.20 0.10
N GLN A 17 14.22 3.26 -0.49
CA GLN A 17 15.61 3.31 -0.94
C GLN A 17 16.35 4.45 -0.23
N ASP A 18 17.54 4.12 0.28
CA ASP A 18 18.45 5.08 0.89
C ASP A 18 19.17 5.94 -0.17
N ASP A 19 19.73 7.09 0.25
CA ASP A 19 20.56 7.95 -0.61
C ASP A 19 21.83 7.25 -1.11
N ASP A 20 22.33 6.22 -0.42
CA ASP A 20 23.42 5.35 -0.89
C ASP A 20 22.94 4.37 -2.00
N GLY A 21 21.66 4.38 -2.35
CA GLY A 21 21.08 3.62 -3.47
C GLY A 21 20.62 2.21 -3.11
N LYS A 22 20.67 1.83 -1.84
CA LYS A 22 20.27 0.52 -1.35
C LYS A 22 18.86 0.54 -0.77
N GLN A 23 18.17 -0.58 -0.87
CA GLN A 23 16.82 -0.72 -0.36
C GLN A 23 16.81 -1.16 1.10
N TYR A 24 15.79 -0.71 1.83
CA TYR A 24 15.52 -1.13 3.20
C TYR A 24 14.01 -1.23 3.45
N TYR A 25 13.62 -2.22 4.24
CA TYR A 25 12.22 -2.49 4.57
C TYR A 25 11.72 -1.63 5.73
N GLU A 26 10.41 -1.42 5.70
CA GLU A 26 9.56 -0.92 6.75
C GLU A 26 8.38 -1.90 6.85
N TYR A 27 8.69 -3.10 7.33
CA TYR A 27 7.76 -4.19 7.57
C TYR A 27 7.14 -4.04 8.96
N HIS A 28 5.82 -3.87 9.01
CA HIS A 28 5.04 -3.69 10.24
C HIS A 28 3.81 -4.60 10.16
N LYS A 29 3.37 -5.12 11.31
CA LYS A 29 2.04 -5.72 11.45
C LYS A 29 1.52 -5.52 12.87
N GLY A 30 0.24 -5.80 13.08
CA GLY A 30 -0.43 -5.52 14.36
C GLY A 30 -0.79 -4.04 14.54
N LEU A 31 -0.97 -3.31 13.43
CA LEU A 31 -1.27 -1.88 13.38
C LEU A 31 -2.51 -1.62 12.53
N SER A 32 -2.87 -0.35 12.35
CA SER A 32 -4.11 0.06 11.71
C SER A 32 -3.91 1.12 10.63
N LEU A 33 -5.01 1.51 9.96
CA LEU A 33 -4.96 2.52 8.90
C LEU A 33 -4.48 3.89 9.40
N SER A 34 -4.82 4.26 10.64
CA SER A 34 -4.34 5.46 11.30
C SER A 34 -2.86 5.40 11.68
N ASP A 35 -2.27 4.20 11.76
CA ASP A 35 -0.84 3.98 11.99
C ASP A 35 -0.08 3.94 10.65
N PHE A 36 -0.71 3.40 9.61
CA PHE A 36 -0.24 3.52 8.23
C PHE A 36 -0.16 4.99 7.79
N GLU A 37 -1.18 5.80 8.15
CA GLU A 37 -1.21 7.25 7.92
C GLU A 37 0.03 7.94 8.49
N VAL A 38 0.51 7.49 9.66
CA VAL A 38 1.76 7.97 10.28
C VAL A 38 2.98 7.47 9.50
N LEU A 39 3.06 6.17 9.19
CA LEU A 39 4.21 5.59 8.47
C LEU A 39 4.42 6.27 7.11
N TYR A 40 3.37 6.37 6.30
CA TYR A 40 3.41 7.09 5.03
C TYR A 40 3.70 8.59 5.21
N GLY A 41 3.17 9.22 6.27
CA GLY A 41 3.38 10.65 6.54
C GLY A 41 4.74 11.02 7.14
N ASN A 42 5.49 10.05 7.68
CA ASN A 42 6.76 10.29 8.38
C ASN A 42 7.98 9.69 7.67
N THR A 43 7.79 8.58 6.95
CA THR A 43 8.90 7.69 6.57
C THR A 43 8.99 7.46 5.06
N ALA A 44 8.00 7.89 4.27
CA ALA A 44 7.91 7.72 2.82
C ALA A 44 8.89 8.62 2.01
N ASP A 45 10.17 8.64 2.40
CA ASP A 45 11.25 9.44 1.82
C ASP A 45 11.43 9.20 0.30
N GLU A 46 11.90 8.00 -0.06
CA GLU A 46 11.98 7.53 -1.45
C GLU A 46 11.40 6.11 -1.52
N ILE A 47 10.08 6.08 -1.60
CA ILE A 47 9.26 4.89 -1.49
C ILE A 47 9.32 4.08 -2.80
N ILE A 48 9.28 2.75 -2.66
CA ILE A 48 9.55 1.80 -3.72
C ILE A 48 8.36 0.86 -3.83
N LYS A 49 8.09 0.11 -2.74
CA LYS A 49 7.00 -0.84 -2.65
C LYS A 49 6.26 -0.71 -1.32
N LEU A 50 4.99 -1.08 -1.36
CA LEU A 50 4.03 -0.92 -0.28
C LEU A 50 2.98 -2.02 -0.41
N ARG A 51 2.74 -2.74 0.68
CA ARG A 51 1.76 -3.83 0.78
C ARG A 51 1.03 -3.72 2.12
N LEU A 52 -0.06 -2.96 2.14
CA LEU A 52 -1.03 -2.97 3.22
C LEU A 52 -2.02 -4.12 3.01
N ASP A 53 -2.33 -4.85 4.08
CA ASP A 53 -3.12 -6.07 4.07
C ASP A 53 -3.86 -6.25 5.41
N LYS A 54 -5.20 -6.28 5.39
CA LYS A 54 -5.99 -6.74 6.53
C LYS A 54 -5.64 -8.20 6.87
N VAL A 55 -5.08 -8.40 8.07
CA VAL A 55 -4.63 -9.71 8.54
C VAL A 55 -5.82 -10.65 8.69
N LEU A 56 -5.51 -11.91 8.49
CA LEU A 56 -6.38 -13.09 8.57
C LEU A 56 -6.78 -13.40 10.03
N MET B 1 1.09 9.85 -19.37
CA MET B 1 1.01 8.38 -19.50
C MET B 1 1.27 7.99 -20.95
N VAL B 2 2.32 7.21 -21.18
CA VAL B 2 2.70 6.67 -22.49
C VAL B 2 2.73 5.16 -22.54
N GLN B 3 2.61 4.49 -21.38
CA GLN B 3 2.42 3.06 -21.19
C GLN B 3 3.00 2.18 -22.29
N ASN B 4 4.29 1.90 -22.18
CA ASN B 4 5.04 1.17 -23.19
C ASN B 4 4.66 -0.32 -23.20
N ASP B 5 4.96 -1.02 -22.11
CA ASP B 5 4.67 -2.45 -21.95
C ASP B 5 4.49 -2.77 -20.46
N PHE B 6 3.27 -2.50 -19.96
CA PHE B 6 2.87 -2.44 -18.55
C PHE B 6 3.65 -1.42 -17.70
N VAL B 7 4.73 -0.83 -18.23
CA VAL B 7 5.60 0.17 -17.64
C VAL B 7 5.11 1.57 -18.03
N ASP B 8 4.74 2.35 -17.02
CA ASP B 8 4.58 3.80 -17.12
C ASP B 8 5.07 4.49 -15.84
N SER B 9 4.20 4.54 -14.83
CA SER B 9 4.34 5.24 -13.56
C SER B 9 3.63 4.39 -12.48
N TYR B 10 3.65 4.84 -11.22
CA TYR B 10 3.23 4.10 -10.03
C TYR B 10 2.01 3.21 -10.27
N ASP B 11 2.20 1.92 -9.99
CA ASP B 11 1.12 0.94 -9.85
C ASP B 11 0.51 1.11 -8.46
N VAL B 12 -0.80 1.31 -8.41
CA VAL B 12 -1.63 1.07 -7.23
C VAL B 12 -2.58 -0.08 -7.54
N THR B 13 -2.64 -1.06 -6.65
CA THR B 13 -3.53 -2.21 -6.74
C THR B 13 -4.19 -2.39 -5.38
N MET B 14 -5.38 -1.79 -5.22
CA MET B 14 -6.10 -1.69 -3.95
C MET B 14 -7.38 -2.52 -3.97
N LEU B 15 -7.91 -2.84 -2.78
CA LEU B 15 -9.00 -3.78 -2.61
C LEU B 15 -9.82 -3.43 -1.37
N LEU B 16 -11.11 -3.17 -1.59
CA LEU B 16 -12.08 -2.67 -0.61
C LEU B 16 -13.23 -3.67 -0.43
N GLN B 17 -14.13 -3.38 0.52
CA GLN B 17 -15.25 -4.25 0.86
C GLN B 17 -16.58 -3.49 0.84
N ASP B 18 -17.53 -4.01 0.05
CA ASP B 18 -18.88 -3.47 -0.11
C ASP B 18 -19.85 -4.01 0.95
N ASP B 19 -21.09 -3.52 0.91
CA ASP B 19 -22.15 -3.84 1.86
C ASP B 19 -22.60 -5.31 1.85
N ASP B 20 -22.39 -6.05 0.75
CA ASP B 20 -22.66 -7.49 0.68
C ASP B 20 -21.41 -8.31 1.08
N GLY B 21 -20.25 -7.65 1.27
CA GLY B 21 -18.99 -8.29 1.62
C GLY B 21 -18.33 -9.01 0.44
N LYS B 22 -18.70 -8.68 -0.80
CA LYS B 22 -18.25 -9.36 -2.01
C LYS B 22 -16.78 -9.04 -2.36
N GLN B 23 -16.36 -7.82 -2.01
CA GLN B 23 -15.05 -7.20 -2.21
C GLN B 23 -14.86 -6.72 -3.64
N TYR B 24 -14.26 -5.52 -3.77
CA TYR B 24 -14.03 -4.89 -5.06
C TYR B 24 -12.61 -4.32 -5.17
N TYR B 25 -12.13 -4.36 -6.41
CA TYR B 25 -10.72 -4.28 -6.77
C TYR B 25 -10.46 -3.02 -7.59
N GLU B 26 -9.42 -2.29 -7.21
CA GLU B 26 -9.07 -0.95 -7.67
C GLU B 26 -7.62 -0.94 -8.13
N TYR B 27 -7.40 -1.51 -9.31
CA TYR B 27 -6.16 -1.41 -10.08
C TYR B 27 -6.09 -0.05 -10.79
N HIS B 28 -5.03 0.72 -10.50
CA HIS B 28 -4.75 2.05 -11.01
C HIS B 28 -3.24 2.24 -11.16
N LYS B 29 -2.73 1.98 -12.37
CA LYS B 29 -1.32 2.15 -12.72
C LYS B 29 -1.13 3.37 -13.62
N GLY B 30 0.10 3.89 -13.70
CA GLY B 30 0.44 5.01 -14.58
C GLY B 30 0.06 6.35 -13.96
N LEU B 31 0.23 6.48 -12.65
CA LEU B 31 -0.02 7.70 -11.88
C LEU B 31 1.14 7.98 -10.91
N SER B 32 0.97 8.88 -9.93
CA SER B 32 1.98 9.09 -8.89
C SER B 32 1.38 9.30 -7.50
N LEU B 33 2.22 9.55 -6.49
CA LEU B 33 1.84 9.49 -5.08
C LEU B 33 0.67 10.43 -4.71
N SER B 34 0.60 11.62 -5.31
CA SER B 34 -0.53 12.54 -5.08
C SER B 34 -1.85 12.03 -5.68
N ASP B 35 -1.80 11.27 -6.79
CA ASP B 35 -2.98 10.60 -7.38
C ASP B 35 -3.37 9.32 -6.61
N PHE B 36 -2.39 8.63 -6.03
CA PHE B 36 -2.64 7.58 -5.03
C PHE B 36 -3.40 8.15 -3.82
N GLU B 37 -2.98 9.30 -3.28
CA GLU B 37 -3.67 9.96 -2.18
C GLU B 37 -5.11 10.38 -2.54
N VAL B 38 -5.41 10.66 -3.82
CA VAL B 38 -6.78 10.84 -4.31
C VAL B 38 -7.59 9.53 -4.19
N LEU B 39 -7.07 8.42 -4.72
CA LEU B 39 -7.73 7.11 -4.66
C LEU B 39 -7.96 6.65 -3.20
N TYR B 40 -6.91 6.71 -2.37
CA TYR B 40 -6.95 6.40 -0.94
C TYR B 40 -7.92 7.34 -0.20
N GLY B 41 -7.86 8.64 -0.47
CA GLY B 41 -8.74 9.64 0.15
C GLY B 41 -10.22 9.52 -0.23
N ASN B 42 -10.55 8.95 -1.40
CA ASN B 42 -11.92 8.74 -1.86
C ASN B 42 -12.45 7.33 -1.57
N THR B 43 -11.58 6.39 -1.20
CA THR B 43 -11.97 5.01 -0.93
C THR B 43 -11.65 4.63 0.51
N ALA B 44 -10.60 3.83 0.73
CA ALA B 44 -10.26 3.13 1.97
C ALA B 44 -11.44 2.36 2.64
N ASP B 45 -12.53 2.16 1.89
CA ASP B 45 -13.82 1.65 2.33
C ASP B 45 -13.75 0.19 2.83
N GLU B 46 -13.70 0.04 4.16
CA GLU B 46 -13.55 -1.26 4.85
C GLU B 46 -12.41 -2.08 4.25
N ILE B 47 -11.28 -1.39 4.01
CA ILE B 47 -10.15 -1.85 3.21
C ILE B 47 -9.60 -3.22 3.61
N ILE B 48 -9.08 -3.92 2.60
CA ILE B 48 -8.65 -5.31 2.61
C ILE B 48 -7.20 -5.38 2.17
N LYS B 49 -6.86 -4.86 0.97
CA LYS B 49 -5.48 -4.74 0.51
C LYS B 49 -5.21 -3.38 -0.12
N LEU B 50 -3.95 -2.98 -0.12
CA LEU B 50 -3.41 -1.85 -0.85
C LEU B 50 -1.96 -2.17 -1.19
N ARG B 51 -1.72 -2.48 -2.47
CA ARG B 51 -0.38 -2.54 -3.02
C ARG B 51 -0.05 -1.24 -3.75
N LEU B 52 1.18 -0.79 -3.60
CA LEU B 52 1.76 0.25 -4.43
C LEU B 52 3.22 -0.10 -4.77
N ASP B 53 3.64 0.24 -5.99
CA ASP B 53 4.95 -0.10 -6.53
C ASP B 53 5.38 0.98 -7.53
N LYS B 54 6.49 1.69 -7.22
CA LYS B 54 7.01 2.66 -8.18
C LYS B 54 7.47 2.01 -9.48
N VAL B 55 7.42 2.83 -10.52
CA VAL B 55 7.95 2.52 -11.84
C VAL B 55 9.01 3.57 -12.17
N LEU B 56 9.88 3.16 -13.08
CA LEU B 56 11.07 3.84 -13.59
C LEU B 56 10.81 5.28 -14.08
N MET A 1 -2.39 -3.31 16.95
CA MET A 1 -1.49 -2.56 17.83
C MET A 1 -0.26 -3.39 18.19
N VAL A 2 -0.46 -4.60 18.74
CA VAL A 2 0.64 -5.53 19.01
C VAL A 2 1.22 -6.00 17.69
N GLN A 3 2.35 -5.42 17.32
CA GLN A 3 3.01 -5.61 16.05
C GLN A 3 4.06 -6.72 16.20
N ASN A 4 3.61 -7.95 16.04
CA ASN A 4 4.51 -9.08 16.12
C ASN A 4 4.24 -10.13 15.04
N ASP A 5 3.22 -10.97 15.23
CA ASP A 5 3.11 -12.22 14.49
C ASP A 5 1.79 -12.29 13.72
N PHE A 6 1.60 -11.28 12.87
CA PHE A 6 0.33 -11.01 12.20
C PHE A 6 -0.85 -11.09 13.17
N VAL A 7 -0.75 -10.30 14.24
CA VAL A 7 -1.84 -10.07 15.18
C VAL A 7 -2.82 -9.10 14.53
N ASP A 8 -4.12 -9.40 14.63
CA ASP A 8 -5.13 -8.69 13.86
C ASP A 8 -5.19 -7.18 14.12
N SER A 9 -5.52 -6.49 13.03
CA SER A 9 -5.02 -5.17 12.59
C SER A 9 -4.76 -5.23 11.09
N TYR A 10 -4.12 -4.20 10.53
CA TYR A 10 -3.48 -4.25 9.22
C TYR A 10 -2.00 -4.65 9.37
N ASP A 11 -1.51 -5.36 8.37
CA ASP A 11 -0.11 -5.67 8.06
C ASP A 11 0.35 -4.72 6.95
N VAL A 12 1.37 -3.92 7.21
CA VAL A 12 1.86 -2.87 6.31
C VAL A 12 3.35 -3.07 6.05
N THR A 13 3.66 -3.62 4.88
CA THR A 13 5.02 -3.93 4.43
C THR A 13 5.45 -2.86 3.44
N MET A 14 6.15 -1.84 3.94
CA MET A 14 6.65 -0.73 3.13
C MET A 14 8.12 -0.98 2.77
N LEU A 15 8.59 -0.28 1.73
CA LEU A 15 9.93 -0.43 1.19
C LEU A 15 10.43 0.91 0.66
N LEU A 16 11.53 1.39 1.24
CA LEU A 16 12.15 2.67 0.93
C LEU A 16 13.56 2.45 0.35
N GLN A 17 14.20 3.56 -0.02
CA GLN A 17 15.56 3.57 -0.54
C GLN A 17 16.39 4.63 0.16
N ASP A 18 17.61 4.26 0.53
CA ASP A 18 18.62 5.15 1.09
C ASP A 18 19.28 6.02 0.00
N ASP A 19 19.93 7.09 0.42
CA ASP A 19 20.66 7.99 -0.49
C ASP A 19 21.81 7.30 -1.23
N ASP A 20 22.39 6.25 -0.63
CA ASP A 20 23.39 5.39 -1.26
C ASP A 20 22.77 4.41 -2.28
N GLY A 21 21.44 4.35 -2.36
CA GLY A 21 20.70 3.47 -3.27
C GLY A 21 20.30 2.13 -2.65
N LYS A 22 20.61 1.90 -1.38
CA LYS A 22 20.23 0.69 -0.65
C LYS A 22 18.73 0.68 -0.39
N GLN A 23 18.03 -0.32 -0.91
CA GLN A 23 16.62 -0.52 -0.63
C GLN A 23 16.44 -1.30 0.67
N TYR A 24 15.53 -0.84 1.53
CA TYR A 24 15.28 -1.43 2.82
C TYR A 24 13.79 -1.48 3.16
N TYR A 25 13.41 -2.55 3.84
CA TYR A 25 12.04 -2.83 4.25
C TYR A 25 11.65 -2.13 5.55
N GLU A 26 10.35 -1.90 5.68
CA GLU A 26 9.65 -1.44 6.87
C GLU A 26 8.40 -2.31 7.04
N TYR A 27 8.58 -3.48 7.67
CA TYR A 27 7.51 -4.38 8.07
C TYR A 27 6.76 -3.83 9.28
N HIS A 28 5.43 -3.80 9.20
CA HIS A 28 4.54 -3.35 10.28
C HIS A 28 3.31 -4.25 10.36
N LYS A 29 3.55 -5.46 10.86
CA LYS A 29 2.62 -6.59 10.91
C LYS A 29 1.65 -6.50 12.11
N GLY A 30 0.90 -5.39 12.20
CA GLY A 30 -0.08 -5.24 13.28
C GLY A 30 -0.31 -3.80 13.75
N LEU A 31 -0.58 -2.88 12.81
CA LEU A 31 -0.98 -1.51 13.11
C LEU A 31 -2.26 -1.13 12.35
N SER A 32 -2.72 0.11 12.47
CA SER A 32 -4.01 0.53 11.89
C SER A 32 -3.86 1.56 10.78
N LEU A 33 -4.97 1.92 10.16
CA LEU A 33 -4.97 2.89 9.06
C LEU A 33 -4.49 4.30 9.48
N SER A 34 -4.75 4.71 10.73
CA SER A 34 -4.19 5.93 11.29
C SER A 34 -2.69 5.85 11.51
N ASP A 35 -2.16 4.68 11.87
CA ASP A 35 -0.72 4.44 12.05
C ASP A 35 -0.01 4.27 10.70
N PHE A 36 -0.71 3.73 9.69
CA PHE A 36 -0.25 3.73 8.31
C PHE A 36 -0.09 5.16 7.77
N GLU A 37 -1.02 6.06 8.05
CA GLU A 37 -0.89 7.48 7.68
C GLU A 37 0.31 8.16 8.35
N VAL A 38 0.68 7.73 9.57
CA VAL A 38 1.94 8.15 10.20
C VAL A 38 3.13 7.56 9.44
N LEU A 39 3.16 6.27 9.16
CA LEU A 39 4.23 5.60 8.41
C LEU A 39 4.44 6.26 7.02
N TYR A 40 3.36 6.44 6.27
CA TYR A 40 3.36 7.05 4.95
C TYR A 40 3.67 8.56 4.96
N GLY A 41 3.56 9.21 6.12
CA GLY A 41 3.86 10.63 6.30
C GLY A 41 5.26 10.89 6.85
N ASN A 42 5.74 10.07 7.78
CA ASN A 42 6.98 10.27 8.52
C ASN A 42 8.14 9.42 8.01
N THR A 43 7.83 8.23 7.47
CA THR A 43 8.81 7.16 7.28
C THR A 43 8.98 6.80 5.80
N ALA A 44 8.12 7.32 4.92
CA ALA A 44 8.12 7.11 3.48
C ALA A 44 9.28 7.80 2.73
N ASP A 45 10.47 7.82 3.33
CA ASP A 45 11.64 8.54 2.89
C ASP A 45 12.25 7.92 1.62
N GLU A 46 11.84 8.46 0.47
CA GLU A 46 12.05 7.89 -0.87
C GLU A 46 11.52 6.46 -0.97
N ILE A 47 10.19 6.37 -1.00
CA ILE A 47 9.47 5.12 -1.17
C ILE A 47 9.69 4.45 -2.52
N ILE A 48 9.55 3.13 -2.51
CA ILE A 48 9.69 2.22 -3.63
C ILE A 48 8.46 1.33 -3.68
N LYS A 49 8.16 0.58 -2.61
CA LYS A 49 6.99 -0.31 -2.56
C LYS A 49 6.17 -0.12 -1.28
N LEU A 50 4.93 -0.58 -1.37
CA LEU A 50 3.96 -0.64 -0.28
C LEU A 50 2.99 -1.79 -0.52
N ARG A 51 2.88 -2.64 0.49
CA ARG A 51 1.82 -3.61 0.68
C ARG A 51 1.08 -3.27 1.96
N LEU A 52 -0.25 -3.30 1.91
CA LEU A 52 -1.10 -3.14 3.07
C LEU A 52 -2.26 -4.14 2.99
N ASP A 53 -2.54 -4.80 4.11
CA ASP A 53 -3.39 -5.98 4.16
C ASP A 53 -4.10 -6.04 5.51
N LYS A 54 -5.44 -5.95 5.54
CA LYS A 54 -6.20 -6.27 6.74
C LYS A 54 -6.01 -7.73 7.13
N VAL A 55 -5.25 -7.93 8.21
CA VAL A 55 -5.14 -9.20 8.93
C VAL A 55 -6.50 -9.50 9.56
N LEU A 56 -6.78 -10.78 9.62
CA LEU A 56 -8.07 -11.39 9.93
C LEU A 56 -9.23 -10.79 9.11
N MET B 1 9.63 -8.53 -10.89
CA MET B 1 9.44 -9.35 -12.09
C MET B 1 8.13 -8.99 -12.76
N VAL B 2 8.08 -9.28 -14.07
CA VAL B 2 6.95 -9.14 -15.01
C VAL B 2 6.19 -7.82 -14.97
N GLN B 3 6.87 -6.75 -14.61
CA GLN B 3 6.33 -5.40 -14.67
C GLN B 3 6.91 -4.70 -15.90
N ASN B 4 6.39 -5.09 -17.07
CA ASN B 4 7.02 -4.73 -18.33
C ASN B 4 6.04 -4.42 -19.46
N ASP B 5 4.75 -4.34 -19.15
CA ASP B 5 3.72 -4.37 -20.18
C ASP B 5 2.95 -3.06 -20.27
N PHE B 6 2.56 -2.54 -19.11
CA PHE B 6 1.87 -1.26 -18.98
C PHE B 6 2.76 -0.19 -18.34
N VAL B 7 4.03 -0.53 -18.12
CA VAL B 7 5.01 0.18 -17.30
C VAL B 7 5.25 1.63 -17.73
N ASP B 8 4.94 2.56 -16.83
CA ASP B 8 5.19 3.99 -17.01
C ASP B 8 5.43 4.73 -15.67
N SER B 9 4.35 4.84 -14.90
CA SER B 9 4.29 5.44 -13.57
C SER B 9 3.57 4.52 -12.59
N TYR B 10 3.53 4.91 -11.31
CA TYR B 10 3.18 4.06 -10.17
C TYR B 10 1.99 3.14 -10.43
N ASP B 11 2.17 1.89 -10.06
CA ASP B 11 1.19 0.82 -10.20
C ASP B 11 0.51 0.57 -8.86
N VAL B 12 -0.73 1.02 -8.72
CA VAL B 12 -1.57 0.73 -7.55
C VAL B 12 -2.58 -0.34 -7.91
N THR B 13 -2.72 -1.33 -7.02
CA THR B 13 -3.72 -2.39 -7.12
C THR B 13 -4.32 -2.58 -5.74
N MET B 14 -5.53 -2.05 -5.54
CA MET B 14 -6.21 -2.03 -4.26
C MET B 14 -7.55 -2.76 -4.38
N LEU B 15 -8.11 -3.19 -3.26
CA LEU B 15 -9.46 -3.72 -3.22
C LEU B 15 -10.13 -3.45 -1.88
N LEU B 16 -11.45 -3.44 -1.96
CA LEU B 16 -12.39 -2.98 -0.95
C LEU B 16 -13.45 -4.05 -0.73
N GLN B 17 -14.17 -3.96 0.39
CA GLN B 17 -15.36 -4.76 0.63
C GLN B 17 -16.60 -3.86 0.61
N ASP B 18 -17.67 -4.36 0.00
CA ASP B 18 -18.95 -3.67 -0.12
C ASP B 18 -20.10 -4.67 -0.32
N ASP B 19 -21.32 -4.17 -0.47
CA ASP B 19 -22.48 -4.86 -1.01
C ASP B 19 -22.60 -6.32 -0.57
N ASP B 20 -23.03 -6.47 0.68
CA ASP B 20 -23.25 -7.73 1.41
C ASP B 20 -21.96 -8.43 1.85
N GLY B 21 -20.80 -7.80 1.62
CA GLY B 21 -19.49 -8.35 1.98
C GLY B 21 -18.70 -8.86 0.78
N LYS B 22 -19.16 -8.60 -0.44
CA LYS B 22 -18.41 -8.89 -1.66
C LYS B 22 -17.25 -7.91 -1.81
N GLN B 23 -16.13 -8.42 -2.29
CA GLN B 23 -14.97 -7.58 -2.56
C GLN B 23 -14.99 -7.04 -3.97
N TYR B 24 -14.55 -5.79 -4.12
CA TYR B 24 -14.38 -5.15 -5.42
C TYR B 24 -13.00 -4.53 -5.54
N TYR B 25 -12.53 -4.41 -6.79
CA TYR B 25 -11.12 -4.27 -7.13
C TYR B 25 -10.86 -2.96 -7.86
N GLU B 26 -9.71 -2.35 -7.56
CA GLU B 26 -9.32 -1.00 -7.93
C GLU B 26 -7.85 -1.00 -8.38
N TYR B 27 -7.64 -1.47 -9.60
CA TYR B 27 -6.38 -1.41 -10.34
C TYR B 27 -6.23 -0.03 -11.02
N HIS B 28 -5.14 0.66 -10.68
CA HIS B 28 -4.84 2.03 -11.10
C HIS B 28 -3.33 2.22 -11.24
N LYS B 29 -2.82 1.93 -12.43
CA LYS B 29 -1.43 2.21 -12.80
C LYS B 29 -1.29 3.55 -13.51
N GLY B 30 -0.05 3.99 -13.68
CA GLY B 30 0.29 5.16 -14.47
C GLY B 30 -0.08 6.47 -13.78
N LEU B 31 0.04 6.52 -12.46
CA LEU B 31 -0.25 7.68 -11.63
C LEU B 31 0.92 7.94 -10.67
N SER B 32 0.72 8.75 -9.63
CA SER B 32 1.79 9.01 -8.66
C SER B 32 1.28 9.07 -7.22
N LEU B 33 2.17 9.30 -6.27
CA LEU B 33 1.85 9.25 -4.84
C LEU B 33 0.75 10.24 -4.42
N SER B 34 0.71 11.43 -5.01
CA SER B 34 -0.36 12.39 -4.78
C SER B 34 -1.72 11.97 -5.35
N ASP B 35 -1.74 11.08 -6.35
CA ASP B 35 -2.96 10.47 -6.91
C ASP B 35 -3.37 9.23 -6.11
N PHE B 36 -2.39 8.48 -5.59
CA PHE B 36 -2.63 7.40 -4.64
C PHE B 36 -3.24 7.91 -3.33
N GLU B 37 -2.77 9.04 -2.81
CA GLU B 37 -3.34 9.75 -1.67
C GLU B 37 -4.85 10.02 -1.86
N VAL B 38 -5.25 10.42 -3.07
CA VAL B 38 -6.66 10.57 -3.44
C VAL B 38 -7.37 9.21 -3.50
N LEU B 39 -6.81 8.23 -4.21
CA LEU B 39 -7.42 6.91 -4.38
C LEU B 39 -7.70 6.24 -3.02
N TYR B 40 -6.69 6.20 -2.14
CA TYR B 40 -6.84 5.73 -0.77
C TYR B 40 -7.87 6.60 -0.01
N GLY B 41 -7.60 7.90 0.16
CA GLY B 41 -8.39 8.79 1.01
C GLY B 41 -9.86 8.93 0.62
N ASN B 42 -10.22 8.69 -0.64
CA ASN B 42 -11.60 8.77 -1.12
C ASN B 42 -12.36 7.44 -0.99
N THR B 43 -11.65 6.31 -0.80
CA THR B 43 -12.20 4.98 -1.08
C THR B 43 -12.05 3.99 0.06
N ALA B 44 -11.10 4.22 0.99
CA ALA B 44 -10.62 3.26 1.97
C ALA B 44 -11.59 2.87 3.12
N ASP B 45 -12.89 2.98 2.91
CA ASP B 45 -13.92 2.81 3.94
C ASP B 45 -13.90 1.44 4.65
N GLU B 46 -13.62 0.38 3.89
CA GLU B 46 -13.55 -0.99 4.38
C GLU B 46 -12.44 -1.75 3.62
N ILE B 47 -11.27 -1.12 3.58
CA ILE B 47 -10.15 -1.58 2.76
C ILE B 47 -9.53 -2.86 3.33
N ILE B 48 -9.21 -3.79 2.42
CA ILE B 48 -8.78 -5.14 2.74
C ILE B 48 -7.36 -5.40 2.24
N LYS B 49 -7.08 -5.12 0.95
CA LYS B 49 -5.75 -5.33 0.35
C LYS B 49 -5.35 -4.17 -0.53
N LEU B 50 -4.05 -3.93 -0.56
CA LEU B 50 -3.42 -2.83 -1.26
C LEU B 50 -2.01 -3.19 -1.66
N ARG B 51 -1.69 -2.87 -2.91
CA ARG B 51 -0.39 -3.01 -3.55
C ARG B 51 -0.02 -1.68 -4.22
N LEU B 52 1.20 -1.20 -4.02
CA LEU B 52 1.81 -0.10 -4.76
C LEU B 52 3.30 -0.37 -4.95
N ASP B 53 3.83 0.02 -6.11
CA ASP B 53 5.22 0.44 -6.22
C ASP B 53 5.40 1.60 -7.19
N LYS B 54 6.54 2.29 -7.03
CA LYS B 54 7.14 3.00 -8.15
C LYS B 54 7.67 1.99 -9.15
N VAL B 55 7.17 2.11 -10.37
CA VAL B 55 7.41 1.09 -11.39
C VAL B 55 8.82 1.19 -11.93
N LEU B 56 9.38 0.02 -12.24
CA LEU B 56 10.80 -0.18 -12.53
C LEU B 56 11.41 0.79 -13.53
N MET A 1 -3.75 -21.67 19.42
CA MET A 1 -3.20 -20.31 19.51
C MET A 1 -3.48 -19.62 18.18
N VAL A 2 -4.29 -18.54 18.19
CA VAL A 2 -4.68 -17.82 16.97
C VAL A 2 -3.53 -17.05 16.31
N GLN A 3 -2.48 -16.74 17.08
CA GLN A 3 -1.28 -16.05 16.63
C GLN A 3 -0.44 -16.95 15.72
N ASN A 4 -0.79 -16.99 14.45
CA ASN A 4 -0.10 -17.76 13.42
C ASN A 4 1.01 -16.92 12.76
N ASP A 5 0.64 -15.74 12.23
CA ASP A 5 1.49 -14.83 11.49
C ASP A 5 1.48 -13.43 12.14
N PHE A 6 0.48 -12.60 11.81
CA PHE A 6 0.31 -11.22 12.29
C PHE A 6 -1.11 -10.98 12.83
N VAL A 7 -1.76 -12.04 13.34
CA VAL A 7 -3.20 -12.16 13.57
C VAL A 7 -3.72 -11.22 14.66
N ASP A 8 -3.92 -9.96 14.29
CA ASP A 8 -4.36 -8.87 15.17
C ASP A 8 -5.10 -7.78 14.41
N SER A 9 -4.36 -7.08 13.52
CA SER A 9 -4.80 -5.91 12.76
C SER A 9 -3.84 -5.65 11.59
N TYR A 10 -4.08 -4.60 10.80
CA TYR A 10 -3.43 -4.33 9.51
C TYR A 10 -1.90 -4.59 9.54
N ASP A 11 -1.42 -5.31 8.53
CA ASP A 11 -0.02 -5.58 8.20
C ASP A 11 0.39 -4.65 7.06
N VAL A 12 1.35 -3.75 7.32
CA VAL A 12 1.91 -2.81 6.36
C VAL A 12 3.38 -3.14 6.12
N THR A 13 3.63 -3.87 5.04
CA THR A 13 4.99 -4.13 4.53
C THR A 13 5.34 -3.03 3.53
N MET A 14 6.11 -2.01 3.95
CA MET A 14 6.56 -0.94 3.07
C MET A 14 8.02 -1.12 2.66
N LEU A 15 8.45 -0.44 1.60
CA LEU A 15 9.74 -0.67 0.96
C LEU A 15 10.29 0.62 0.34
N LEU A 16 11.45 1.04 0.83
CA LEU A 16 12.14 2.26 0.45
C LEU A 16 13.50 1.95 -0.19
N GLN A 17 14.17 2.99 -0.67
CA GLN A 17 15.54 2.92 -1.16
C GLN A 17 16.45 3.90 -0.40
N ASP A 18 17.58 3.39 0.08
CA ASP A 18 18.60 4.14 0.82
C ASP A 18 19.43 5.04 -0.12
N ASP A 19 20.10 6.05 0.45
CA ASP A 19 20.98 6.97 -0.29
C ASP A 19 22.18 6.27 -0.97
N ASP A 20 22.58 5.08 -0.52
CA ASP A 20 23.57 4.26 -1.23
C ASP A 20 22.98 3.53 -2.47
N GLY A 21 21.64 3.49 -2.59
CA GLY A 21 20.87 2.82 -3.64
C GLY A 21 20.30 1.45 -3.24
N LYS A 22 20.44 1.06 -1.97
CA LYS A 22 20.01 -0.22 -1.42
C LYS A 22 18.52 -0.17 -1.08
N GLN A 23 17.74 -1.10 -1.60
CA GLN A 23 16.33 -1.22 -1.22
C GLN A 23 16.19 -1.96 0.11
N TYR A 24 15.32 -1.47 0.98
CA TYR A 24 15.10 -2.03 2.31
C TYR A 24 13.61 -2.03 2.70
N TYR A 25 13.23 -3.08 3.43
CA TYR A 25 11.87 -3.28 3.94
C TYR A 25 11.63 -2.53 5.25
N GLU A 26 10.37 -2.18 5.46
CA GLU A 26 9.78 -1.62 6.66
C GLU A 26 8.47 -2.37 6.95
N TYR A 27 8.57 -3.51 7.65
CA TYR A 27 7.45 -4.30 8.14
C TYR A 27 6.82 -3.64 9.38
N HIS A 28 5.55 -3.25 9.30
CA HIS A 28 4.78 -2.62 10.37
C HIS A 28 3.38 -3.24 10.47
N LYS A 29 3.19 -4.18 11.39
CA LYS A 29 1.99 -5.01 11.52
C LYS A 29 1.33 -4.89 12.88
N GLY A 30 0.08 -5.38 12.99
CA GLY A 30 -0.73 -5.27 14.20
C GLY A 30 -1.07 -3.81 14.54
N LEU A 31 -1.43 -3.04 13.51
CA LEU A 31 -1.76 -1.61 13.63
C LEU A 31 -2.98 -1.27 12.75
N SER A 32 -3.24 0.00 12.49
CA SER A 32 -4.44 0.43 11.76
C SER A 32 -4.17 1.53 10.73
N LEU A 33 -5.20 1.96 10.01
CA LEU A 33 -5.09 2.95 8.93
C LEU A 33 -4.53 4.30 9.39
N SER A 34 -4.92 4.74 10.59
CA SER A 34 -4.37 5.96 11.21
C SER A 34 -2.89 5.80 11.61
N ASP A 35 -2.42 4.58 11.87
CA ASP A 35 -1.03 4.26 12.16
C ASP A 35 -0.22 4.10 10.86
N PHE A 36 -0.85 3.58 9.80
CA PHE A 36 -0.30 3.62 8.45
C PHE A 36 -0.07 5.06 7.99
N GLU A 37 -1.00 5.98 8.26
CA GLU A 37 -0.84 7.41 7.94
C GLU A 37 0.37 8.05 8.65
N VAL A 38 0.78 7.52 9.82
CA VAL A 38 2.04 7.90 10.46
C VAL A 38 3.24 7.35 9.67
N LEU A 39 3.24 6.06 9.33
CA LEU A 39 4.29 5.44 8.51
C LEU A 39 4.47 6.17 7.17
N TYR A 40 3.38 6.41 6.45
CA TYR A 40 3.36 7.15 5.19
C TYR A 40 3.82 8.61 5.35
N GLY A 41 3.51 9.26 6.50
CA GLY A 41 3.91 10.64 6.76
C GLY A 41 5.36 10.81 7.25
N ASN A 42 5.96 9.77 7.85
CA ASN A 42 7.26 9.84 8.51
C ASN A 42 8.37 9.05 7.79
N THR A 43 8.02 8.00 7.05
CA THR A 43 8.94 6.93 6.64
C THR A 43 8.90 6.65 5.13
N ALA A 44 7.98 7.24 4.36
CA ALA A 44 7.83 7.06 2.91
C ALA A 44 8.99 7.64 2.04
N ASP A 45 10.18 7.76 2.61
CA ASP A 45 11.37 8.38 2.03
C ASP A 45 11.96 7.53 0.90
N GLU A 46 11.78 7.98 -0.35
CA GLU A 46 12.10 7.26 -1.58
C GLU A 46 11.35 5.92 -1.67
N ILE A 47 10.02 6.01 -1.63
CA ILE A 47 9.03 4.94 -1.76
C ILE A 47 9.14 4.18 -3.10
N ILE A 48 9.22 2.84 -2.98
CA ILE A 48 9.38 1.85 -4.04
C ILE A 48 8.17 0.93 -3.99
N LYS A 49 7.93 0.23 -2.87
CA LYS A 49 6.76 -0.66 -2.73
C LYS A 49 6.05 -0.46 -1.40
N LEU A 50 4.80 -0.88 -1.38
CA LEU A 50 3.91 -0.83 -0.23
C LEU A 50 2.89 -1.96 -0.37
N ARG A 51 2.77 -2.79 0.67
CA ARG A 51 1.80 -3.86 0.81
C ARG A 51 1.08 -3.71 2.15
N LEU A 52 -0.02 -2.95 2.15
CA LEU A 52 -0.94 -2.89 3.28
C LEU A 52 -2.00 -3.99 3.11
N ASP A 53 -2.31 -4.68 4.21
CA ASP A 53 -3.20 -5.84 4.25
C ASP A 53 -3.91 -5.91 5.61
N LYS A 54 -5.23 -5.72 5.64
CA LYS A 54 -6.08 -5.99 6.81
C LYS A 54 -5.90 -7.44 7.27
N VAL A 55 -5.49 -7.59 8.52
CA VAL A 55 -5.52 -8.86 9.24
C VAL A 55 -6.68 -8.84 10.23
N LEU A 56 -7.18 -10.04 10.53
CA LEU A 56 -8.28 -10.38 11.43
C LEU A 56 -9.50 -9.46 11.24
N MET B 1 2.40 -9.18 -17.61
CA MET B 1 2.83 -7.82 -17.26
C MET B 1 3.90 -7.87 -16.20
N VAL B 2 5.01 -7.19 -16.46
CA VAL B 2 6.17 -7.13 -15.56
C VAL B 2 6.82 -5.76 -15.63
N GLN B 3 7.24 -5.34 -16.83
CA GLN B 3 7.99 -4.13 -17.07
C GLN B 3 7.52 -3.47 -18.37
N ASN B 4 7.51 -2.14 -18.37
CA ASN B 4 7.04 -1.24 -19.42
C ASN B 4 5.54 -1.35 -19.78
N ASP B 5 4.87 -2.47 -19.45
CA ASP B 5 3.42 -2.60 -19.40
C ASP B 5 2.85 -2.20 -18.03
N PHE B 6 3.57 -2.53 -16.95
CA PHE B 6 3.80 -1.65 -15.81
C PHE B 6 4.56 -0.41 -16.30
N VAL B 7 3.78 0.61 -16.67
CA VAL B 7 4.24 1.75 -17.47
C VAL B 7 4.34 3.03 -16.65
N ASP B 8 5.27 3.89 -17.06
CA ASP B 8 5.42 5.29 -16.66
C ASP B 8 5.76 5.51 -15.17
N SER B 9 4.75 5.39 -14.31
CA SER B 9 4.73 5.82 -12.91
C SER B 9 4.13 4.76 -11.99
N TYR B 10 3.99 5.07 -10.70
CA TYR B 10 3.53 4.16 -9.65
C TYR B 10 2.26 3.40 -10.06
N ASP B 11 2.31 2.07 -10.04
CA ASP B 11 1.13 1.22 -10.07
C ASP B 11 0.53 1.13 -8.67
N VAL B 12 -0.78 1.28 -8.58
CA VAL B 12 -1.57 0.98 -7.39
C VAL B 12 -2.58 -0.11 -7.74
N THR B 13 -2.68 -1.10 -6.87
CA THR B 13 -3.61 -2.23 -6.93
C THR B 13 -4.23 -2.37 -5.55
N MET B 14 -5.41 -1.78 -5.36
CA MET B 14 -6.14 -1.79 -4.09
C MET B 14 -7.39 -2.66 -4.22
N LEU B 15 -7.92 -3.16 -3.10
CA LEU B 15 -9.20 -3.85 -3.07
C LEU B 15 -9.93 -3.65 -1.73
N LEU B 16 -11.25 -3.63 -1.86
CA LEU B 16 -12.22 -3.42 -0.80
C LEU B 16 -13.13 -4.64 -0.69
N GLN B 17 -14.02 -4.65 0.30
CA GLN B 17 -14.97 -5.72 0.53
C GLN B 17 -16.42 -5.26 0.45
N ASP B 18 -17.29 -6.17 -0.03
CA ASP B 18 -18.73 -6.00 -0.12
C ASP B 18 -19.46 -7.33 0.16
N ASP B 19 -20.79 -7.28 0.20
CA ASP B 19 -21.75 -8.38 0.04
C ASP B 19 -21.25 -9.76 0.54
N ASP B 20 -21.18 -9.87 1.88
CA ASP B 20 -20.89 -11.09 2.67
C ASP B 20 -19.39 -11.46 2.70
N GLY B 21 -18.53 -10.74 1.99
CA GLY B 21 -17.09 -11.02 1.86
C GLY B 21 -16.58 -11.01 0.42
N LYS B 22 -17.43 -10.65 -0.56
CA LYS B 22 -17.03 -10.48 -1.96
C LYS B 22 -16.13 -9.26 -2.11
N GLN B 23 -14.84 -9.53 -2.33
CA GLN B 23 -13.85 -8.49 -2.54
C GLN B 23 -13.90 -7.94 -3.97
N TYR B 24 -13.69 -6.63 -4.10
CA TYR B 24 -13.71 -5.94 -5.38
C TYR B 24 -12.52 -4.97 -5.50
N TYR B 25 -12.01 -4.84 -6.73
CA TYR B 25 -10.69 -4.29 -7.01
C TYR B 25 -10.73 -2.86 -7.54
N GLU B 26 -9.62 -2.17 -7.30
CA GLU B 26 -9.27 -0.81 -7.70
C GLU B 26 -7.82 -0.82 -8.21
N TYR B 27 -7.63 -1.33 -9.43
CA TYR B 27 -6.41 -1.21 -10.21
C TYR B 27 -6.28 0.21 -10.77
N HIS B 28 -5.16 0.88 -10.48
CA HIS B 28 -4.84 2.24 -10.91
C HIS B 28 -3.35 2.34 -11.24
N LYS B 29 -3.03 2.01 -12.49
CA LYS B 29 -1.67 1.95 -13.03
C LYS B 29 -1.18 3.33 -13.47
N GLY B 30 0.14 3.55 -13.46
CA GLY B 30 0.80 4.72 -14.06
C GLY B 30 0.31 6.06 -13.50
N LEU B 31 0.36 6.22 -12.16
CA LEU B 31 0.02 7.47 -11.47
C LEU B 31 1.09 7.81 -10.42
N SER B 32 0.87 8.81 -9.57
CA SER B 32 1.86 9.26 -8.59
C SER B 32 1.32 9.31 -7.16
N LEU B 33 2.17 9.64 -6.18
CA LEU B 33 1.79 9.57 -4.76
C LEU B 33 0.67 10.56 -4.39
N SER B 34 0.62 11.72 -5.03
CA SER B 34 -0.48 12.68 -4.91
C SER B 34 -1.79 12.15 -5.50
N ASP B 35 -1.73 11.27 -6.50
CA ASP B 35 -2.89 10.60 -7.10
C ASP B 35 -3.31 9.38 -6.25
N PHE B 36 -2.35 8.69 -5.63
CA PHE B 36 -2.61 7.67 -4.62
C PHE B 36 -3.33 8.25 -3.39
N GLU B 37 -2.92 9.44 -2.92
CA GLU B 37 -3.60 10.17 -1.85
C GLU B 37 -5.08 10.43 -2.17
N VAL B 38 -5.40 10.73 -3.43
CA VAL B 38 -6.80 10.88 -3.88
C VAL B 38 -7.54 9.55 -3.77
N LEU B 39 -6.96 8.46 -4.30
CA LEU B 39 -7.55 7.11 -4.24
C LEU B 39 -7.78 6.67 -2.77
N TYR B 40 -6.74 6.70 -1.95
CA TYR B 40 -6.81 6.36 -0.52
C TYR B 40 -7.74 7.28 0.27
N GLY B 41 -7.90 8.56 -0.14
CA GLY B 41 -8.80 9.51 0.50
C GLY B 41 -10.28 9.42 0.08
N ASN B 42 -10.59 8.77 -1.05
CA ASN B 42 -11.95 8.73 -1.62
C ASN B 42 -12.54 7.31 -1.77
N THR B 43 -11.69 6.28 -1.85
CA THR B 43 -12.10 4.96 -2.35
C THR B 43 -11.73 3.81 -1.39
N ALA B 44 -10.94 4.10 -0.35
CA ALA B 44 -10.54 3.16 0.70
C ALA B 44 -11.69 2.81 1.68
N ASP B 45 -12.88 2.49 1.15
CA ASP B 45 -14.16 2.40 1.87
C ASP B 45 -14.18 1.31 2.95
N GLU B 46 -14.13 0.04 2.52
CA GLU B 46 -13.98 -1.13 3.39
C GLU B 46 -12.70 -1.86 2.99
N ILE B 47 -11.57 -1.22 3.29
CA ILE B 47 -10.26 -1.53 2.74
C ILE B 47 -9.58 -2.72 3.41
N ILE B 48 -9.21 -3.67 2.56
CA ILE B 48 -8.62 -4.96 2.88
C ILE B 48 -7.16 -4.92 2.44
N LYS B 49 -6.87 -4.83 1.14
CA LYS B 49 -5.49 -4.92 0.63
C LYS B 49 -5.18 -3.77 -0.31
N LEU B 50 -3.91 -3.35 -0.28
CA LEU B 50 -3.40 -2.19 -1.00
C LEU B 50 -1.94 -2.43 -1.35
N ARG B 51 -1.69 -2.62 -2.65
CA ARG B 51 -0.38 -2.79 -3.24
C ARG B 51 -0.02 -1.52 -4.02
N LEU B 52 1.09 -0.87 -3.68
CA LEU B 52 1.69 0.21 -4.46
C LEU B 52 3.11 -0.21 -4.85
N ASP B 53 3.50 0.09 -6.09
CA ASP B 53 4.76 -0.32 -6.70
C ASP B 53 5.23 0.73 -7.72
N LYS B 54 6.33 1.42 -7.42
CA LYS B 54 6.95 2.39 -8.31
C LYS B 54 7.24 1.84 -9.71
N VAL B 55 6.94 2.65 -10.73
CA VAL B 55 7.66 2.68 -11.99
C VAL B 55 8.30 4.06 -12.12
N LEU B 56 9.35 4.15 -12.93
CA LEU B 56 10.18 5.32 -13.15
C LEU B 56 10.49 5.51 -14.63
N MET A 1 -0.43 -15.40 17.33
CA MET A 1 -0.66 -13.96 17.14
C MET A 1 0.17 -13.45 15.96
N VAL A 2 0.91 -12.32 16.08
CA VAL A 2 1.67 -11.75 14.95
C VAL A 2 2.76 -12.71 14.49
N GLN A 3 3.48 -13.33 15.45
CA GLN A 3 4.49 -14.38 15.27
C GLN A 3 3.91 -15.76 14.89
N ASN A 4 2.85 -15.75 14.08
CA ASN A 4 2.29 -16.93 13.42
C ASN A 4 2.03 -16.61 11.94
N ASP A 5 1.00 -15.81 11.68
CA ASP A 5 0.56 -15.41 10.33
C ASP A 5 0.12 -13.94 10.34
N PHE A 6 0.88 -13.10 11.07
CA PHE A 6 0.62 -11.68 11.35
C PHE A 6 -0.69 -11.40 12.11
N VAL A 7 -1.28 -12.45 12.71
CA VAL A 7 -2.64 -12.49 13.28
C VAL A 7 -2.81 -11.53 14.46
N ASP A 8 -3.22 -10.31 14.14
CA ASP A 8 -3.80 -9.34 15.05
C ASP A 8 -4.68 -8.34 14.27
N SER A 9 -4.01 -7.48 13.51
CA SER A 9 -4.58 -6.39 12.71
C SER A 9 -3.59 -6.00 11.62
N TYR A 10 -3.90 -4.93 10.87
CA TYR A 10 -3.31 -4.57 9.57
C TYR A 10 -1.80 -4.81 9.47
N ASP A 11 -1.40 -5.51 8.40
CA ASP A 11 -0.02 -5.73 7.97
C ASP A 11 0.35 -4.63 6.99
N VAL A 12 1.28 -3.74 7.36
CA VAL A 12 2.02 -2.91 6.40
C VAL A 12 3.37 -3.56 6.12
N THR A 13 3.72 -3.59 4.83
CA THR A 13 5.01 -4.04 4.33
C THR A 13 5.47 -3.02 3.30
N MET A 14 6.28 -2.06 3.75
CA MET A 14 6.70 -0.91 2.96
C MET A 14 8.20 -0.98 2.69
N LEU A 15 8.68 -0.18 1.72
CA LEU A 15 10.03 -0.29 1.21
C LEU A 15 10.50 1.06 0.64
N LEU A 16 11.63 1.54 1.17
CA LEU A 16 12.27 2.79 0.80
C LEU A 16 13.71 2.57 0.33
N GLN A 17 14.34 3.63 -0.17
CA GLN A 17 15.71 3.63 -0.63
C GLN A 17 16.52 4.72 0.09
N ASP A 18 17.70 4.35 0.56
CA ASP A 18 18.64 5.22 1.25
C ASP A 18 19.43 6.11 0.27
N ASP A 19 20.08 7.15 0.80
CA ASP A 19 21.02 8.03 0.10
C ASP A 19 22.19 7.26 -0.54
N ASP A 20 22.63 6.16 0.07
CA ASP A 20 23.65 5.25 -0.48
C ASP A 20 23.09 4.38 -1.65
N GLY A 21 21.80 4.52 -1.99
CA GLY A 21 21.11 3.75 -3.02
C GLY A 21 20.60 2.39 -2.53
N LYS A 22 20.80 2.08 -1.25
CA LYS A 22 20.43 0.81 -0.62
C LYS A 22 18.94 0.79 -0.27
N GLN A 23 18.24 -0.23 -0.73
CA GLN A 23 16.81 -0.40 -0.44
C GLN A 23 16.62 -1.14 0.87
N TYR A 24 15.67 -0.66 1.68
CA TYR A 24 15.38 -1.22 2.99
C TYR A 24 13.87 -1.35 3.21
N TYR A 25 13.51 -2.42 3.92
CA TYR A 25 12.13 -2.75 4.27
C TYR A 25 11.68 -2.04 5.54
N GLU A 26 10.37 -1.84 5.60
CA GLU A 26 9.60 -1.29 6.70
C GLU A 26 8.36 -2.19 6.90
N TYR A 27 8.59 -3.36 7.49
CA TYR A 27 7.56 -4.26 7.98
C TYR A 27 6.95 -3.71 9.28
N HIS A 28 5.64 -3.46 9.28
CA HIS A 28 4.91 -2.94 10.44
C HIS A 28 3.51 -3.56 10.51
N LYS A 29 3.35 -4.59 11.35
CA LYS A 29 2.17 -5.46 11.38
C LYS A 29 1.45 -5.38 12.72
N GLY A 30 0.21 -5.84 12.76
CA GLY A 30 -0.61 -5.83 13.97
C GLY A 30 -1.01 -4.42 14.38
N LEU A 31 -1.30 -3.55 13.40
CA LEU A 31 -1.60 -2.14 13.63
C LEU A 31 -2.87 -1.73 12.87
N SER A 32 -3.06 -0.45 12.57
CA SER A 32 -4.26 0.02 11.89
C SER A 32 -3.98 1.14 10.88
N LEU A 33 -5.03 1.61 10.18
CA LEU A 33 -4.88 2.61 9.13
C LEU A 33 -4.33 3.95 9.66
N SER A 34 -4.73 4.33 10.88
CA SER A 34 -4.18 5.52 11.53
C SER A 34 -2.69 5.35 11.86
N ASP A 35 -2.21 4.12 12.08
CA ASP A 35 -0.80 3.81 12.31
C ASP A 35 -0.02 3.75 10.98
N PHE A 36 -0.66 3.28 9.90
CA PHE A 36 -0.12 3.39 8.55
C PHE A 36 0.05 4.87 8.12
N GLU A 37 -0.92 5.73 8.42
CA GLU A 37 -0.82 7.19 8.20
C GLU A 37 0.39 7.81 8.91
N VAL A 38 0.73 7.32 10.10
CA VAL A 38 1.96 7.71 10.81
C VAL A 38 3.19 7.24 10.02
N LEU A 39 3.27 5.95 9.66
CA LEU A 39 4.42 5.39 8.93
C LEU A 39 4.69 6.14 7.62
N TYR A 40 3.65 6.31 6.79
CA TYR A 40 3.70 7.04 5.52
C TYR A 40 4.09 8.51 5.74
N GLY A 41 3.43 9.20 6.70
CA GLY A 41 3.65 10.62 6.97
C GLY A 41 4.99 10.95 7.65
N ASN A 42 5.56 10.01 8.42
CA ASN A 42 6.86 10.17 9.07
C ASN A 42 7.99 9.89 8.08
N THR A 43 7.82 8.88 7.22
CA THR A 43 8.82 8.47 6.25
C THR A 43 9.00 9.55 5.16
N ALA A 44 7.86 10.03 4.62
CA ALA A 44 7.70 11.20 3.75
C ALA A 44 8.62 11.24 2.50
N ASP A 45 9.03 10.07 1.99
CA ASP A 45 9.89 9.96 0.81
C ASP A 45 9.26 9.05 -0.25
N GLU A 46 9.79 9.13 -1.47
CA GLU A 46 9.27 8.46 -2.67
C GLU A 46 9.37 6.94 -2.55
N ILE A 47 8.23 6.30 -2.27
CA ILE A 47 8.09 4.86 -2.10
C ILE A 47 8.69 4.07 -3.26
N ILE A 48 9.25 2.89 -2.92
CA ILE A 48 9.67 1.84 -3.84
C ILE A 48 8.59 0.78 -3.91
N LYS A 49 8.22 0.18 -2.76
CA LYS A 49 7.08 -0.72 -2.62
C LYS A 49 6.30 -0.42 -1.35
N LEU A 50 5.01 -0.71 -1.39
CA LEU A 50 4.05 -0.54 -0.31
C LEU A 50 2.97 -1.61 -0.48
N ARG A 51 2.87 -2.50 0.51
CA ARG A 51 1.74 -3.38 0.68
C ARG A 51 1.05 -3.05 2.00
N LEU A 52 -0.28 -3.11 1.99
CA LEU A 52 -1.07 -3.21 3.20
C LEU A 52 -2.21 -4.20 2.99
N ASP A 53 -2.52 -5.02 3.99
CA ASP A 53 -3.79 -5.76 3.99
C ASP A 53 -4.31 -5.99 5.42
N LYS A 54 -5.65 -6.10 5.53
CA LYS A 54 -6.29 -6.42 6.81
C LYS A 54 -5.92 -7.84 7.25
N VAL A 55 -5.98 -8.07 8.57
CA VAL A 55 -5.68 -9.38 9.18
C VAL A 55 -6.69 -9.82 10.26
N LEU A 56 -7.81 -9.13 10.23
CA LEU A 56 -9.04 -9.32 11.00
C LEU A 56 -10.24 -9.46 10.04
N MET B 1 4.44 7.26 -23.09
CA MET B 1 3.97 6.05 -22.40
C MET B 1 4.78 4.87 -22.88
N VAL B 2 5.29 4.09 -21.92
CA VAL B 2 6.07 2.87 -22.18
C VAL B 2 5.80 1.87 -21.06
N GLN B 3 5.82 0.58 -21.39
CA GLN B 3 5.52 -0.48 -20.44
C GLN B 3 6.75 -0.86 -19.62
N ASN B 4 7.10 -0.02 -18.64
CA ASN B 4 8.25 -0.29 -17.78
C ASN B 4 7.97 -1.43 -16.79
N ASP B 5 6.85 -1.38 -16.05
CA ASP B 5 6.39 -2.49 -15.21
C ASP B 5 4.85 -2.49 -15.16
N PHE B 6 4.25 -3.25 -16.08
CA PHE B 6 2.97 -2.96 -16.77
C PHE B 6 3.02 -1.66 -17.58
N VAL B 7 3.51 -0.58 -16.97
CA VAL B 7 3.22 0.82 -17.31
C VAL B 7 4.42 1.71 -16.98
N ASP B 8 4.33 3.01 -17.30
CA ASP B 8 5.21 4.05 -16.74
C ASP B 8 4.44 4.92 -15.75
N SER B 9 5.19 5.50 -14.83
CA SER B 9 4.71 5.98 -13.51
C SER B 9 4.12 4.84 -12.65
N TYR B 10 3.87 5.11 -11.36
CA TYR B 10 3.54 4.10 -10.35
C TYR B 10 2.34 3.23 -10.71
N ASP B 11 2.36 2.01 -10.17
CA ASP B 11 1.37 0.96 -10.37
C ASP B 11 0.76 0.60 -9.01
N VAL B 12 -0.57 0.71 -8.93
CA VAL B 12 -1.37 0.47 -7.73
C VAL B 12 -2.41 -0.60 -7.98
N THR B 13 -2.65 -1.40 -6.95
CA THR B 13 -3.69 -2.43 -6.90
C THR B 13 -4.34 -2.38 -5.53
N MET B 14 -5.52 -1.76 -5.44
CA MET B 14 -6.25 -1.62 -4.19
C MET B 14 -7.50 -2.50 -4.20
N LEU B 15 -8.02 -2.85 -3.02
CA LEU B 15 -9.12 -3.79 -2.86
C LEU B 15 -9.96 -3.40 -1.65
N LEU B 16 -11.22 -3.06 -1.92
CA LEU B 16 -12.17 -2.63 -0.91
C LEU B 16 -13.36 -3.59 -0.82
N GLN B 17 -14.19 -3.39 0.20
CA GLN B 17 -15.47 -4.05 0.39
C GLN B 17 -16.59 -3.02 0.46
N ASP B 18 -17.61 -3.22 -0.38
CA ASP B 18 -18.80 -2.37 -0.46
C ASP B 18 -19.77 -2.64 0.71
N ASP B 19 -20.75 -1.75 0.90
CA ASP B 19 -21.72 -1.81 2.01
C ASP B 19 -22.66 -3.03 1.95
N ASP B 20 -22.82 -3.67 0.78
CA ASP B 20 -23.52 -4.96 0.64
C ASP B 20 -22.62 -6.18 0.96
N GLY B 21 -21.35 -5.94 1.31
CA GLY B 21 -20.37 -6.94 1.69
C GLY B 21 -19.53 -7.48 0.52
N LYS B 22 -19.75 -7.01 -0.72
CA LYS B 22 -19.02 -7.51 -1.90
C LYS B 22 -17.68 -6.80 -2.04
N GLN B 23 -16.62 -7.60 -2.21
CA GLN B 23 -15.26 -7.10 -2.40
C GLN B 23 -15.01 -6.77 -3.88
N TYR B 24 -14.31 -5.66 -4.12
CA TYR B 24 -14.00 -5.19 -5.47
C TYR B 24 -12.59 -4.60 -5.55
N TYR B 25 -11.97 -4.80 -6.71
CA TYR B 25 -10.63 -4.30 -7.02
C TYR B 25 -10.66 -2.89 -7.59
N GLU B 26 -9.56 -2.18 -7.35
CA GLU B 26 -9.20 -0.88 -7.87
C GLU B 26 -7.73 -0.94 -8.34
N TYR B 27 -7.52 -1.54 -9.51
CA TYR B 27 -6.27 -1.45 -10.27
C TYR B 27 -6.10 -0.03 -10.83
N HIS B 28 -4.95 0.60 -10.57
CA HIS B 28 -4.63 1.94 -11.05
C HIS B 28 -3.15 2.00 -11.43
N LYS B 29 -2.89 1.69 -12.70
CA LYS B 29 -1.57 1.76 -13.32
C LYS B 29 -1.33 3.12 -13.96
N GLY B 30 -0.15 3.68 -13.73
CA GLY B 30 0.35 4.86 -14.42
C GLY B 30 -0.10 6.15 -13.76
N LEU B 31 0.13 6.26 -12.45
CA LEU B 31 -0.15 7.44 -11.65
C LEU B 31 1.01 7.75 -10.69
N SER B 32 0.82 8.58 -9.67
CA SER B 32 1.88 8.93 -8.72
C SER B 32 1.44 8.81 -7.27
N LEU B 33 2.35 9.01 -6.32
CA LEU B 33 2.03 8.95 -4.90
C LEU B 33 0.97 9.98 -4.49
N SER B 34 1.01 11.18 -5.07
CA SER B 34 -0.03 12.20 -4.89
C SER B 34 -1.40 11.76 -5.42
N ASP B 35 -1.45 10.84 -6.39
CA ASP B 35 -2.68 10.26 -6.93
C ASP B 35 -3.14 9.04 -6.13
N PHE B 36 -2.20 8.27 -5.58
CA PHE B 36 -2.48 7.24 -4.58
C PHE B 36 -3.12 7.83 -3.32
N GLU B 37 -2.63 8.98 -2.86
CA GLU B 37 -3.25 9.74 -1.75
C GLU B 37 -4.70 10.13 -2.04
N VAL B 38 -5.03 10.41 -3.31
CA VAL B 38 -6.42 10.61 -3.76
C VAL B 38 -7.17 9.27 -3.73
N LEU B 39 -6.64 8.22 -4.37
CA LEU B 39 -7.28 6.90 -4.45
C LEU B 39 -7.67 6.37 -3.07
N TYR B 40 -6.70 6.27 -2.15
CA TYR B 40 -6.88 5.84 -0.77
C TYR B 40 -7.79 6.81 0.02
N GLY B 41 -7.63 8.13 -0.18
CA GLY B 41 -8.36 9.15 0.59
C GLY B 41 -9.80 9.37 0.15
N ASN B 42 -10.14 9.07 -1.11
CA ASN B 42 -11.44 9.41 -1.71
C ASN B 42 -12.41 8.22 -1.77
N THR B 43 -11.88 6.99 -1.83
CA THR B 43 -12.69 5.80 -2.13
C THR B 43 -13.62 5.43 -0.97
N ALA B 44 -13.17 5.65 0.28
CA ALA B 44 -13.95 5.59 1.52
C ALA B 44 -14.65 4.25 1.86
N ASP B 45 -14.55 3.23 1.01
CA ASP B 45 -15.00 1.87 1.31
C ASP B 45 -14.01 1.12 2.23
N GLU B 46 -14.49 0.06 2.88
CA GLU B 46 -13.73 -0.74 3.84
C GLU B 46 -12.53 -1.40 3.17
N ILE B 47 -11.32 -1.03 3.61
CA ILE B 47 -10.05 -1.42 3.01
C ILE B 47 -9.56 -2.80 3.51
N ILE B 48 -9.33 -3.68 2.53
CA ILE B 48 -9.05 -5.10 2.67
C ILE B 48 -7.61 -5.36 2.24
N LYS B 49 -7.21 -4.88 1.03
CA LYS B 49 -5.82 -4.90 0.55
C LYS B 49 -5.48 -3.62 -0.19
N LEU B 50 -4.19 -3.29 -0.22
CA LEU B 50 -3.58 -2.47 -1.26
C LEU B 50 -2.13 -2.88 -1.54
N ARG B 51 -1.70 -2.55 -2.75
CA ARG B 51 -0.35 -2.61 -3.25
C ARG B 51 -0.06 -1.33 -4.03
N LEU B 52 1.14 -0.79 -3.85
CA LEU B 52 1.75 0.24 -4.68
C LEU B 52 3.22 -0.11 -4.89
N ASP B 53 3.66 0.03 -6.13
CA ASP B 53 5.05 -0.15 -6.56
C ASP B 53 5.46 1.01 -7.46
N LYS B 54 6.66 1.58 -7.23
CA LYS B 54 7.30 2.32 -8.32
C LYS B 54 7.66 1.35 -9.43
N VAL B 55 7.66 1.84 -10.67
CA VAL B 55 7.82 1.02 -11.86
C VAL B 55 9.26 1.09 -12.37
N LEU B 56 9.84 -0.10 -12.55
CA LEU B 56 11.23 -0.37 -12.92
C LEU B 56 12.27 0.41 -12.08
N MET A 1 -5.78 -16.76 9.07
CA MET A 1 -5.57 -17.97 9.90
C MET A 1 -4.58 -17.68 11.03
N VAL A 2 -4.77 -18.33 12.19
CA VAL A 2 -4.22 -17.93 13.49
C VAL A 2 -2.71 -17.77 13.56
N GLN A 3 -1.92 -18.57 12.83
CA GLN A 3 -0.47 -18.53 12.84
C GLN A 3 0.12 -18.40 11.44
N ASN A 4 -0.53 -17.57 10.64
CA ASN A 4 -0.22 -17.38 9.22
C ASN A 4 -0.32 -15.92 8.74
N ASP A 5 -1.24 -15.13 9.31
CA ASP A 5 -1.66 -13.85 8.71
C ASP A 5 -1.23 -12.64 9.55
N PHE A 6 -0.32 -12.85 10.51
CA PHE A 6 0.09 -11.87 11.53
C PHE A 6 -1.11 -11.35 12.33
N VAL A 7 -2.09 -12.23 12.53
CA VAL A 7 -3.48 -11.86 12.74
C VAL A 7 -3.77 -11.19 14.10
N ASP A 8 -3.78 -9.86 14.11
CA ASP A 8 -4.59 -9.07 15.05
C ASP A 8 -5.18 -7.85 14.34
N SER A 9 -4.28 -7.03 13.80
CA SER A 9 -4.57 -5.82 13.06
C SER A 9 -3.50 -5.61 11.96
N TYR A 10 -3.77 -4.67 11.06
CA TYR A 10 -3.25 -4.57 9.68
C TYR A 10 -1.74 -4.85 9.57
N ASP A 11 -1.39 -5.56 8.49
CA ASP A 11 -0.01 -5.91 8.13
C ASP A 11 0.45 -5.04 6.97
N VAL A 12 1.49 -4.21 7.21
CA VAL A 12 1.98 -3.18 6.29
C VAL A 12 3.47 -3.36 6.04
N THR A 13 3.80 -4.17 5.04
CA THR A 13 5.17 -4.40 4.60
C THR A 13 5.58 -3.27 3.66
N MET A 14 6.71 -2.62 3.91
CA MET A 14 7.12 -1.44 3.13
C MET A 14 8.61 -1.49 2.80
N LEU A 15 8.95 -0.97 1.61
CA LEU A 15 10.32 -0.77 1.23
C LEU A 15 10.52 0.58 0.55
N LEU A 16 11.67 1.17 0.88
CA LEU A 16 12.05 2.55 0.64
C LEU A 16 13.48 2.59 0.12
N GLN A 17 13.94 3.75 -0.34
CA GLN A 17 15.29 3.91 -0.88
C GLN A 17 16.09 4.95 -0.11
N ASP A 18 17.31 4.57 0.28
CA ASP A 18 18.28 5.41 0.94
C ASP A 18 18.95 6.38 -0.06
N ASP A 19 19.55 7.46 0.45
CA ASP A 19 20.30 8.43 -0.37
C ASP A 19 21.54 7.83 -1.07
N ASP A 20 22.08 6.71 -0.56
CA ASP A 20 23.14 5.95 -1.24
C ASP A 20 22.59 4.99 -2.32
N GLY A 21 21.27 4.98 -2.51
CA GLY A 21 20.56 4.21 -3.54
C GLY A 21 20.12 2.82 -3.10
N LYS A 22 20.38 2.44 -1.84
CA LYS A 22 20.05 1.13 -1.29
C LYS A 22 18.58 1.07 -0.93
N GLN A 23 17.92 0.01 -1.37
CA GLN A 23 16.52 -0.23 -1.08
C GLN A 23 16.39 -1.09 0.16
N TYR A 24 15.79 -0.52 1.20
CA TYR A 24 15.66 -1.16 2.51
C TYR A 24 14.20 -1.46 2.80
N TYR A 25 13.99 -2.61 3.45
CA TYR A 25 12.74 -3.34 3.52
C TYR A 25 12.39 -3.61 4.98
N GLU A 26 11.15 -3.37 5.38
CA GLU A 26 10.71 -3.55 6.76
C GLU A 26 9.23 -3.92 6.87
N TYR A 27 8.92 -4.70 7.90
CA TYR A 27 7.56 -5.12 8.25
C TYR A 27 6.96 -4.20 9.31
N HIS A 28 5.68 -3.86 9.15
CA HIS A 28 4.93 -3.06 10.14
C HIS A 28 3.53 -3.65 10.31
N LYS A 29 3.40 -4.65 11.18
CA LYS A 29 2.14 -5.34 11.43
C LYS A 29 1.54 -5.00 12.79
N GLY A 30 0.29 -5.44 13.01
CA GLY A 30 -0.42 -5.24 14.27
C GLY A 30 -0.65 -3.75 14.58
N LEU A 31 -1.07 -3.01 13.55
CA LEU A 31 -1.38 -1.59 13.62
C LEU A 31 -2.68 -1.29 12.85
N SER A 32 -3.06 -0.01 12.75
CA SER A 32 -4.27 0.37 12.02
C SER A 32 -4.04 1.55 11.09
N LEU A 33 -5.09 2.01 10.41
CA LEU A 33 -4.92 2.90 9.26
C LEU A 33 -4.40 4.29 9.64
N SER A 34 -4.69 4.78 10.84
CA SER A 34 -4.07 5.98 11.39
C SER A 34 -2.57 5.81 11.71
N ASP A 35 -2.11 4.59 12.01
CA ASP A 35 -0.68 4.26 12.14
C ASP A 35 -0.01 4.09 10.77
N PHE A 36 -0.75 3.58 9.79
CA PHE A 36 -0.31 3.55 8.40
C PHE A 36 -0.13 4.97 7.85
N GLU A 37 -1.05 5.90 8.16
CA GLU A 37 -0.91 7.32 7.81
C GLU A 37 0.34 7.97 8.43
N VAL A 38 0.80 7.49 9.59
CA VAL A 38 2.09 7.90 10.16
C VAL A 38 3.24 7.37 9.30
N LEU A 39 3.26 6.07 8.98
CA LEU A 39 4.30 5.46 8.14
C LEU A 39 4.39 6.18 6.77
N TYR A 40 3.25 6.31 6.08
CA TYR A 40 3.12 7.02 4.82
C TYR A 40 3.43 8.53 4.94
N GLY A 41 3.13 9.18 6.07
CA GLY A 41 3.32 10.62 6.25
C GLY A 41 4.69 11.01 6.80
N ASN A 42 5.41 10.10 7.44
CA ASN A 42 6.64 10.41 8.18
C ASN A 42 7.89 9.71 7.62
N THR A 43 7.70 8.56 6.96
CA THR A 43 8.79 7.61 6.70
C THR A 43 8.97 7.33 5.21
N ALA A 44 7.99 7.70 4.38
CA ALA A 44 7.89 7.45 2.94
C ALA A 44 8.89 8.22 2.05
N ASP A 45 10.08 8.48 2.59
CA ASP A 45 11.21 9.16 1.96
C ASP A 45 11.83 8.30 0.86
N GLU A 46 11.49 8.61 -0.40
CA GLU A 46 11.58 7.74 -1.58
C GLU A 46 10.88 6.39 -1.37
N ILE A 47 9.55 6.45 -1.47
CA ILE A 47 8.66 5.30 -1.60
C ILE A 47 8.84 4.56 -2.92
N ILE A 48 8.96 3.24 -2.80
CA ILE A 48 9.22 2.27 -3.86
C ILE A 48 8.11 1.25 -3.81
N LYS A 49 7.89 0.58 -2.68
CA LYS A 49 6.80 -0.40 -2.56
C LYS A 49 6.18 -0.38 -1.18
N LEU A 50 4.88 -0.65 -1.13
CA LEU A 50 4.19 -1.00 0.11
C LEU A 50 3.13 -2.07 -0.16
N ARG A 51 2.89 -2.93 0.82
CA ARG A 51 1.96 -4.04 0.78
C ARG A 51 1.19 -4.08 2.10
N LEU A 52 -0.05 -3.61 2.04
CA LEU A 52 -1.00 -3.52 3.14
C LEU A 52 -2.11 -4.54 2.92
N ASP A 53 -2.44 -5.31 3.96
CA ASP A 53 -3.65 -6.11 4.04
C ASP A 53 -4.30 -5.92 5.41
N LYS A 54 -5.64 -5.91 5.46
CA LYS A 54 -6.31 -6.31 6.70
C LYS A 54 -6.07 -7.80 6.97
N VAL A 55 -6.04 -8.16 8.25
CA VAL A 55 -5.54 -9.47 8.67
C VAL A 55 -6.67 -10.32 9.26
N LEU A 56 -6.78 -11.55 8.77
CA LEU A 56 -7.81 -12.53 9.13
C LEU A 56 -7.29 -13.97 9.02
N MET B 1 13.74 -5.68 -21.03
CA MET B 1 14.08 -4.72 -19.97
C MET B 1 12.88 -3.94 -19.52
N VAL B 2 12.30 -3.18 -20.44
CA VAL B 2 11.29 -2.21 -20.12
C VAL B 2 10.00 -2.87 -19.67
N GLN B 3 9.28 -2.09 -18.87
CA GLN B 3 8.02 -2.48 -18.27
C GLN B 3 6.93 -1.69 -18.98
N ASN B 4 6.49 -2.25 -20.12
CA ASN B 4 5.65 -1.56 -21.07
C ASN B 4 4.15 -1.74 -20.78
N ASP B 5 3.78 -2.65 -19.87
CA ASP B 5 2.43 -2.94 -19.42
C ASP B 5 2.09 -2.15 -18.16
N PHE B 6 2.98 -2.14 -17.18
CA PHE B 6 2.95 -1.25 -16.01
C PHE B 6 3.91 -0.09 -16.26
N VAL B 7 3.52 0.76 -17.22
CA VAL B 7 4.38 1.80 -17.75
C VAL B 7 4.33 3.10 -16.94
N ASP B 8 5.38 3.92 -17.11
CA ASP B 8 5.49 5.32 -16.72
C ASP B 8 5.65 5.56 -15.21
N SER B 9 4.55 5.45 -14.48
CA SER B 9 4.49 5.78 -13.05
C SER B 9 3.78 4.70 -12.21
N TYR B 10 3.78 4.89 -10.89
CA TYR B 10 3.49 3.87 -9.85
C TYR B 10 2.23 3.05 -10.20
N ASP B 11 2.22 1.77 -9.83
CA ASP B 11 0.99 1.02 -9.59
C ASP B 11 0.47 1.30 -8.18
N VAL B 12 -0.86 1.21 -8.05
CA VAL B 12 -1.58 1.05 -6.80
C VAL B 12 -2.66 0.00 -7.04
N THR B 13 -2.30 -1.26 -6.84
CA THR B 13 -3.27 -2.34 -6.71
C THR B 13 -4.07 -2.07 -5.44
N MET B 14 -5.38 -1.87 -5.52
CA MET B 14 -6.20 -1.68 -4.33
C MET B 14 -7.47 -2.53 -4.42
N LEU B 15 -7.89 -3.03 -3.25
CA LEU B 15 -9.14 -3.74 -3.09
C LEU B 15 -9.84 -3.29 -1.80
N LEU B 16 -11.12 -2.96 -1.96
CA LEU B 16 -12.00 -2.49 -0.90
C LEU B 16 -13.19 -3.45 -0.75
N GLN B 17 -13.90 -3.31 0.36
CA GLN B 17 -15.18 -3.94 0.61
C GLN B 17 -16.29 -2.90 0.64
N ASP B 18 -17.24 -3.07 -0.28
CA ASP B 18 -18.45 -2.26 -0.46
C ASP B 18 -19.51 -2.55 0.60
N ASP B 19 -20.57 -1.74 0.58
CA ASP B 19 -21.69 -1.79 1.51
C ASP B 19 -22.46 -3.12 1.50
N ASP B 20 -22.48 -3.83 0.36
CA ASP B 20 -23.09 -5.17 0.26
C ASP B 20 -22.09 -6.29 0.54
N GLY B 21 -20.80 -5.96 0.73
CA GLY B 21 -19.77 -6.90 1.18
C GLY B 21 -19.17 -7.75 0.07
N LYS B 22 -19.34 -7.37 -1.20
CA LYS B 22 -18.93 -8.19 -2.36
C LYS B 22 -17.42 -8.28 -2.52
N GLN B 23 -16.71 -7.20 -2.16
CA GLN B 23 -15.30 -6.91 -2.38
C GLN B 23 -14.98 -6.71 -3.86
N TYR B 24 -14.22 -5.64 -4.14
CA TYR B 24 -13.79 -5.33 -5.49
C TYR B 24 -12.33 -4.87 -5.52
N TYR B 25 -11.69 -5.09 -6.67
CA TYR B 25 -10.26 -5.06 -6.87
C TYR B 25 -9.94 -4.34 -8.18
N GLU B 26 -8.90 -3.49 -8.19
CA GLU B 26 -8.44 -2.81 -9.39
C GLU B 26 -6.95 -2.43 -9.29
N TYR B 27 -6.26 -2.49 -10.42
CA TYR B 27 -4.93 -1.90 -10.62
C TYR B 27 -5.06 -0.43 -10.98
N HIS B 28 -4.80 0.48 -10.03
CA HIS B 28 -4.80 1.91 -10.29
C HIS B 28 -3.37 2.36 -10.60
N LYS B 29 -2.96 2.17 -11.86
CA LYS B 29 -1.56 2.30 -12.29
C LYS B 29 -1.32 3.46 -13.24
N GLY B 30 -0.04 3.78 -13.47
CA GLY B 30 0.36 4.90 -14.32
C GLY B 30 0.06 6.25 -13.68
N LEU B 31 0.19 6.34 -12.35
CA LEU B 31 -0.14 7.51 -11.55
C LEU B 31 0.86 7.69 -10.40
N SER B 32 0.63 8.64 -9.51
CA SER B 32 1.63 9.05 -8.53
C SER B 32 1.06 9.13 -7.10
N LEU B 33 1.89 9.58 -6.16
CA LEU B 33 1.60 9.45 -4.73
C LEU B 33 0.53 10.42 -4.24
N SER B 34 0.37 11.56 -4.92
CA SER B 34 -0.76 12.46 -4.76
C SER B 34 -2.04 11.92 -5.41
N ASP B 35 -1.94 11.04 -6.40
CA ASP B 35 -3.09 10.36 -7.03
C ASP B 35 -3.54 9.16 -6.18
N PHE B 36 -2.58 8.47 -5.54
CA PHE B 36 -2.85 7.52 -4.45
C PHE B 36 -3.57 8.20 -3.28
N GLU B 37 -3.14 9.40 -2.91
CA GLU B 37 -3.78 10.22 -1.86
C GLU B 37 -5.27 10.50 -2.17
N VAL B 38 -5.61 10.69 -3.45
CA VAL B 38 -7.00 10.79 -3.91
C VAL B 38 -7.71 9.44 -3.77
N LEU B 39 -7.14 8.35 -4.29
CA LEU B 39 -7.74 7.01 -4.24
C LEU B 39 -8.08 6.58 -2.80
N TYR B 40 -7.09 6.65 -1.91
CA TYR B 40 -7.23 6.32 -0.49
C TYR B 40 -8.13 7.28 0.29
N GLY B 41 -8.32 8.52 -0.19
CA GLY B 41 -9.14 9.53 0.47
C GLY B 41 -10.59 9.56 0.00
N ASN B 42 -10.84 9.30 -1.29
CA ASN B 42 -12.13 9.56 -1.93
C ASN B 42 -13.04 8.32 -2.00
N THR B 43 -12.46 7.13 -2.00
CA THR B 43 -13.18 5.88 -2.33
C THR B 43 -14.15 5.46 -1.22
N ALA B 44 -13.79 5.73 0.04
CA ALA B 44 -14.58 5.57 1.26
C ALA B 44 -15.10 4.15 1.60
N ASP B 45 -15.01 3.18 0.68
CA ASP B 45 -15.20 1.77 0.99
C ASP B 45 -14.05 1.23 1.86
N GLU B 46 -14.33 0.15 2.59
CA GLU B 46 -13.44 -0.35 3.64
C GLU B 46 -12.19 -1.01 3.04
N ILE B 47 -11.00 -0.58 3.48
CA ILE B 47 -9.72 -1.06 2.99
C ILE B 47 -9.39 -2.49 3.46
N ILE B 48 -9.16 -3.36 2.47
CA ILE B 48 -8.90 -4.79 2.59
C ILE B 48 -7.48 -5.08 2.13
N LYS B 49 -7.08 -4.55 0.96
CA LYS B 49 -5.75 -4.74 0.40
C LYS B 49 -5.28 -3.52 -0.40
N LEU B 50 -3.98 -3.26 -0.33
CA LEU B 50 -3.29 -2.19 -1.04
C LEU B 50 -1.84 -2.62 -1.33
N ARG B 51 -1.45 -2.62 -2.60
CA ARG B 51 -0.09 -2.86 -3.07
C ARG B 51 0.33 -1.73 -4.01
N LEU B 52 0.98 -0.73 -3.44
CA LEU B 52 1.63 0.36 -4.17
C LEU B 52 3.04 -0.06 -4.58
N ASP B 53 3.42 0.25 -5.83
CA ASP B 53 4.67 -0.20 -6.42
C ASP B 53 5.16 0.77 -7.50
N LYS B 54 6.27 1.47 -7.23
CA LYS B 54 7.06 2.18 -8.24
C LYS B 54 7.56 1.20 -9.29
N VAL B 55 6.88 1.29 -10.42
CA VAL B 55 7.28 0.74 -11.70
C VAL B 55 8.64 1.29 -12.15
N LEU B 56 9.20 0.62 -13.15
CA LEU B 56 10.48 0.94 -13.78
C LEU B 56 10.58 2.40 -14.25
N MET A 1 -5.18 -17.06 18.05
CA MET A 1 -5.15 -17.32 16.60
C MET A 1 -3.75 -17.68 16.18
N VAL A 2 -3.62 -18.83 15.53
CA VAL A 2 -2.36 -19.26 14.92
C VAL A 2 -1.92 -18.30 13.82
N GLN A 3 -0.64 -18.42 13.50
CA GLN A 3 0.07 -17.69 12.48
C GLN A 3 -0.50 -18.09 11.14
N ASN A 4 -1.18 -17.12 10.53
CA ASN A 4 -1.95 -17.37 9.32
C ASN A 4 -1.93 -16.14 8.41
N ASP A 5 -2.27 -14.97 8.96
CA ASP A 5 -2.39 -13.73 8.18
C ASP A 5 -1.98 -12.49 9.00
N PHE A 6 -1.16 -12.68 10.03
CA PHE A 6 -0.86 -11.71 11.11
C PHE A 6 -2.12 -11.23 11.85
N VAL A 7 -3.02 -12.15 12.17
CA VAL A 7 -4.38 -11.87 12.66
C VAL A 7 -4.38 -11.19 14.02
N ASP A 8 -4.52 -9.86 13.99
CA ASP A 8 -4.89 -8.98 15.09
C ASP A 8 -5.51 -7.71 14.50
N SER A 9 -4.64 -6.86 13.93
CA SER A 9 -4.94 -5.60 13.26
C SER A 9 -3.92 -5.39 12.13
N TYR A 10 -4.16 -4.38 11.30
CA TYR A 10 -3.62 -4.24 9.94
C TYR A 10 -2.12 -4.50 9.81
N ASP A 11 -1.74 -4.90 8.60
CA ASP A 11 -0.42 -5.38 8.19
C ASP A 11 0.13 -4.52 7.05
N VAL A 12 1.13 -3.69 7.37
CA VAL A 12 1.87 -2.88 6.39
C VAL A 12 3.21 -3.53 6.09
N THR A 13 3.62 -3.50 4.82
CA THR A 13 4.97 -3.81 4.37
C THR A 13 5.37 -2.76 3.32
N MET A 14 6.14 -1.74 3.71
CA MET A 14 6.78 -0.83 2.76
C MET A 14 8.23 -1.24 2.53
N LEU A 15 8.83 -0.67 1.49
CA LEU A 15 10.28 -0.72 1.31
C LEU A 15 10.78 0.51 0.54
N LEU A 16 12.03 0.83 0.84
CA LEU A 16 12.78 1.98 0.38
C LEU A 16 14.14 1.50 -0.18
N GLN A 17 14.92 2.45 -0.67
CA GLN A 17 16.28 2.21 -1.14
C GLN A 17 17.25 3.19 -0.46
N ASP A 18 18.44 2.68 -0.13
CA ASP A 18 19.50 3.38 0.55
C ASP A 18 20.87 3.02 -0.07
N ASP A 19 21.94 3.59 0.49
CA ASP A 19 23.32 3.12 0.48
C ASP A 19 23.70 2.30 -0.76
N ASP A 20 23.90 3.03 -1.86
CA ASP A 20 24.43 2.56 -3.15
C ASP A 20 23.46 1.69 -3.96
N GLY A 21 22.25 1.46 -3.43
CA GLY A 21 21.23 0.61 -4.04
C GLY A 21 20.67 -0.44 -3.09
N LYS A 22 21.09 -0.42 -1.81
CA LYS A 22 20.60 -1.28 -0.75
C LYS A 22 19.10 -1.07 -0.54
N GLN A 23 18.30 -2.04 -0.96
CA GLN A 23 16.89 -2.07 -0.61
C GLN A 23 16.74 -2.40 0.87
N TYR A 24 15.82 -1.71 1.56
CA TYR A 24 15.45 -2.07 2.93
C TYR A 24 13.96 -1.94 3.15
N TYR A 25 13.47 -2.77 4.08
CA TYR A 25 12.06 -2.95 4.35
C TYR A 25 11.62 -2.23 5.61
N GLU A 26 10.34 -1.87 5.60
CA GLU A 26 9.60 -1.25 6.70
C GLU A 26 8.28 -1.99 6.85
N TYR A 27 8.37 -3.16 7.46
CA TYR A 27 7.21 -3.98 7.70
C TYR A 27 6.74 -3.78 9.15
N HIS A 28 5.44 -3.50 9.28
CA HIS A 28 4.78 -3.03 10.49
C HIS A 28 3.34 -3.55 10.50
N LYS A 29 3.12 -4.62 11.26
CA LYS A 29 1.80 -5.20 11.48
C LYS A 29 1.30 -4.96 12.90
N GLY A 30 0.03 -5.27 13.14
CA GLY A 30 -0.62 -5.10 14.45
C GLY A 30 -0.89 -3.64 14.76
N LEU A 31 -1.33 -2.87 13.75
CA LEU A 31 -1.62 -1.45 13.84
C LEU A 31 -2.89 -1.11 13.06
N SER A 32 -3.18 0.17 12.82
CA SER A 32 -4.40 0.59 12.15
C SER A 32 -4.14 1.61 11.04
N LEU A 33 -5.21 2.03 10.35
CA LEU A 33 -5.07 2.95 9.21
C LEU A 33 -4.45 4.29 9.58
N SER A 34 -4.78 4.80 10.76
CA SER A 34 -4.20 6.02 11.30
C SER A 34 -2.73 5.86 11.71
N ASP A 35 -2.26 4.62 11.93
CA ASP A 35 -0.86 4.31 12.24
C ASP A 35 -0.05 4.09 10.95
N PHE A 36 -0.68 3.51 9.92
CA PHE A 36 -0.15 3.50 8.57
C PHE A 36 0.11 4.91 8.05
N GLU A 37 -0.82 5.85 8.26
CA GLU A 37 -0.64 7.26 7.89
C GLU A 37 0.59 7.91 8.52
N VAL A 38 0.95 7.50 9.75
CA VAL A 38 2.18 7.94 10.41
C VAL A 38 3.42 7.41 9.69
N LEU A 39 3.44 6.10 9.37
CA LEU A 39 4.53 5.46 8.64
C LEU A 39 4.72 6.07 7.25
N TYR A 40 3.63 6.22 6.50
CA TYR A 40 3.63 6.91 5.21
C TYR A 40 4.14 8.36 5.35
N GLY A 41 3.64 9.11 6.35
CA GLY A 41 4.00 10.50 6.58
C GLY A 41 5.45 10.74 7.05
N ASN A 42 6.16 9.70 7.54
CA ASN A 42 7.50 9.83 8.07
C ASN A 42 8.57 9.16 7.20
N THR A 43 8.22 8.07 6.51
CA THR A 43 9.19 7.08 6.07
C THR A 43 9.13 6.79 4.56
N ALA A 44 8.04 7.20 3.88
CA ALA A 44 7.85 7.01 2.43
C ALA A 44 8.75 7.89 1.54
N ASP A 45 9.94 8.26 2.03
CA ASP A 45 10.93 9.08 1.34
C ASP A 45 11.44 8.42 0.05
N GLU A 46 11.03 8.97 -1.11
CA GLU A 46 11.34 8.47 -2.45
C GLU A 46 10.97 6.99 -2.64
N ILE A 47 9.79 6.63 -2.12
CA ILE A 47 9.29 5.27 -2.01
C ILE A 47 9.29 4.47 -3.33
N ILE A 48 9.33 3.14 -3.15
CA ILE A 48 9.39 2.11 -4.17
C ILE A 48 8.13 1.27 -4.09
N LYS A 49 7.89 0.55 -2.98
CA LYS A 49 6.66 -0.21 -2.78
C LYS A 49 6.07 0.02 -1.40
N LEU A 50 4.77 -0.20 -1.35
CA LEU A 50 3.98 -0.18 -0.13
C LEU A 50 2.82 -1.17 -0.28
N ARG A 51 2.79 -2.15 0.62
CA ARG A 51 1.70 -3.09 0.81
C ARG A 51 0.95 -2.74 2.08
N LEU A 52 -0.38 -2.82 2.04
CA LEU A 52 -1.25 -2.86 3.20
C LEU A 52 -2.29 -3.96 3.01
N ASP A 53 -2.65 -4.58 4.13
CA ASP A 53 -3.66 -5.62 4.25
C ASP A 53 -4.45 -5.34 5.53
N LYS A 54 -5.79 -5.41 5.46
CA LYS A 54 -6.49 -5.84 6.66
C LYS A 54 -6.23 -7.33 6.88
N VAL A 55 -6.21 -7.71 8.15
CA VAL A 55 -5.83 -9.05 8.57
C VAL A 55 -7.07 -9.90 8.84
N LEU A 56 -7.01 -11.15 8.34
CA LEU A 56 -8.12 -12.07 8.17
C LEU A 56 -9.28 -11.48 7.34
N MET B 1 2.56 -9.40 -12.16
CA MET B 1 3.30 -8.12 -11.99
C MET B 1 4.31 -8.26 -10.88
N VAL B 2 5.38 -7.46 -10.93
CA VAL B 2 6.33 -7.33 -9.84
C VAL B 2 6.95 -5.95 -9.84
N GLN B 3 7.67 -5.58 -10.91
CA GLN B 3 8.09 -4.24 -11.28
C GLN B 3 8.48 -4.25 -12.77
N ASN B 4 8.70 -3.05 -13.34
CA ASN B 4 8.93 -2.79 -14.77
C ASN B 4 7.74 -3.19 -15.67
N ASP B 5 6.55 -3.37 -15.07
CA ASP B 5 5.39 -3.94 -15.73
C ASP B 5 4.73 -2.98 -16.74
N PHE B 6 4.32 -1.81 -16.24
CA PHE B 6 3.60 -0.78 -17.00
C PHE B 6 4.43 0.49 -17.21
N VAL B 7 5.72 0.38 -16.84
CA VAL B 7 6.84 1.31 -16.86
C VAL B 7 6.52 2.74 -17.34
N ASP B 8 6.03 3.56 -16.41
CA ASP B 8 5.87 5.01 -16.60
C ASP B 8 5.83 5.75 -15.26
N SER B 9 4.89 5.31 -14.42
CA SER B 9 4.50 5.94 -13.18
C SER B 9 4.26 4.89 -12.09
N TYR B 10 3.79 5.32 -10.91
CA TYR B 10 3.31 4.39 -9.88
C TYR B 10 2.09 3.60 -10.41
N ASP B 11 1.95 2.35 -9.97
CA ASP B 11 0.66 1.67 -9.87
C ASP B 11 0.18 1.73 -8.42
N VAL B 12 -1.14 1.64 -8.25
CA VAL B 12 -1.80 1.33 -6.99
C VAL B 12 -2.76 0.18 -7.23
N THR B 13 -2.26 -1.05 -7.06
CA THR B 13 -3.14 -2.21 -6.97
C THR B 13 -3.95 -2.05 -5.67
N MET B 14 -5.29 -2.16 -5.72
CA MET B 14 -6.14 -2.05 -4.55
C MET B 14 -7.31 -3.03 -4.61
N LEU B 15 -7.68 -3.50 -3.43
CA LEU B 15 -8.84 -4.32 -3.16
C LEU B 15 -9.67 -3.67 -2.07
N LEU B 16 -10.86 -3.24 -2.49
CA LEU B 16 -11.88 -2.66 -1.63
C LEU B 16 -13.06 -3.62 -1.50
N GLN B 17 -13.91 -3.35 -0.52
CA GLN B 17 -15.16 -4.04 -0.28
C GLN B 17 -16.31 -3.05 -0.37
N ASP B 18 -17.23 -3.31 -1.29
CA ASP B 18 -18.44 -2.54 -1.47
C ASP B 18 -19.35 -2.66 -0.23
N ASP B 19 -20.31 -1.74 -0.13
CA ASP B 19 -21.35 -1.69 0.90
C ASP B 19 -22.22 -2.95 0.94
N ASP B 20 -22.43 -3.59 -0.23
CA ASP B 20 -23.13 -4.86 -0.33
C ASP B 20 -22.27 -6.04 0.13
N GLY B 21 -20.98 -5.80 0.41
CA GLY B 21 -20.01 -6.80 0.86
C GLY B 21 -19.19 -7.41 -0.26
N LYS B 22 -19.38 -6.96 -1.51
CA LYS B 22 -18.64 -7.46 -2.66
C LYS B 22 -17.25 -6.88 -2.72
N GLN B 23 -16.25 -7.76 -2.67
CA GLN B 23 -14.85 -7.37 -2.82
C GLN B 23 -14.49 -7.23 -4.29
N TYR B 24 -13.82 -6.12 -4.64
CA TYR B 24 -13.44 -5.82 -6.01
C TYR B 24 -12.00 -5.33 -6.13
N TYR B 25 -11.25 -6.04 -6.98
CA TYR B 25 -9.83 -5.91 -7.18
C TYR B 25 -9.54 -5.05 -8.41
N GLU B 26 -8.68 -4.05 -8.26
CA GLU B 26 -8.32 -3.11 -9.33
C GLU B 26 -6.83 -2.76 -9.31
N TYR B 27 -6.24 -2.69 -10.50
CA TYR B 27 -5.00 -1.96 -10.71
C TYR B 27 -5.30 -0.51 -11.04
N HIS B 28 -4.59 0.42 -10.40
CA HIS B 28 -4.70 1.85 -10.68
C HIS B 28 -3.34 2.36 -11.13
N LYS B 29 -3.03 2.03 -12.39
CA LYS B 29 -1.76 2.29 -13.05
C LYS B 29 -1.67 3.75 -13.50
N GLY B 30 -0.44 4.20 -13.76
CA GLY B 30 -0.18 5.49 -14.37
C GLY B 30 -0.44 6.66 -13.41
N LEU B 31 -0.22 6.45 -12.11
CA LEU B 31 -0.56 7.38 -11.03
C LEU B 31 0.68 7.88 -10.30
N SER B 32 0.47 8.73 -9.29
CA SER B 32 1.50 9.16 -8.38
C SER B 32 1.02 9.10 -6.93
N LEU B 33 1.90 9.47 -5.99
CA LEU B 33 1.56 9.47 -4.56
C LEU B 33 0.42 10.43 -4.23
N SER B 34 0.31 11.57 -4.93
CA SER B 34 -0.81 12.48 -4.79
C SER B 34 -2.14 11.89 -5.30
N ASP B 35 -2.09 10.95 -6.24
CA ASP B 35 -3.27 10.25 -6.77
C ASP B 35 -3.62 9.00 -5.94
N PHE B 36 -2.61 8.39 -5.31
CA PHE B 36 -2.81 7.40 -4.26
C PHE B 36 -3.59 8.00 -3.08
N GLU B 37 -3.23 9.22 -2.65
CA GLU B 37 -3.94 9.96 -1.61
C GLU B 37 -5.41 10.25 -1.96
N VAL B 38 -5.74 10.35 -3.26
CA VAL B 38 -7.13 10.45 -3.71
C VAL B 38 -7.84 9.11 -3.51
N LEU B 39 -7.28 8.01 -4.04
CA LEU B 39 -7.90 6.69 -3.91
C LEU B 39 -8.09 6.29 -2.45
N TYR B 40 -7.00 6.34 -1.66
CA TYR B 40 -7.03 6.05 -0.24
C TYR B 40 -7.95 7.00 0.51
N GLY B 41 -7.77 8.32 0.35
CA GLY B 41 -8.50 9.35 1.09
C GLY B 41 -10.00 9.39 0.82
N ASN B 42 -10.45 8.91 -0.34
CA ASN B 42 -11.87 8.91 -0.70
C ASN B 42 -12.55 7.57 -0.45
N THR B 43 -11.80 6.46 -0.47
CA THR B 43 -12.40 5.14 -0.76
C THR B 43 -12.10 4.09 0.31
N ALA B 44 -11.15 4.30 1.22
CA ALA B 44 -10.60 3.30 2.14
C ALA B 44 -11.55 2.77 3.26
N ASP B 45 -12.85 2.83 3.03
CA ASP B 45 -13.91 2.31 3.87
C ASP B 45 -14.07 0.79 3.68
N GLU B 46 -13.46 0.03 4.59
CA GLU B 46 -13.18 -1.41 4.48
C GLU B 46 -12.25 -1.74 3.31
N ILE B 47 -11.11 -1.05 3.27
CA ILE B 47 -9.94 -1.47 2.52
C ILE B 47 -9.45 -2.83 3.01
N ILE B 48 -9.26 -3.76 2.06
CA ILE B 48 -8.89 -5.15 2.33
C ILE B 48 -7.41 -5.36 1.99
N LYS B 49 -6.98 -4.91 0.79
CA LYS B 49 -5.58 -4.89 0.40
C LYS B 49 -5.25 -3.66 -0.43
N LEU B 50 -3.97 -3.27 -0.43
CA LEU B 50 -3.39 -2.49 -1.51
C LEU B 50 -1.90 -2.84 -1.68
N ARG B 51 -1.40 -2.56 -2.88
CA ARG B 51 -0.01 -2.71 -3.31
C ARG B 51 0.31 -1.56 -4.25
N LEU B 52 0.88 -0.50 -3.68
CA LEU B 52 1.49 0.59 -4.42
C LEU B 52 2.91 0.19 -4.84
N ASP B 53 3.28 0.56 -6.07
CA ASP B 53 4.59 0.28 -6.64
C ASP B 53 4.99 1.40 -7.61
N LYS B 54 6.13 2.05 -7.37
CA LYS B 54 6.84 2.82 -8.40
C LYS B 54 7.34 1.84 -9.46
N VAL B 55 6.51 1.66 -10.49
CA VAL B 55 6.50 0.52 -11.43
C VAL B 55 7.61 0.45 -12.47
N LEU B 56 8.45 1.46 -12.40
CA LEU B 56 9.63 1.74 -13.23
C LEU B 56 10.66 0.59 -13.20
N MET A 1 -7.09 -12.18 22.00
CA MET A 1 -6.50 -11.73 23.28
C MET A 1 -5.31 -10.84 23.03
N VAL A 2 -4.27 -11.39 22.40
CA VAL A 2 -3.02 -10.71 22.04
C VAL A 2 -2.65 -11.10 20.60
N GLN A 3 -1.64 -10.42 20.06
CA GLN A 3 -0.98 -10.77 18.82
C GLN A 3 -0.34 -12.17 18.93
N ASN A 4 -1.03 -13.19 18.39
CA ASN A 4 -0.69 -14.59 18.62
C ASN A 4 -0.51 -15.40 17.32
N ASP A 5 -1.36 -15.20 16.31
CA ASP A 5 -1.45 -16.03 15.12
C ASP A 5 -1.43 -15.14 13.88
N PHE A 6 -0.61 -14.09 13.96
CA PHE A 6 -0.59 -12.89 13.12
C PHE A 6 -1.83 -11.99 13.29
N VAL A 7 -2.91 -12.46 13.94
CA VAL A 7 -4.17 -11.73 14.01
C VAL A 7 -4.24 -10.77 15.19
N ASP A 8 -4.01 -9.48 14.92
CA ASP A 8 -4.36 -8.37 15.82
C ASP A 8 -4.88 -7.16 15.04
N SER A 9 -4.02 -6.53 14.24
CA SER A 9 -4.39 -5.48 13.30
C SER A 9 -3.53 -5.51 12.03
N TYR A 10 -3.83 -4.60 11.08
CA TYR A 10 -3.40 -4.66 9.68
C TYR A 10 -1.89 -4.90 9.50
N ASP A 11 -1.52 -5.57 8.40
CA ASP A 11 -0.16 -5.58 7.88
C ASP A 11 0.06 -4.41 6.93
N VAL A 12 1.26 -3.80 7.00
CA VAL A 12 1.81 -2.88 6.00
C VAL A 12 3.27 -3.27 5.78
N THR A 13 3.49 -4.22 4.88
CA THR A 13 4.83 -4.65 4.48
C THR A 13 5.40 -3.62 3.51
N MET A 14 6.49 -2.94 3.87
CA MET A 14 7.01 -1.79 3.12
C MET A 14 8.51 -1.99 2.81
N LEU A 15 8.99 -1.34 1.75
CA LEU A 15 10.41 -1.04 1.56
C LEU A 15 10.63 0.40 1.10
N LEU A 16 11.72 0.99 1.58
CA LEU A 16 12.05 2.41 1.49
C LEU A 16 13.57 2.57 1.36
N GLN A 17 14.02 3.69 0.78
CA GLN A 17 15.44 4.01 0.70
C GLN A 17 16.03 4.37 2.08
N ASP A 18 17.08 3.64 2.46
CA ASP A 18 17.95 3.92 3.59
C ASP A 18 18.86 5.13 3.35
N ASP A 19 19.47 5.67 4.41
CA ASP A 19 20.52 6.69 4.35
C ASP A 19 21.71 6.28 3.44
N ASP A 20 22.07 4.99 3.40
CA ASP A 20 23.12 4.44 2.51
C ASP A 20 22.69 4.38 1.04
N GLY A 21 21.44 4.74 0.73
CA GLY A 21 20.89 4.82 -0.62
C GLY A 21 20.29 3.50 -1.13
N LYS A 22 20.27 2.43 -0.32
CA LYS A 22 19.67 1.14 -0.67
C LYS A 22 18.22 1.06 -0.21
N GLN A 23 17.39 0.34 -0.97
CA GLN A 23 16.04 -0.02 -0.57
C GLN A 23 16.09 -1.10 0.52
N TYR A 24 15.68 -0.77 1.73
CA TYR A 24 15.57 -1.73 2.82
C TYR A 24 14.10 -2.07 3.07
N TYR A 25 13.87 -3.35 3.35
CA TYR A 25 12.56 -3.98 3.53
C TYR A 25 12.23 -4.09 5.02
N GLU A 26 10.99 -3.75 5.38
CA GLU A 26 10.54 -3.74 6.77
C GLU A 26 9.03 -4.02 6.89
N TYR A 27 8.68 -5.03 7.70
CA TYR A 27 7.31 -5.28 8.12
C TYR A 27 6.83 -4.18 9.08
N HIS A 28 5.61 -3.67 8.86
CA HIS A 28 4.91 -2.81 9.82
C HIS A 28 3.49 -3.36 9.99
N LYS A 29 3.34 -4.41 10.80
CA LYS A 29 2.08 -5.12 11.02
C LYS A 29 1.58 -4.93 12.45
N GLY A 30 0.30 -5.23 12.70
CA GLY A 30 -0.32 -5.05 14.01
C GLY A 30 -0.55 -3.58 14.35
N LEU A 31 -0.92 -2.79 13.33
CA LEU A 31 -1.28 -1.38 13.43
C LEU A 31 -2.48 -1.08 12.55
N SER A 32 -3.06 0.11 12.64
CA SER A 32 -4.33 0.43 12.01
C SER A 32 -4.20 1.51 10.92
N LEU A 33 -5.29 1.87 10.25
CA LEU A 33 -5.22 2.72 9.06
C LEU A 33 -4.79 4.17 9.35
N SER A 34 -5.04 4.68 10.56
CA SER A 34 -4.50 5.95 11.03
C SER A 34 -3.01 5.86 11.40
N ASP A 35 -2.52 4.67 11.80
CA ASP A 35 -1.10 4.40 12.05
C ASP A 35 -0.34 4.21 10.72
N PHE A 36 -1.01 3.65 9.71
CA PHE A 36 -0.54 3.60 8.33
C PHE A 36 -0.31 5.00 7.75
N GLU A 37 -1.23 5.94 7.99
CA GLU A 37 -1.04 7.35 7.62
C GLU A 37 0.24 7.95 8.22
N VAL A 38 0.59 7.59 9.46
CA VAL A 38 1.83 8.00 10.12
C VAL A 38 3.04 7.37 9.44
N LEU A 39 3.00 6.07 9.13
CA LEU A 39 4.08 5.38 8.39
C LEU A 39 4.30 6.03 7.02
N TYR A 40 3.24 6.19 6.23
CA TYR A 40 3.30 6.86 4.92
C TYR A 40 3.83 8.30 5.04
N GLY A 41 3.31 9.06 6.00
CA GLY A 41 3.73 10.43 6.31
C GLY A 41 5.19 10.59 6.74
N ASN A 42 5.81 9.54 7.29
CA ASN A 42 7.21 9.54 7.74
C ASN A 42 8.19 8.97 6.70
N THR A 43 7.71 8.53 5.52
CA THR A 43 8.56 7.93 4.48
C THR A 43 9.74 8.82 4.08
N ALA A 44 9.47 10.08 3.71
CA ALA A 44 10.40 11.19 3.46
C ALA A 44 11.55 10.95 2.44
N ASP A 45 11.69 9.73 1.92
CA ASP A 45 12.67 9.27 0.95
C ASP A 45 12.01 8.49 -0.19
N GLU A 46 12.81 7.98 -1.13
CA GLU A 46 12.36 7.26 -2.32
C GLU A 46 11.59 5.96 -2.00
N ILE A 47 10.28 6.14 -1.82
CA ILE A 47 9.23 5.14 -1.73
C ILE A 47 9.07 4.39 -3.06
N ILE A 48 9.23 3.06 -2.97
CA ILE A 48 9.13 2.11 -4.07
C ILE A 48 7.92 1.21 -3.83
N LYS A 49 7.90 0.35 -2.79
CA LYS A 49 6.86 -0.68 -2.66
C LYS A 49 6.26 -0.75 -1.25
N LEU A 50 4.94 -0.91 -1.22
CA LEU A 50 4.07 -0.81 -0.06
C LEU A 50 2.91 -1.81 -0.23
N ARG A 51 2.79 -2.76 0.70
CA ARG A 51 1.81 -3.85 0.68
C ARG A 51 1.01 -3.87 1.98
N LEU A 52 -0.12 -3.17 1.99
CA LEU A 52 -1.12 -3.26 3.05
C LEU A 52 -2.04 -4.47 2.81
N ASP A 53 -2.35 -5.18 3.88
CA ASP A 53 -3.22 -6.36 3.87
C ASP A 53 -3.91 -6.50 5.26
N LYS A 54 -5.25 -6.45 5.30
CA LYS A 54 -5.99 -6.71 6.54
C LYS A 54 -5.73 -8.13 7.05
N VAL A 55 -5.69 -8.26 8.38
CA VAL A 55 -5.44 -9.53 9.04
C VAL A 55 -6.74 -10.26 9.29
N LEU A 56 -6.68 -11.59 9.13
CA LEU A 56 -7.81 -12.54 9.04
C LEU A 56 -8.86 -12.12 8.00
N MET B 1 8.58 5.59 -26.09
CA MET B 1 7.87 4.86 -25.02
C MET B 1 7.63 3.43 -25.47
N VAL B 2 8.23 2.46 -24.76
CA VAL B 2 8.07 1.02 -25.05
C VAL B 2 6.95 0.42 -24.17
N GLN B 3 6.85 0.85 -22.90
CA GLN B 3 5.89 0.35 -21.93
C GLN B 3 4.47 0.84 -22.24
N ASN B 4 3.78 0.08 -23.10
CA ASN B 4 2.38 0.28 -23.47
C ASN B 4 1.40 -0.09 -22.33
N ASP B 5 1.85 -0.92 -21.38
CA ASP B 5 1.18 -1.25 -20.13
C ASP B 5 2.24 -1.37 -19.03
N PHE B 6 1.85 -1.13 -17.77
CA PHE B 6 2.76 -0.78 -16.67
C PHE B 6 3.82 0.25 -17.12
N VAL B 7 3.34 1.43 -17.53
CA VAL B 7 4.16 2.58 -17.86
C VAL B 7 4.77 3.18 -16.57
N ASP B 8 5.93 3.84 -16.71
CA ASP B 8 6.54 4.59 -15.61
C ASP B 8 5.58 5.65 -15.07
N SER B 9 5.68 5.80 -13.76
CA SER B 9 4.61 6.11 -12.77
C SER B 9 4.79 5.26 -11.50
N TYR B 10 3.83 5.36 -10.57
CA TYR B 10 3.45 4.32 -9.62
C TYR B 10 2.27 3.50 -10.18
N ASP B 11 2.07 2.32 -9.61
CA ASP B 11 0.98 1.37 -9.83
C ASP B 11 0.37 1.04 -8.46
N VAL B 12 -0.95 1.22 -8.35
CA VAL B 12 -1.70 1.11 -7.09
C VAL B 12 -2.83 0.14 -7.24
N THR B 13 -2.61 -1.11 -6.82
CA THR B 13 -3.62 -2.16 -6.78
C THR B 13 -4.33 -2.11 -5.43
N MET B 14 -5.46 -1.43 -5.35
CA MET B 14 -6.27 -1.32 -4.14
C MET B 14 -7.36 -2.40 -4.14
N LEU B 15 -7.80 -2.78 -2.94
CA LEU B 15 -8.80 -3.81 -2.73
C LEU B 15 -9.64 -3.48 -1.50
N LEU B 16 -10.92 -3.19 -1.73
CA LEU B 16 -11.92 -2.97 -0.70
C LEU B 16 -12.86 -4.18 -0.61
N GLN B 17 -13.91 -4.05 0.20
CA GLN B 17 -15.05 -4.95 0.24
C GLN B 17 -16.34 -4.19 -0.12
N ASP B 18 -17.13 -4.80 -1.00
CA ASP B 18 -18.47 -4.37 -1.39
C ASP B 18 -19.50 -4.63 -0.27
N ASP B 19 -20.64 -3.95 -0.35
CA ASP B 19 -21.80 -4.14 0.52
C ASP B 19 -22.31 -5.60 0.55
N ASP B 20 -22.14 -6.35 -0.55
CA ASP B 20 -22.48 -7.78 -0.64
C ASP B 20 -21.51 -8.68 0.17
N GLY B 21 -20.46 -8.10 0.77
CA GLY B 21 -19.45 -8.79 1.57
C GLY B 21 -18.35 -9.46 0.73
N LYS B 22 -18.27 -9.10 -0.56
CA LYS B 22 -17.29 -9.61 -1.52
C LYS B 22 -16.23 -8.57 -1.83
N GLN B 23 -15.03 -9.01 -2.20
CA GLN B 23 -13.93 -8.10 -2.48
C GLN B 23 -14.14 -7.28 -3.76
N TYR B 24 -13.53 -6.09 -3.78
CA TYR B 24 -13.81 -4.99 -4.67
C TYR B 24 -12.47 -4.39 -5.13
N TYR B 25 -12.01 -4.89 -6.27
CA TYR B 25 -10.68 -4.68 -6.84
C TYR B 25 -10.60 -3.34 -7.59
N GLU B 26 -9.60 -2.52 -7.25
CA GLU B 26 -9.42 -1.15 -7.74
C GLU B 26 -7.95 -0.99 -8.17
N TYR B 27 -7.62 -1.46 -9.37
CA TYR B 27 -6.28 -1.33 -9.93
C TYR B 27 -6.10 0.03 -10.61
N HIS B 28 -4.99 0.71 -10.29
CA HIS B 28 -4.67 2.05 -10.77
C HIS B 28 -3.17 2.17 -11.09
N LYS B 29 -2.81 1.72 -12.29
CA LYS B 29 -1.53 1.99 -12.93
C LYS B 29 -1.43 3.46 -13.34
N GLY B 30 -0.22 3.92 -13.67
CA GLY B 30 -0.04 5.12 -14.49
C GLY B 30 -0.34 6.44 -13.75
N LEU B 31 -0.22 6.45 -12.42
CA LEU B 31 -0.45 7.63 -11.59
C LEU B 31 0.69 7.85 -10.57
N SER B 32 0.54 8.81 -9.66
CA SER B 32 1.59 9.21 -8.72
C SER B 32 1.13 9.21 -7.26
N LEU B 33 2.05 9.50 -6.34
CA LEU B 33 1.78 9.53 -4.89
C LEU B 33 0.64 10.49 -4.52
N SER B 34 0.59 11.68 -5.13
CA SER B 34 -0.48 12.64 -4.91
C SER B 34 -1.83 12.15 -5.45
N ASP B 35 -1.84 11.35 -6.52
CA ASP B 35 -3.05 10.73 -7.09
C ASP B 35 -3.50 9.54 -6.24
N PHE B 36 -2.55 8.79 -5.66
CA PHE B 36 -2.78 7.76 -4.66
C PHE B 36 -3.48 8.32 -3.41
N GLU B 37 -3.03 9.48 -2.91
CA GLU B 37 -3.69 10.17 -1.80
C GLU B 37 -5.15 10.52 -2.12
N VAL B 38 -5.46 10.91 -3.37
CA VAL B 38 -6.84 11.10 -3.85
C VAL B 38 -7.59 9.77 -3.90
N LEU B 39 -7.02 8.72 -4.50
CA LEU B 39 -7.62 7.39 -4.59
C LEU B 39 -8.03 6.88 -3.20
N TYR B 40 -7.09 6.85 -2.25
CA TYR B 40 -7.32 6.48 -0.86
C TYR B 40 -8.38 7.36 -0.21
N GLY B 41 -8.25 8.69 -0.32
CA GLY B 41 -9.19 9.66 0.24
C GLY B 41 -10.62 9.60 -0.33
N ASN B 42 -10.82 8.96 -1.49
CA ASN B 42 -12.10 8.90 -2.20
C ASN B 42 -12.73 7.49 -2.22
N THR B 43 -11.95 6.43 -1.98
CA THR B 43 -12.32 5.06 -2.37
C THR B 43 -12.11 4.03 -1.25
N ALA B 44 -11.40 4.35 -0.15
CA ALA B 44 -11.00 3.41 0.90
C ALA B 44 -12.14 2.95 1.84
N ASP B 45 -13.27 2.52 1.28
CA ASP B 45 -14.47 2.09 1.99
C ASP B 45 -14.43 0.59 2.30
N GLU B 46 -14.02 0.24 3.53
CA GLU B 46 -13.77 -1.13 4.01
C GLU B 46 -12.58 -1.78 3.27
N ILE B 47 -11.38 -1.28 3.57
CA ILE B 47 -10.11 -1.71 2.99
C ILE B 47 -9.65 -3.10 3.47
N ILE B 48 -9.16 -3.88 2.50
CA ILE B 48 -8.72 -5.26 2.55
C ILE B 48 -7.25 -5.31 2.13
N LYS B 49 -6.89 -4.83 0.93
CA LYS B 49 -5.48 -4.72 0.51
C LYS B 49 -5.16 -3.42 -0.20
N LEU B 50 -3.87 -3.09 -0.24
CA LEU B 50 -3.33 -1.95 -0.97
C LEU B 50 -1.89 -2.26 -1.40
N ARG B 51 -1.65 -2.40 -2.71
CA ARG B 51 -0.32 -2.61 -3.27
C ARG B 51 0.10 -1.39 -4.08
N LEU B 52 0.83 -0.47 -3.45
CA LEU B 52 1.48 0.63 -4.14
C LEU B 52 2.91 0.22 -4.52
N ASP B 53 3.29 0.48 -5.77
CA ASP B 53 4.57 0.07 -6.36
C ASP B 53 5.05 1.11 -7.38
N LYS B 54 6.23 1.71 -7.18
CA LYS B 54 6.91 2.48 -8.24
C LYS B 54 7.22 1.57 -9.44
N VAL B 55 6.55 1.87 -10.55
CA VAL B 55 6.85 1.28 -11.85
C VAL B 55 8.14 1.92 -12.39
N LEU B 56 8.86 1.17 -13.22
CA LEU B 56 10.20 1.49 -13.71
C LEU B 56 10.33 1.32 -15.22
N MET A 1 -2.67 -14.99 12.11
CA MET A 1 -3.67 -15.46 13.08
C MET A 1 -3.12 -15.50 14.47
N VAL A 2 -3.79 -14.78 15.35
CA VAL A 2 -3.36 -14.47 16.72
C VAL A 2 -1.90 -14.01 16.80
N GLN A 3 -1.48 -13.68 18.01
CA GLN A 3 -0.17 -13.13 18.28
C GLN A 3 0.95 -14.18 18.32
N ASN A 4 0.84 -15.13 17.41
CA ASN A 4 1.89 -16.05 17.03
C ASN A 4 2.66 -15.51 15.83
N ASP A 5 1.97 -14.82 14.91
CA ASP A 5 2.53 -14.33 13.66
C ASP A 5 1.91 -12.99 13.25
N PHE A 6 0.61 -13.01 12.94
CA PHE A 6 -0.20 -11.88 12.51
C PHE A 6 -1.42 -11.78 13.42
N VAL A 7 -1.27 -11.03 14.51
CA VAL A 7 -2.40 -10.67 15.37
C VAL A 7 -3.34 -9.71 14.66
N ASP A 8 -4.65 -9.79 14.93
CA ASP A 8 -5.64 -8.95 14.27
C ASP A 8 -5.37 -7.46 14.47
N SER A 9 -5.44 -6.78 13.32
CA SER A 9 -4.79 -5.52 12.96
C SER A 9 -4.64 -5.48 11.43
N TYR A 10 -3.98 -4.44 10.94
CA TYR A 10 -3.33 -4.45 9.64
C TYR A 10 -1.83 -4.73 9.78
N ASP A 11 -1.25 -5.20 8.68
CA ASP A 11 0.18 -5.16 8.38
C ASP A 11 0.42 -4.10 7.31
N VAL A 12 1.60 -3.48 7.38
CA VAL A 12 2.12 -2.60 6.33
C VAL A 12 3.55 -3.04 6.02
N THR A 13 3.68 -3.95 5.06
CA THR A 13 4.95 -4.35 4.48
C THR A 13 5.41 -3.25 3.53
N MET A 14 6.41 -2.44 3.92
CA MET A 14 6.82 -1.25 3.17
C MET A 14 8.32 -1.30 2.86
N LEU A 15 8.68 -0.66 1.73
CA LEU A 15 10.01 -0.70 1.16
C LEU A 15 10.44 0.69 0.70
N LEU A 16 11.51 1.16 1.34
CA LEU A 16 12.13 2.47 1.13
C LEU A 16 13.55 2.32 0.60
N GLN A 17 14.14 3.45 0.23
CA GLN A 17 15.51 3.53 -0.27
C GLN A 17 16.27 4.63 0.45
N ASP A 18 17.54 4.36 0.77
CA ASP A 18 18.42 5.31 1.44
C ASP A 18 19.89 5.01 1.08
N ASP A 19 20.80 5.77 1.68
CA ASP A 19 22.24 5.53 1.80
C ASP A 19 22.85 4.87 0.55
N ASP A 20 23.00 5.69 -0.48
CA ASP A 20 23.61 5.36 -1.78
C ASP A 20 22.69 4.59 -2.73
N GLY A 21 21.48 4.23 -2.28
CA GLY A 21 20.50 3.45 -3.05
C GLY A 21 20.18 2.09 -2.44
N LYS A 22 20.63 1.82 -1.21
CA LYS A 22 20.33 0.62 -0.43
C LYS A 22 18.84 0.61 -0.08
N GLN A 23 18.09 -0.21 -0.80
CA GLN A 23 16.68 -0.43 -0.56
C GLN A 23 16.49 -1.36 0.63
N TYR A 24 15.50 -1.07 1.47
CA TYR A 24 15.25 -1.82 2.69
C TYR A 24 13.75 -2.01 2.95
N TYR A 25 13.38 -3.25 3.29
CA TYR A 25 12.06 -3.59 3.78
C TYR A 25 11.92 -3.28 5.27
N GLU A 26 10.68 -2.99 5.67
CA GLU A 26 10.18 -3.21 7.01
C GLU A 26 8.76 -3.77 6.95
N TYR A 27 8.40 -4.52 7.99
CA TYR A 27 7.19 -5.35 8.06
C TYR A 27 6.33 -4.87 9.23
N HIS A 28 5.55 -3.81 9.00
CA HIS A 28 4.88 -3.10 10.09
C HIS A 28 3.54 -3.77 10.42
N LYS A 29 3.63 -4.96 11.03
CA LYS A 29 2.51 -5.69 11.60
C LYS A 29 1.92 -4.95 12.80
N GLY A 30 0.67 -5.30 13.15
CA GLY A 30 0.02 -4.85 14.38
C GLY A 30 -0.43 -3.39 14.35
N LEU A 31 -0.62 -2.82 13.15
CA LEU A 31 -0.99 -1.42 12.94
C LEU A 31 -2.45 -1.27 12.55
N SER A 32 -2.87 -0.02 12.31
CA SER A 32 -4.15 0.33 11.74
C SER A 32 -3.99 1.35 10.61
N LEU A 33 -5.09 1.73 9.95
CA LEU A 33 -5.05 2.68 8.84
C LEU A 33 -4.56 4.08 9.28
N SER A 34 -4.87 4.49 10.51
CA SER A 34 -4.37 5.73 11.09
C SER A 34 -2.87 5.67 11.40
N ASP A 35 -2.29 4.48 11.56
CA ASP A 35 -0.85 4.27 11.76
C ASP A 35 -0.13 4.11 10.42
N PHE A 36 -0.80 3.54 9.42
CA PHE A 36 -0.37 3.62 8.03
C PHE A 36 -0.25 5.07 7.56
N GLU A 37 -1.22 5.93 7.89
CA GLU A 37 -1.15 7.37 7.63
C GLU A 37 0.08 8.05 8.24
N VAL A 38 0.55 7.57 9.41
CA VAL A 38 1.81 8.04 10.00
C VAL A 38 2.99 7.58 9.16
N LEU A 39 3.10 6.28 8.86
CA LEU A 39 4.21 5.74 8.06
C LEU A 39 4.29 6.41 6.69
N TYR A 40 3.16 6.50 6.00
CA TYR A 40 3.02 7.17 4.72
C TYR A 40 3.35 8.67 4.80
N GLY A 41 2.94 9.37 5.88
CA GLY A 41 3.15 10.81 6.03
C GLY A 41 4.52 11.21 6.59
N ASN A 42 5.30 10.26 7.12
CA ASN A 42 6.57 10.52 7.79
C ASN A 42 7.77 9.86 7.10
N THR A 43 7.56 8.73 6.43
CA THR A 43 8.65 7.81 6.06
C THR A 43 8.69 7.48 4.56
N ALA A 44 7.56 7.60 3.85
CA ALA A 44 7.41 7.22 2.44
C ALA A 44 8.09 8.16 1.42
N ASP A 45 9.21 8.77 1.81
CA ASP A 45 9.96 9.78 1.06
C ASP A 45 10.41 9.30 -0.33
N GLU A 46 11.05 8.13 -0.39
CA GLU A 46 11.58 7.51 -1.61
C GLU A 46 10.96 6.12 -1.79
N ILE A 47 9.64 6.09 -1.73
CA ILE A 47 8.80 4.89 -1.72
C ILE A 47 8.98 4.04 -2.99
N ILE A 48 9.27 2.75 -2.75
CA ILE A 48 9.60 1.72 -3.74
C ILE A 48 8.45 0.73 -3.79
N LYS A 49 8.06 0.16 -2.64
CA LYS A 49 6.89 -0.71 -2.52
C LYS A 49 6.13 -0.44 -1.23
N LEU A 50 4.85 -0.76 -1.25
CA LEU A 50 4.10 -1.06 -0.04
C LEU A 50 3.03 -2.13 -0.31
N ARG A 51 2.75 -2.92 0.72
CA ARG A 51 1.75 -3.97 0.76
C ARG A 51 1.07 -3.92 2.12
N LEU A 52 -0.10 -3.28 2.14
CA LEU A 52 -0.99 -3.21 3.28
C LEU A 52 -2.09 -4.24 3.13
N ASP A 53 -2.43 -4.85 4.27
CA ASP A 53 -3.28 -6.02 4.35
C ASP A 53 -4.04 -5.98 5.65
N LYS A 54 -5.38 -6.04 5.60
CA LYS A 54 -6.13 -6.44 6.79
C LYS A 54 -5.85 -7.93 7.04
N VAL A 55 -5.14 -8.22 8.14
CA VAL A 55 -4.39 -9.46 8.25
C VAL A 55 -5.28 -10.67 8.50
N LEU A 56 -4.68 -11.82 8.21
CA LEU A 56 -5.16 -13.16 8.55
C LEU A 56 -4.39 -13.73 9.76
N MET B 1 13.12 -7.67 -7.31
CA MET B 1 12.69 -6.94 -8.53
C MET B 1 11.55 -6.01 -8.19
N VAL B 2 11.38 -4.97 -9.00
CA VAL B 2 10.30 -3.99 -8.95
C VAL B 2 9.60 -3.98 -10.32
N GLN B 3 8.35 -3.51 -10.35
CA GLN B 3 7.53 -3.41 -11.55
C GLN B 3 8.23 -2.67 -12.69
N ASN B 4 8.18 -3.26 -13.89
CA ASN B 4 8.89 -2.77 -15.07
C ASN B 4 8.13 -2.98 -16.39
N ASP B 5 6.91 -3.54 -16.34
CA ASP B 5 6.14 -3.93 -17.52
C ASP B 5 5.07 -2.89 -17.88
N PHE B 6 4.39 -2.35 -16.88
CA PHE B 6 3.46 -1.21 -16.99
C PHE B 6 4.17 0.13 -17.25
N VAL B 7 5.49 0.09 -17.40
CA VAL B 7 6.51 1.14 -17.48
C VAL B 7 5.99 2.56 -17.73
N ASP B 8 5.58 3.22 -16.65
CA ASP B 8 5.03 4.57 -16.71
C ASP B 8 5.32 5.33 -15.40
N SER B 9 4.55 4.99 -14.36
CA SER B 9 4.64 5.52 -13.00
C SER B 9 3.78 4.66 -12.08
N TYR B 10 3.72 5.03 -10.80
CA TYR B 10 3.28 4.19 -9.67
C TYR B 10 2.08 3.29 -9.97
N ASP B 11 2.26 2.00 -9.65
CA ASP B 11 1.29 0.93 -9.79
C ASP B 11 0.61 0.68 -8.46
N VAL B 12 -0.56 1.31 -8.25
CA VAL B 12 -1.46 0.99 -7.15
C VAL B 12 -2.36 -0.16 -7.57
N THR B 13 -2.47 -1.17 -6.71
CA THR B 13 -3.38 -2.29 -6.87
C THR B 13 -4.07 -2.52 -5.54
N MET B 14 -5.23 -1.90 -5.36
CA MET B 14 -6.00 -1.90 -4.13
C MET B 14 -7.30 -2.67 -4.33
N LEU B 15 -7.94 -3.06 -3.23
CA LEU B 15 -9.31 -3.56 -3.28
C LEU B 15 -10.05 -3.28 -1.97
N LEU B 16 -11.37 -3.23 -2.10
CA LEU B 16 -12.32 -3.00 -1.04
C LEU B 16 -13.35 -4.14 -1.01
N GLN B 17 -14.23 -4.07 -0.01
CA GLN B 17 -15.39 -4.93 0.13
C GLN B 17 -16.63 -4.06 0.31
N ASP B 18 -17.69 -4.41 -0.43
CA ASP B 18 -19.00 -3.81 -0.36
C ASP B 18 -19.74 -4.23 0.93
N ASP B 19 -20.74 -3.45 1.32
CA ASP B 19 -21.70 -3.83 2.37
C ASP B 19 -22.49 -5.10 2.00
N ASP B 20 -22.67 -5.37 0.70
CA ASP B 20 -23.24 -6.62 0.18
C ASP B 20 -22.29 -7.82 0.32
N GLY B 21 -21.05 -7.59 0.76
CA GLY B 21 -20.07 -8.63 1.10
C GLY B 21 -19.18 -9.06 -0.05
N LYS B 22 -19.33 -8.46 -1.24
CA LYS B 22 -18.46 -8.76 -2.38
C LYS B 22 -17.26 -7.83 -2.41
N GLN B 23 -16.13 -8.36 -2.87
CA GLN B 23 -14.93 -7.57 -3.06
C GLN B 23 -14.93 -6.90 -4.43
N TYR B 24 -14.30 -5.73 -4.51
CA TYR B 24 -14.10 -5.03 -5.76
C TYR B 24 -12.74 -4.34 -5.78
N TYR B 25 -12.12 -4.35 -6.96
CA TYR B 25 -10.75 -3.95 -7.18
C TYR B 25 -10.62 -2.51 -7.66
N GLU B 26 -9.46 -1.94 -7.35
CA GLU B 26 -9.01 -0.60 -7.65
C GLU B 26 -7.55 -0.68 -8.12
N TYR B 27 -7.38 -1.24 -9.31
CA TYR B 27 -6.12 -1.29 -10.05
C TYR B 27 -5.91 0.02 -10.83
N HIS B 28 -4.86 0.76 -10.46
CA HIS B 28 -4.53 2.08 -10.97
C HIS B 28 -3.02 2.25 -11.08
N LYS B 29 -2.46 1.92 -12.25
CA LYS B 29 -1.06 2.21 -12.57
C LYS B 29 -0.90 3.51 -13.37
N GLY B 30 0.34 3.96 -13.52
CA GLY B 30 0.67 5.14 -14.32
C GLY B 30 0.20 6.44 -13.67
N LEU B 31 0.29 6.52 -12.34
CA LEU B 31 -0.06 7.71 -11.56
C LEU B 31 1.03 7.99 -10.52
N SER B 32 0.77 8.82 -9.51
CA SER B 32 1.77 9.16 -8.50
C SER B 32 1.19 9.19 -7.08
N LEU B 33 2.02 9.51 -6.08
CA LEU B 33 1.63 9.41 -4.68
C LEU B 33 0.46 10.33 -4.32
N SER B 34 0.41 11.52 -4.91
CA SER B 34 -0.69 12.47 -4.73
C SER B 34 -1.98 12.05 -5.45
N ASP B 35 -1.89 11.14 -6.42
CA ASP B 35 -3.03 10.51 -7.10
C ASP B 35 -3.51 9.29 -6.32
N PHE B 36 -2.57 8.52 -5.73
CA PHE B 36 -2.87 7.51 -4.74
C PHE B 36 -3.56 8.11 -3.51
N GLU B 37 -3.10 9.28 -3.04
CA GLU B 37 -3.71 10.02 -1.93
C GLU B 37 -5.20 10.32 -2.18
N VAL B 38 -5.56 10.67 -3.42
CA VAL B 38 -6.95 10.86 -3.86
C VAL B 38 -7.69 9.51 -3.80
N LEU B 39 -7.13 8.45 -4.41
CA LEU B 39 -7.74 7.11 -4.44
C LEU B 39 -8.04 6.58 -3.04
N TYR B 40 -7.05 6.63 -2.15
CA TYR B 40 -7.17 6.27 -0.74
C TYR B 40 -8.26 7.13 -0.07
N GLY B 41 -8.17 8.46 -0.17
CA GLY B 41 -9.11 9.39 0.44
C GLY B 41 -10.56 9.27 -0.04
N ASN B 42 -10.78 8.70 -1.23
CA ASN B 42 -12.10 8.49 -1.81
C ASN B 42 -12.71 7.13 -1.42
N THR B 43 -11.88 6.16 -1.00
CA THR B 43 -12.26 4.75 -0.98
C THR B 43 -12.08 4.08 0.38
N ALA B 44 -11.13 4.56 1.20
CA ALA B 44 -10.69 3.90 2.42
C ALA B 44 -11.68 4.04 3.59
N ASP B 45 -12.86 3.43 3.45
CA ASP B 45 -13.80 3.19 4.55
C ASP B 45 -13.20 2.19 5.54
N GLU B 46 -12.98 0.96 5.08
CA GLU B 46 -11.90 0.10 5.54
C GLU B 46 -10.98 -0.16 4.33
N ILE B 47 -9.90 -0.91 4.52
CA ILE B 47 -9.15 -1.51 3.42
C ILE B 47 -9.14 -3.02 3.63
N ILE B 48 -8.98 -3.76 2.54
CA ILE B 48 -8.78 -5.20 2.57
C ILE B 48 -7.34 -5.50 2.17
N LYS B 49 -6.97 -5.13 0.93
CA LYS B 49 -5.60 -5.18 0.43
C LYS B 49 -5.27 -3.90 -0.34
N LEU B 50 -4.00 -3.52 -0.26
CA LEU B 50 -3.45 -2.33 -0.90
C LEU B 50 -1.99 -2.59 -1.24
N ARG B 51 -1.73 -2.82 -2.53
CA ARG B 51 -0.38 -2.83 -3.09
C ARG B 51 -0.06 -1.48 -3.74
N LEU B 52 1.19 -1.08 -3.64
CA LEU B 52 1.79 -0.02 -4.42
C LEU B 52 3.24 -0.40 -4.74
N ASP B 53 3.66 -0.18 -5.98
CA ASP B 53 5.06 -0.27 -6.41
C ASP B 53 5.40 0.97 -7.23
N LYS B 54 6.62 1.50 -7.09
CA LYS B 54 7.13 2.40 -8.13
C LYS B 54 7.28 1.69 -9.49
N VAL B 55 7.20 2.47 -10.55
CA VAL B 55 7.46 2.05 -11.95
C VAL B 55 8.30 3.07 -12.75
N LEU B 56 8.77 4.04 -11.99
CA LEU B 56 9.61 5.20 -12.32
C LEU B 56 10.31 5.68 -11.03
N MET A 1 13.29 -9.17 21.59
CA MET A 1 12.73 -9.41 20.26
C MET A 1 11.51 -8.55 19.97
N VAL A 2 11.58 -7.80 18.88
CA VAL A 2 10.45 -7.00 18.38
C VAL A 2 9.37 -7.87 17.73
N GLN A 3 8.16 -7.31 17.67
CA GLN A 3 6.98 -7.88 17.03
C GLN A 3 6.76 -9.36 17.40
N ASN A 4 6.75 -9.61 18.71
CA ASN A 4 6.86 -10.92 19.31
C ASN A 4 5.77 -11.91 18.87
N ASP A 5 4.52 -11.47 18.76
CA ASP A 5 3.38 -12.34 18.45
C ASP A 5 2.97 -12.28 16.97
N PHE A 6 3.59 -11.37 16.20
CA PHE A 6 3.12 -10.97 14.86
C PHE A 6 1.63 -10.62 14.89
N VAL A 7 1.32 -9.71 15.81
CA VAL A 7 0.03 -9.55 16.48
C VAL A 7 -1.11 -9.11 15.55
N ASP A 8 -2.35 -9.26 16.01
CA ASP A 8 -3.56 -8.92 15.27
C ASP A 8 -3.73 -7.41 15.02
N SER A 9 -4.62 -7.11 14.08
CA SER A 9 -4.78 -5.85 13.33
C SER A 9 -3.74 -5.72 12.20
N TYR A 10 -4.01 -4.77 11.30
CA TYR A 10 -3.54 -4.72 9.91
C TYR A 10 -2.03 -5.01 9.77
N ASP A 11 -1.68 -5.69 8.67
CA ASP A 11 -0.30 -5.79 8.20
C ASP A 11 -0.04 -4.64 7.24
N VAL A 12 0.96 -3.83 7.57
CA VAL A 12 1.68 -2.97 6.62
C VAL A 12 3.06 -3.57 6.39
N THR A 13 3.45 -3.61 5.12
CA THR A 13 4.74 -4.12 4.66
C THR A 13 5.28 -3.17 3.61
N MET A 14 6.23 -2.33 3.99
CA MET A 14 6.79 -1.29 3.15
C MET A 14 8.28 -1.56 2.89
N LEU A 15 8.84 -0.95 1.86
CA LEU A 15 10.26 -1.02 1.56
C LEU A 15 10.71 0.19 0.75
N LEU A 16 12.00 0.49 0.92
CA LEU A 16 12.68 1.66 0.38
C LEU A 16 14.08 1.25 -0.09
N GLN A 17 14.79 2.17 -0.73
CA GLN A 17 16.11 1.93 -1.27
C GLN A 17 17.17 2.66 -0.46
N ASP A 18 18.22 1.93 -0.12
CA ASP A 18 19.39 2.39 0.59
C ASP A 18 20.32 3.17 -0.34
N ASP A 19 21.23 3.91 0.26
CA ASP A 19 22.31 4.61 -0.43
C ASP A 19 23.20 3.67 -1.26
N ASP A 20 23.38 2.42 -0.82
CA ASP A 20 24.12 1.42 -1.58
C ASP A 20 23.33 0.88 -2.79
N GLY A 21 22.08 1.33 -2.96
CA GLY A 21 21.18 0.94 -4.05
C GLY A 21 20.40 -0.34 -3.78
N LYS A 22 20.49 -0.83 -2.54
CA LYS A 22 19.82 -2.02 -2.09
C LYS A 22 18.45 -1.70 -1.54
N GLN A 23 17.52 -2.64 -1.60
CA GLN A 23 16.22 -2.45 -0.98
C GLN A 23 16.26 -2.95 0.46
N TYR A 24 15.70 -2.16 1.37
CA TYR A 24 15.48 -2.53 2.75
C TYR A 24 13.99 -2.44 3.09
N TYR A 25 13.55 -3.33 3.97
CA TYR A 25 12.16 -3.50 4.34
C TYR A 25 11.81 -2.78 5.63
N GLU A 26 10.50 -2.56 5.79
CA GLU A 26 9.87 -1.77 6.82
C GLU A 26 8.50 -2.40 7.13
N TYR A 27 8.56 -3.59 7.75
CA TYR A 27 7.42 -4.39 8.19
C TYR A 27 6.78 -3.77 9.45
N HIS A 28 5.45 -3.67 9.45
CA HIS A 28 4.65 -3.15 10.55
C HIS A 28 3.28 -3.83 10.59
N LYS A 29 3.21 -5.01 11.21
CA LYS A 29 1.95 -5.66 11.53
C LYS A 29 1.43 -5.22 12.90
N GLY A 30 0.11 -5.33 13.09
CA GLY A 30 -0.54 -5.13 14.38
C GLY A 30 -0.93 -3.70 14.66
N LEU A 31 -1.30 -2.96 13.62
CA LEU A 31 -1.67 -1.55 13.68
C LEU A 31 -2.94 -1.29 12.86
N SER A 32 -3.27 -0.03 12.56
CA SER A 32 -4.49 0.30 11.84
C SER A 32 -4.28 1.35 10.75
N LEU A 33 -5.36 1.71 10.05
CA LEU A 33 -5.30 2.61 8.92
C LEU A 33 -4.80 4.01 9.30
N SER A 34 -5.16 4.50 10.49
CA SER A 34 -4.66 5.75 11.04
C SER A 34 -3.18 5.69 11.44
N ASP A 35 -2.63 4.49 11.67
CA ASP A 35 -1.21 4.25 11.93
C ASP A 35 -0.43 4.10 10.61
N PHE A 36 -1.08 3.57 9.56
CA PHE A 36 -0.53 3.59 8.22
C PHE A 36 -0.33 5.03 7.70
N GLU A 37 -1.24 5.97 7.99
CA GLU A 37 -1.05 7.38 7.68
C GLU A 37 0.23 7.96 8.30
N VAL A 38 0.57 7.52 9.52
CA VAL A 38 1.82 7.89 10.20
C VAL A 38 3.04 7.27 9.49
N LEU A 39 2.99 5.98 9.19
CA LEU A 39 4.04 5.24 8.48
C LEU A 39 4.34 5.87 7.11
N TYR A 40 3.30 6.05 6.29
CA TYR A 40 3.41 6.67 4.98
C TYR A 40 3.91 8.12 5.08
N GLY A 41 3.40 8.91 6.03
CA GLY A 41 3.80 10.30 6.23
C GLY A 41 5.24 10.47 6.69
N ASN A 42 5.84 9.45 7.33
CA ASN A 42 7.21 9.51 7.82
C ASN A 42 8.26 9.28 6.71
N THR A 43 7.87 8.65 5.60
CA THR A 43 8.77 8.18 4.53
C THR A 43 9.64 9.30 3.95
N ALA A 44 9.01 10.32 3.34
CA ALA A 44 9.66 11.45 2.67
C ALA A 44 10.77 11.07 1.67
N ASP A 45 10.59 9.94 0.97
CA ASP A 45 11.60 9.32 0.12
C ASP A 45 11.00 8.74 -1.18
N GLU A 46 9.80 9.22 -1.55
CA GLU A 46 9.10 8.97 -2.82
C GLU A 46 8.70 7.51 -3.09
N ILE A 47 8.88 6.62 -2.10
CA ILE A 47 8.50 5.21 -2.08
C ILE A 47 9.23 4.37 -3.14
N ILE A 48 9.38 3.09 -2.82
CA ILE A 48 9.69 2.05 -3.79
C ILE A 48 8.49 1.12 -3.89
N LYS A 49 8.10 0.48 -2.76
CA LYS A 49 6.87 -0.28 -2.69
C LYS A 49 6.29 -0.26 -1.28
N LEU A 50 4.97 -0.30 -1.19
CA LEU A 50 4.26 -0.63 0.05
C LEU A 50 3.09 -1.59 -0.22
N ARG A 51 2.71 -2.27 0.86
CA ARG A 51 1.60 -3.20 0.97
C ARG A 51 0.85 -2.90 2.26
N LEU A 52 -0.46 -3.07 2.22
CA LEU A 52 -1.32 -3.13 3.39
C LEU A 52 -2.38 -4.20 3.16
N ASP A 53 -2.75 -4.89 4.24
CA ASP A 53 -3.64 -6.04 4.22
C ASP A 53 -4.39 -6.10 5.56
N LYS A 54 -5.73 -6.08 5.53
CA LYS A 54 -6.49 -6.45 6.73
C LYS A 54 -6.34 -7.94 7.00
N VAL A 55 -6.06 -8.23 8.27
CA VAL A 55 -5.63 -9.55 8.68
C VAL A 55 -6.74 -10.30 9.38
N LEU A 56 -6.54 -11.61 9.36
CA LEU A 56 -7.33 -12.61 10.05
C LEU A 56 -6.61 -13.11 11.31
N MET B 1 8.83 3.24 -26.87
CA MET B 1 7.89 2.63 -25.93
C MET B 1 7.56 1.24 -26.43
N VAL B 2 7.69 0.26 -25.55
CA VAL B 2 7.33 -1.13 -25.84
C VAL B 2 6.52 -1.76 -24.70
N GLN B 3 6.79 -1.35 -23.46
CA GLN B 3 6.08 -1.78 -22.27
C GLN B 3 4.85 -0.93 -22.06
N ASN B 4 3.78 -1.32 -22.75
CA ASN B 4 2.47 -0.73 -22.57
C ASN B 4 1.74 -1.25 -21.31
N ASP B 5 2.26 -2.30 -20.66
CA ASP B 5 1.65 -2.99 -19.54
C ASP B 5 1.84 -2.23 -18.22
N PHE B 6 2.96 -1.52 -18.08
CA PHE B 6 3.25 -0.54 -17.06
C PHE B 6 4.00 0.61 -17.73
N VAL B 7 3.24 1.49 -18.39
CA VAL B 7 3.74 2.50 -19.31
C VAL B 7 4.30 3.74 -18.58
N ASP B 8 5.19 3.48 -17.64
CA ASP B 8 5.76 4.40 -16.66
C ASP B 8 4.74 4.96 -15.65
N SER B 9 5.29 5.65 -14.65
CA SER B 9 4.65 6.18 -13.45
C SER B 9 4.07 5.10 -12.52
N TYR B 10 3.80 5.47 -11.27
CA TYR B 10 3.46 4.55 -10.19
C TYR B 10 2.19 3.74 -10.51
N ASP B 11 2.05 2.61 -9.80
CA ASP B 11 0.86 1.78 -9.76
C ASP B 11 0.30 1.74 -8.34
N VAL B 12 -1.03 1.73 -8.25
CA VAL B 12 -1.81 1.60 -7.02
C VAL B 12 -2.75 0.40 -7.19
N THR B 13 -2.27 -0.75 -6.74
CA THR B 13 -3.03 -2.01 -6.76
C THR B 13 -3.90 -2.07 -5.50
N MET B 14 -5.20 -1.86 -5.67
CA MET B 14 -6.17 -1.67 -4.59
C MET B 14 -7.17 -2.80 -4.53
N LEU B 15 -7.67 -3.07 -3.31
CA LEU B 15 -8.72 -4.04 -3.06
C LEU B 15 -9.68 -3.51 -2.01
N LEU B 16 -10.91 -3.27 -2.46
CA LEU B 16 -12.02 -2.76 -1.66
C LEU B 16 -13.21 -3.71 -1.78
N GLN B 17 -14.25 -3.43 -0.99
CA GLN B 17 -15.49 -4.20 -0.99
C GLN B 17 -16.65 -3.31 -1.43
N ASP B 18 -17.43 -3.81 -2.38
CA ASP B 18 -18.61 -3.16 -2.90
C ASP B 18 -19.80 -3.29 -1.94
N ASP B 19 -20.83 -2.47 -2.18
CA ASP B 19 -22.12 -2.50 -1.48
C ASP B 19 -22.84 -3.86 -1.58
N ASP B 20 -22.60 -4.62 -2.66
CA ASP B 20 -23.08 -5.99 -2.85
C ASP B 20 -22.35 -7.01 -1.95
N GLY B 21 -21.27 -6.59 -1.29
CA GLY B 21 -20.39 -7.44 -0.48
C GLY B 21 -19.25 -8.08 -1.27
N LYS B 22 -19.13 -7.73 -2.56
CA LYS B 22 -18.12 -8.25 -3.48
C LYS B 22 -16.80 -7.53 -3.26
N GLN B 23 -15.77 -8.27 -2.84
CA GLN B 23 -14.41 -7.77 -2.81
C GLN B 23 -13.84 -7.73 -4.23
N TYR B 24 -13.31 -6.58 -4.64
CA TYR B 24 -12.81 -6.38 -5.99
C TYR B 24 -11.43 -5.73 -5.98
N TYR B 25 -10.52 -6.32 -6.76
CA TYR B 25 -9.26 -5.71 -7.13
C TYR B 25 -9.46 -4.63 -8.19
N GLU B 26 -8.58 -3.62 -8.17
CA GLU B 26 -8.35 -2.75 -9.31
C GLU B 26 -6.90 -2.25 -9.31
N TYR B 27 -6.35 -2.06 -10.50
CA TYR B 27 -4.94 -1.81 -10.77
C TYR B 27 -4.78 -0.40 -11.34
N HIS B 28 -4.65 0.60 -10.46
CA HIS B 28 -4.63 2.00 -10.86
C HIS B 28 -3.21 2.40 -11.24
N LYS B 29 -2.86 2.14 -12.50
CA LYS B 29 -1.55 2.39 -13.07
C LYS B 29 -1.41 3.82 -13.60
N GLY B 30 -0.16 4.23 -13.85
CA GLY B 30 0.18 5.43 -14.60
C GLY B 30 -0.08 6.72 -13.84
N LEU B 31 0.16 6.72 -12.52
CA LEU B 31 -0.17 7.83 -11.63
C LEU B 31 0.95 8.09 -10.62
N SER B 32 0.67 8.78 -9.52
CA SER B 32 1.69 9.15 -8.55
C SER B 32 1.19 9.11 -7.11
N LEU B 33 2.05 9.50 -6.16
CA LEU B 33 1.75 9.40 -4.73
C LEU B 33 0.58 10.31 -4.30
N SER B 34 0.43 11.50 -4.91
CA SER B 34 -0.73 12.35 -4.66
C SER B 34 -2.03 11.75 -5.22
N ASP B 35 -1.95 10.89 -6.24
CA ASP B 35 -3.10 10.17 -6.80
C ASP B 35 -3.47 8.93 -5.96
N PHE B 36 -2.49 8.31 -5.31
CA PHE B 36 -2.73 7.32 -4.24
C PHE B 36 -3.53 7.93 -3.08
N GLU B 37 -3.14 9.13 -2.64
CA GLU B 37 -3.84 9.87 -1.58
C GLU B 37 -5.28 10.22 -1.96
N VAL B 38 -5.57 10.40 -3.26
CA VAL B 38 -6.94 10.54 -3.75
C VAL B 38 -7.71 9.23 -3.61
N LEU B 39 -7.18 8.09 -4.09
CA LEU B 39 -7.86 6.80 -3.99
C LEU B 39 -8.16 6.47 -2.52
N TYR B 40 -7.13 6.51 -1.67
CA TYR B 40 -7.21 6.24 -0.24
C TYR B 40 -8.12 7.25 0.48
N GLY B 41 -8.04 8.54 0.13
CA GLY B 41 -8.75 9.61 0.81
C GLY B 41 -10.22 9.74 0.41
N ASN B 42 -10.56 9.48 -0.85
CA ASN B 42 -11.93 9.56 -1.35
C ASN B 42 -12.74 8.32 -0.98
N THR B 43 -12.07 7.17 -0.85
CA THR B 43 -12.70 5.91 -0.52
C THR B 43 -13.28 5.93 0.89
N ALA B 44 -12.46 6.34 1.86
CA ALA B 44 -12.80 6.46 3.29
C ALA B 44 -13.53 5.24 3.87
N ASP B 45 -13.12 4.04 3.47
CA ASP B 45 -13.67 2.78 3.93
C ASP B 45 -12.57 1.86 4.45
N GLU B 46 -12.96 0.82 5.16
CA GLU B 46 -12.04 -0.17 5.70
C GLU B 46 -11.44 -1.03 4.58
N ILE B 47 -10.14 -0.81 4.36
CA ILE B 47 -9.35 -1.46 3.32
C ILE B 47 -9.31 -2.97 3.53
N ILE B 48 -9.21 -3.69 2.41
CA ILE B 48 -8.97 -5.12 2.38
C ILE B 48 -7.51 -5.35 2.05
N LYS B 49 -7.07 -4.87 0.89
CA LYS B 49 -5.64 -4.73 0.56
C LYS B 49 -5.39 -3.42 -0.17
N LEU B 50 -4.17 -2.91 -0.07
CA LEU B 50 -3.66 -1.95 -1.04
C LEU B 50 -2.16 -2.10 -1.27
N ARG B 51 -1.70 -1.46 -2.33
CA ARG B 51 -0.30 -1.23 -2.66
C ARG B 51 -0.12 0.15 -3.28
N LEU B 52 1.13 0.60 -3.24
CA LEU B 52 1.69 1.63 -4.11
C LEU B 52 3.10 1.15 -4.48
N ASP B 53 3.44 1.29 -5.75
CA ASP B 53 4.60 0.67 -6.38
C ASP B 53 5.19 1.63 -7.39
N LYS B 54 6.43 2.09 -7.14
CA LYS B 54 7.19 2.79 -8.17
C LYS B 54 7.69 1.75 -9.16
N VAL B 55 7.17 1.87 -10.38
CA VAL B 55 7.16 0.77 -11.33
C VAL B 55 8.55 0.48 -11.87
N LEU B 56 8.71 -0.78 -12.23
CA LEU B 56 9.96 -1.38 -12.64
C LEU B 56 10.50 -0.86 -13.99
#